data_8TRI
#
_entry.id   8TRI
#
_cell.length_a   146.994
_cell.length_b   164.657
_cell.length_c   183.634
_cell.angle_alpha   90.000
_cell.angle_beta   90.000
_cell.angle_gamma   90.000
#
_symmetry.space_group_name_H-M   'P 21 21 21'
#
loop_
_entity.id
_entity.type
_entity.pdbx_description
1 polymer Cadherin-23
2 non-polymer 'CALCIUM ION'
3 water water
#
_entity_poly.entity_id   1
_entity_poly.type   'polypeptide(L)'
_entity_poly.pdbx_seq_one_letter_code
;MASDVNDNRPVFVRPPNGTILHIKEEIPLRSNVYEVYATDNDEGLNGAVRYSFLKTTGNRDWEYFTIDPISGLIQTAQRL
DREKQAVYSLILVASDLGQPVPYETMQPLQVALEDIDDNEPLFVRPPKGSPQYQLLTVPEHSPRGTLVGNVTGAVDADEG
PNAIVYYFIAAGDEDKNFHLQPDGRLLVLRDLDRETEATFSFIVKASSNRSWTPPRGPSPALDLLTDLTLQEVRVVLEDI
NDQPPRFTKAEYTAGVATDAKVGSELIQVLALDADIGNNSLVFYGILAIHYFRALANDSEDVGQVFTMGSVDGILRTADL
FMAYSPGYFVVDIVARDLAGHNDTAIIGIYILRDDQRVKIVINEIPDRVRGFEEEFIRLLSNITGAIVNTDDVQFHVDMK
GRVNFAQTELLIHVVNRDTNRILDVDRVIQMIDENKEQLRNLFRNYNVLDVQPAISVQLPDDMSALLEHHHHHH
;
_entity_poly.pdbx_strand_id   A,B,C
#
loop_
_chem_comp.id
_chem_comp.type
_chem_comp.name
_chem_comp.formula
CA non-polymer 'CALCIUM ION' 'Ca 2'
#
# COMPACT_ATOMS: atom_id res chain seq x y z
N ASP A 4 41.61 -35.83 -71.44
CA ASP A 4 40.21 -35.33 -71.43
C ASP A 4 40.24 -33.81 -71.55
N VAL A 5 39.10 -33.17 -71.27
CA VAL A 5 39.11 -31.76 -71.01
C VAL A 5 38.01 -31.49 -69.99
N ASN A 6 38.23 -30.45 -69.15
CA ASN A 6 37.21 -29.97 -68.25
C ASN A 6 35.90 -29.92 -69.01
N ASP A 7 34.99 -30.87 -68.71
CA ASP A 7 33.74 -31.02 -69.41
C ASP A 7 32.58 -30.74 -68.48
N ASN A 8 32.76 -31.03 -67.17
CA ASN A 8 31.71 -30.76 -66.18
C ASN A 8 32.17 -29.67 -65.18
N ARG A 9 31.16 -28.94 -64.71
CA ARG A 9 31.26 -27.96 -63.66
C ARG A 9 31.02 -28.69 -62.36
N PRO A 10 31.66 -28.33 -61.26
CA PRO A 10 31.34 -28.91 -59.98
C PRO A 10 29.90 -28.60 -59.55
N VAL A 11 29.40 -29.47 -58.69
CA VAL A 11 28.03 -29.38 -58.21
C VAL A 11 28.12 -29.51 -56.72
N PHE A 12 27.09 -29.09 -56.01
CA PHE A 12 27.28 -28.89 -54.59
C PHE A 12 26.50 -29.92 -53.86
N VAL A 13 27.13 -30.92 -53.31
CA VAL A 13 26.44 -31.81 -52.40
C VAL A 13 26.09 -31.10 -51.09
N ARG A 14 27.07 -30.52 -50.41
CA ARG A 14 26.82 -29.81 -49.18
C ARG A 14 27.55 -28.53 -49.26
N PRO A 15 26.89 -27.40 -48.99
CA PRO A 15 25.58 -27.38 -48.36
C PRO A 15 24.50 -27.64 -49.36
N PRO A 16 23.35 -28.21 -48.93
CA PRO A 16 22.17 -28.37 -49.77
C PRO A 16 21.67 -27.04 -50.33
N ASN A 17 20.89 -27.11 -51.44
CA ASN A 17 20.48 -25.90 -52.17
C ASN A 17 19.73 -24.89 -51.27
N GLY A 18 20.00 -23.58 -51.44
CA GLY A 18 19.38 -22.57 -50.61
C GLY A 18 19.12 -23.01 -49.15
N THR A 19 20.17 -23.36 -48.45
CA THR A 19 19.97 -23.73 -47.07
C THR A 19 20.36 -22.54 -46.19
N ILE A 20 19.96 -22.58 -44.93
CA ILE A 20 20.25 -21.55 -43.97
C ILE A 20 20.72 -22.21 -42.70
N LEU A 21 22.02 -22.15 -42.43
CA LEU A 21 22.56 -22.71 -41.18
C LEU A 21 22.21 -21.82 -40.01
N HIS A 22 22.01 -22.47 -38.87
CA HIS A 22 21.74 -21.78 -37.62
C HIS A 22 22.86 -22.18 -36.64
N ILE A 23 23.67 -21.23 -36.18
CA ILE A 23 24.62 -21.50 -35.10
C ILE A 23 24.30 -20.59 -33.91
N LYS A 24 24.98 -20.83 -32.76
CA LYS A 24 24.81 -19.97 -31.59
C LYS A 24 25.51 -18.65 -31.83
N GLU A 25 25.23 -17.62 -31.01
CA GLU A 25 25.91 -16.33 -31.15
C GLU A 25 27.14 -16.29 -30.19
N GLU A 26 28.06 -15.36 -30.42
CA GLU A 26 29.17 -15.09 -29.49
C GLU A 26 29.93 -16.39 -29.19
N ILE A 27 30.18 -17.17 -30.21
CA ILE A 27 31.04 -18.31 -30.07
C ILE A 27 32.48 -17.88 -30.36
N PRO A 28 33.46 -18.70 -29.94
CA PRO A 28 34.87 -18.33 -30.07
C PRO A 28 35.25 -18.03 -31.52
N LEU A 29 36.37 -17.37 -31.73
CA LEU A 29 36.81 -17.14 -33.09
C LEU A 29 37.38 -18.44 -33.61
N ARG A 30 37.30 -18.60 -34.93
CA ARG A 30 37.82 -19.74 -35.63
C ARG A 30 37.20 -21.02 -35.09
N SER A 31 35.97 -20.94 -34.58
CA SER A 31 35.25 -22.14 -34.18
C SER A 31 34.53 -22.70 -35.43
N ASN A 32 34.57 -24.05 -35.61
CA ASN A 32 34.10 -24.61 -36.87
C ASN A 32 32.61 -24.34 -37.03
N VAL A 33 32.14 -24.15 -38.25
CA VAL A 33 30.72 -24.04 -38.57
C VAL A 33 30.23 -25.21 -39.43
N TYR A 34 30.67 -25.28 -40.68
CA TYR A 34 30.23 -26.32 -41.58
C TYR A 34 31.34 -26.73 -42.54
N GLU A 35 31.22 -27.91 -43.15
CA GLU A 35 32.25 -28.43 -44.03
C GLU A 35 31.61 -28.61 -45.37
N VAL A 36 31.99 -27.81 -46.32
CA VAL A 36 31.31 -27.94 -47.58
C VAL A 36 31.98 -29.05 -48.38
N TYR A 37 31.21 -29.54 -49.38
CA TYR A 37 31.60 -30.61 -50.28
C TYR A 37 30.88 -30.43 -51.61
N ALA A 38 31.63 -30.56 -52.70
CA ALA A 38 31.12 -30.46 -54.06
C ALA A 38 31.86 -31.45 -54.94
N THR A 39 31.28 -31.81 -56.10
CA THR A 39 31.84 -32.90 -56.90
C THR A 39 31.95 -32.48 -58.34
N ASP A 40 33.11 -32.68 -58.94
CA ASP A 40 33.28 -32.44 -60.37
C ASP A 40 33.48 -33.81 -60.96
N ASN A 41 32.51 -34.21 -61.81
CA ASN A 41 32.48 -35.53 -62.41
C ASN A 41 33.80 -35.76 -63.16
N ASP A 42 34.36 -34.72 -63.78
CA ASP A 42 35.58 -34.86 -64.58
C ASP A 42 36.63 -35.64 -63.75
N GLU A 43 37.42 -36.48 -64.42
CA GLU A 43 38.49 -37.16 -63.70
C GLU A 43 39.72 -36.26 -63.72
N GLY A 44 40.59 -36.45 -62.73
CA GLY A 44 41.89 -35.82 -62.74
C GLY A 44 41.74 -34.43 -62.21
N LEU A 45 42.77 -33.63 -62.33
CA LEU A 45 42.73 -32.33 -61.70
C LEU A 45 41.51 -31.53 -62.25
N ASN A 46 41.07 -31.86 -63.51
CA ASN A 46 39.94 -31.16 -64.15
C ASN A 46 38.69 -31.33 -63.32
N GLY A 47 38.77 -32.20 -62.33
CA GLY A 47 37.61 -32.58 -61.57
C GLY A 47 37.88 -32.58 -60.09
N ALA A 48 38.97 -31.94 -59.67
CA ALA A 48 39.13 -31.67 -58.26
C ALA A 48 38.68 -30.23 -57.98
N VAL A 49 38.07 -30.03 -56.81
CA VAL A 49 37.34 -28.82 -56.46
C VAL A 49 38.12 -28.00 -55.44
N ARG A 50 37.93 -26.70 -55.50
CA ARG A 50 38.58 -25.84 -54.54
C ARG A 50 37.61 -24.77 -54.11
N TYR A 51 37.40 -24.76 -52.79
CA TYR A 51 36.37 -24.01 -52.12
C TYR A 51 36.87 -22.60 -51.74
N SER A 52 35.96 -21.65 -51.76
CA SER A 52 36.32 -20.25 -51.62
C SER A 52 35.04 -19.44 -51.52
N PHE A 53 35.04 -18.46 -50.62
CA PHE A 53 33.92 -17.54 -50.59
C PHE A 53 33.99 -16.55 -51.75
N LEU A 54 32.97 -15.71 -51.86
CA LEU A 54 33.00 -14.70 -52.88
C LEU A 54 32.89 -13.37 -52.20
N LYS A 55 33.79 -12.44 -52.66
CA LYS A 55 33.89 -11.08 -52.15
C LYS A 55 32.72 -10.27 -52.71
N THR A 56 31.54 -10.48 -52.10
CA THR A 56 30.33 -9.91 -52.62
C THR A 56 30.52 -8.43 -52.69
N THR A 57 29.86 -7.83 -53.65
CA THR A 57 30.11 -6.43 -53.90
C THR A 57 29.75 -5.60 -52.63
N GLY A 58 28.47 -5.63 -52.20
CA GLY A 58 28.00 -4.80 -51.09
C GLY A 58 27.97 -5.53 -49.76
N ASN A 59 27.67 -6.82 -49.83
CA ASN A 59 27.72 -7.71 -48.68
C ASN A 59 29.19 -7.91 -48.27
N ARG A 60 29.55 -7.41 -47.09
CA ARG A 60 30.89 -7.65 -46.53
C ARG A 60 30.82 -8.83 -45.55
N ASP A 61 29.68 -9.51 -45.48
CA ASP A 61 29.45 -10.50 -44.44
C ASP A 61 30.57 -11.56 -44.51
N TRP A 62 31.07 -11.83 -45.70
CA TRP A 62 32.12 -12.84 -45.88
C TRP A 62 33.39 -12.59 -45.01
N GLU A 63 33.58 -11.34 -44.62
CA GLU A 63 34.64 -10.99 -43.73
C GLU A 63 34.48 -11.75 -42.39
N TYR A 64 33.30 -12.32 -42.12
CA TYR A 64 33.07 -12.91 -40.80
C TYR A 64 33.50 -14.39 -40.77
N PHE A 65 33.84 -14.97 -41.91
CA PHE A 65 34.16 -16.37 -41.91
C PHE A 65 35.35 -16.65 -42.82
N THR A 66 35.97 -17.79 -42.55
CA THR A 66 37.02 -18.31 -43.38
C THR A 66 36.62 -19.70 -43.85
N ILE A 67 36.96 -20.02 -45.11
CA ILE A 67 36.77 -21.38 -45.63
C ILE A 67 38.05 -21.92 -46.31
N ASP A 68 38.65 -23.01 -45.76
CA ASP A 68 39.87 -23.61 -46.30
C ASP A 68 39.62 -23.95 -47.77
N PRO A 69 40.57 -23.66 -48.69
CA PRO A 69 40.41 -23.94 -50.12
C PRO A 69 40.22 -25.41 -50.53
N ILE A 70 40.83 -26.29 -49.78
CA ILE A 70 40.75 -27.72 -49.98
C ILE A 70 39.62 -28.34 -49.10
N SER A 71 39.63 -28.13 -47.77
CA SER A 71 38.84 -28.92 -46.83
C SER A 71 37.38 -28.53 -46.94
N GLY A 72 37.18 -27.23 -47.25
CA GLY A 72 35.86 -26.63 -47.27
C GLY A 72 35.33 -26.24 -45.87
N LEU A 73 36.08 -26.51 -44.82
CA LEU A 73 35.62 -26.23 -43.47
C LEU A 73 35.42 -24.74 -43.33
N ILE A 74 34.25 -24.34 -42.80
CA ILE A 74 33.97 -22.93 -42.57
C ILE A 74 34.13 -22.68 -41.10
N GLN A 75 34.95 -21.67 -40.76
CA GLN A 75 35.26 -21.34 -39.39
C GLN A 75 34.88 -19.88 -39.14
N THR A 76 34.59 -19.51 -37.87
CA THR A 76 34.37 -18.11 -37.57
C THR A 76 35.65 -17.33 -37.82
N ALA A 77 35.51 -16.06 -38.15
CA ALA A 77 36.66 -15.20 -38.18
C ALA A 77 36.45 -13.94 -37.32
N GLN A 78 35.21 -13.47 -37.14
CA GLN A 78 34.96 -12.32 -36.28
C GLN A 78 33.94 -12.70 -35.22
N ARG A 79 33.56 -11.74 -34.33
CA ARG A 79 32.60 -12.08 -33.28
C ARG A 79 31.23 -11.93 -33.84
N LEU A 80 30.38 -12.82 -33.39
CA LEU A 80 29.05 -12.93 -33.95
C LEU A 80 28.03 -12.56 -32.88
N ASP A 81 27.66 -11.26 -32.81
CA ASP A 81 26.67 -10.81 -31.83
C ASP A 81 25.39 -10.65 -32.58
N ARG A 82 24.40 -11.53 -32.30
CA ARG A 82 23.09 -11.38 -32.90
C ARG A 82 22.68 -9.93 -32.70
N GLU A 83 23.12 -9.38 -31.58
CA GLU A 83 22.73 -8.05 -31.21
C GLU A 83 23.33 -7.04 -32.20
N LYS A 84 24.46 -7.35 -32.90
CA LYS A 84 25.01 -6.49 -33.98
C LYS A 84 24.32 -6.82 -35.30
N GLN A 85 24.35 -8.09 -35.72
CA GLN A 85 23.69 -8.55 -36.95
C GLN A 85 23.16 -9.94 -36.70
N ALA A 86 22.01 -10.28 -37.31
CA ALA A 86 21.38 -11.55 -37.01
C ALA A 86 21.67 -12.59 -38.09
N VAL A 87 21.27 -12.27 -39.32
CA VAL A 87 21.55 -13.13 -40.45
C VAL A 87 22.79 -12.64 -41.18
N TYR A 88 23.76 -13.54 -41.37
CA TYR A 88 24.90 -13.27 -42.26
C TYR A 88 24.75 -14.12 -43.54
N SER A 89 24.98 -13.48 -44.68
CA SER A 89 24.69 -14.12 -45.97
C SER A 89 25.95 -14.16 -46.87
N LEU A 90 26.22 -15.33 -47.44
CA LEU A 90 27.45 -15.56 -48.15
C LEU A 90 27.16 -16.31 -49.44
N ILE A 91 28.02 -16.06 -50.44
CA ILE A 91 27.96 -16.80 -51.68
C ILE A 91 29.21 -17.66 -51.82
N LEU A 92 29.06 -19.00 -51.82
CA LEU A 92 30.20 -19.92 -51.86
C LEU A 92 30.54 -20.11 -53.27
N VAL A 93 31.74 -20.67 -53.50
CA VAL A 93 32.24 -20.85 -54.86
C VAL A 93 33.13 -22.06 -54.87
N ALA A 94 32.80 -23.01 -55.74
CA ALA A 94 33.64 -24.18 -55.98
C ALA A 94 34.26 -24.16 -57.39
N SER A 95 35.58 -24.25 -57.47
CA SER A 95 36.22 -24.20 -58.77
C SER A 95 37.01 -25.47 -59.00
N ASP A 96 37.00 -25.94 -60.23
CA ASP A 96 37.87 -27.02 -60.59
C ASP A 96 39.22 -26.42 -60.90
N LEU A 97 40.23 -27.29 -60.86
CA LEU A 97 41.59 -26.90 -61.19
C LEU A 97 41.90 -27.18 -62.65
N GLY A 98 40.88 -27.64 -63.35
CA GLY A 98 41.04 -28.07 -64.73
C GLY A 98 41.47 -26.92 -65.64
N GLN A 99 41.94 -27.33 -66.83
CA GLN A 99 42.41 -26.49 -67.90
C GLN A 99 41.79 -27.01 -69.19
N PRO A 100 41.54 -26.17 -70.19
CA PRO A 100 42.37 -24.99 -70.45
C PRO A 100 41.99 -23.80 -69.60
N VAL A 101 40.70 -23.77 -69.19
CA VAL A 101 40.17 -22.80 -68.24
C VAL A 101 39.35 -23.49 -67.17
N PRO A 102 39.61 -23.18 -65.87
CA PRO A 102 38.83 -23.72 -64.77
C PRO A 102 37.43 -23.17 -64.82
N TYR A 103 36.45 -24.01 -64.38
CA TYR A 103 35.03 -23.67 -64.29
C TYR A 103 34.61 -23.50 -62.81
N GLU A 104 33.60 -22.65 -62.55
CA GLU A 104 33.23 -22.24 -61.20
C GLU A 104 31.72 -22.40 -61.01
N THR A 105 31.31 -22.76 -59.80
CA THR A 105 29.92 -22.97 -59.47
C THR A 105 29.64 -22.25 -58.14
N MET A 106 28.54 -21.49 -58.06
CA MET A 106 28.28 -20.57 -56.94
C MET A 106 27.05 -21.06 -56.21
N GLN A 107 27.14 -21.31 -54.90
CA GLN A 107 25.98 -21.75 -54.14
C GLN A 107 25.71 -20.76 -53.01
N PRO A 108 24.56 -20.08 -53.01
CA PRO A 108 24.14 -19.28 -51.88
C PRO A 108 23.90 -20.03 -50.58
N LEU A 109 24.23 -19.31 -49.53
CA LEU A 109 24.16 -19.79 -48.19
C LEU A 109 23.86 -18.63 -47.29
N GLN A 110 23.40 -18.91 -46.09
CA GLN A 110 23.08 -17.92 -45.12
C GLN A 110 23.34 -18.52 -43.76
N VAL A 111 23.90 -17.73 -42.88
CA VAL A 111 24.07 -18.16 -41.51
C VAL A 111 23.22 -17.26 -40.62
N ALA A 112 22.51 -17.86 -39.69
CA ALA A 112 21.62 -17.15 -38.80
C ALA A 112 21.94 -17.51 -37.36
N LEU A 113 22.05 -16.52 -36.49
CA LEU A 113 22.52 -16.78 -35.13
C LEU A 113 21.35 -17.07 -34.21
N GLU A 114 21.56 -17.91 -33.20
CA GLU A 114 20.53 -18.16 -32.21
C GLU A 114 20.82 -17.30 -31.00
N ASP A 115 19.79 -16.71 -30.44
CA ASP A 115 20.02 -15.76 -29.36
C ASP A 115 20.47 -16.49 -28.11
N ILE A 116 21.32 -15.83 -27.34
CA ILE A 116 21.65 -16.25 -25.99
C ILE A 116 21.36 -15.10 -25.02
N ASP A 117 21.12 -15.41 -23.70
CA ASP A 117 21.04 -14.39 -22.64
C ASP A 117 22.38 -13.68 -22.57
N ASP A 118 22.55 -12.80 -23.53
CA ASP A 118 23.78 -12.14 -23.76
C ASP A 118 23.74 -10.94 -22.81
N ASN A 119 22.55 -10.32 -22.68
CA ASN A 119 22.40 -9.05 -22.02
C ASN A 119 21.31 -9.22 -20.98
N GLU A 120 21.03 -8.07 -20.29
CA GLU A 120 20.05 -8.01 -19.22
C GLU A 120 19.14 -6.83 -19.41
N PRO A 121 17.92 -6.86 -18.77
CA PRO A 121 16.94 -5.77 -18.87
C PRO A 121 17.52 -4.52 -18.33
N LEU A 122 17.45 -3.42 -19.14
CA LEU A 122 18.12 -2.14 -18.84
C LEU A 122 17.24 -0.97 -19.22
N PHE A 123 17.38 0.11 -18.43
CA PHE A 123 16.60 1.32 -18.62
C PHE A 123 17.30 2.23 -19.60
N VAL A 124 16.66 3.34 -19.89
CA VAL A 124 17.16 4.29 -20.87
C VAL A 124 16.92 5.69 -20.33
N ARG A 125 17.96 6.38 -19.85
CA ARG A 125 17.76 7.65 -19.14
C ARG A 125 17.21 8.73 -20.10
N PRO A 126 16.39 9.72 -19.62
CA PRO A 126 15.92 10.83 -20.46
C PRO A 126 17.03 11.87 -20.67
N PRO A 127 16.85 12.84 -21.59
CA PRO A 127 17.89 13.87 -21.83
C PRO A 127 18.37 14.59 -20.55
N LYS A 128 19.67 15.00 -20.51
CA LYS A 128 20.24 15.67 -19.30
C LYS A 128 19.43 16.92 -18.97
N GLY A 129 19.50 17.35 -17.70
CA GLY A 129 18.64 18.41 -17.22
C GLY A 129 17.21 17.91 -16.99
N SER A 130 16.52 17.51 -18.08
CA SER A 130 15.16 17.01 -17.97
C SER A 130 15.06 16.04 -16.78
N PRO A 131 13.86 15.92 -16.16
CA PRO A 131 13.69 15.08 -14.98
C PRO A 131 14.22 13.67 -15.21
N GLN A 132 15.11 13.14 -14.33
CA GLN A 132 15.77 11.84 -14.60
C GLN A 132 14.95 10.62 -14.04
N TYR A 133 13.64 10.77 -13.94
CA TYR A 133 12.82 9.83 -13.21
C TYR A 133 11.49 9.71 -13.92
N GLN A 134 10.56 8.98 -13.34
CA GLN A 134 9.31 8.76 -14.00
C GLN A 134 8.26 9.17 -13.04
N LEU A 135 7.28 9.91 -13.54
CA LEU A 135 6.26 10.48 -12.68
C LEU A 135 4.96 9.75 -12.90
N LEU A 136 4.35 9.34 -11.81
CA LEU A 136 2.98 8.93 -11.86
C LEU A 136 2.15 9.79 -10.92
N THR A 137 0.89 9.98 -11.29
CA THR A 137 -0.03 10.70 -10.47
C THR A 137 -1.20 9.80 -10.07
N VAL A 138 -1.71 10.06 -8.84
CA VAL A 138 -2.88 9.39 -8.29
C VAL A 138 -3.63 10.36 -7.34
N PRO A 139 -5.01 10.34 -7.37
CA PRO A 139 -5.79 11.14 -6.44
C PRO A 139 -5.47 10.75 -4.99
N GLU A 140 -5.44 11.74 -4.11
CA GLU A 140 -5.24 11.51 -2.69
C GLU A 140 -6.44 10.80 -2.08
N HIS A 141 -6.26 10.42 -0.82
CA HIS A 141 -7.17 9.55 -0.14
C HIS A 141 -7.77 8.52 -1.13
N SER A 142 -6.96 8.02 -2.07
CA SER A 142 -7.47 7.00 -2.96
C SER A 142 -7.59 5.72 -2.16
N PRO A 143 -8.50 4.80 -2.58
CA PRO A 143 -8.78 3.58 -1.84
C PRO A 143 -7.87 2.43 -2.22
N ARG A 144 -8.01 1.33 -1.52
CA ARG A 144 -7.06 0.26 -1.66
C ARG A 144 -7.20 -0.44 -2.99
N GLY A 145 -6.18 -0.29 -3.82
CA GLY A 145 -6.07 -1.06 -5.03
C GLY A 145 -5.99 -0.14 -6.21
N THR A 146 -6.31 1.13 -5.99
CA THR A 146 -6.51 2.03 -7.09
C THR A 146 -5.22 2.03 -7.86
N LEU A 147 -5.27 1.61 -9.13
CA LEU A 147 -4.05 1.58 -9.93
C LEU A 147 -3.46 2.99 -10.02
N VAL A 148 -2.30 3.23 -9.40
CA VAL A 148 -1.59 4.49 -9.58
C VAL A 148 -1.19 4.66 -11.03
N GLY A 149 -0.66 3.57 -11.60
CA GLY A 149 -0.21 3.56 -12.96
C GLY A 149 0.85 2.48 -13.20
N ASN A 150 1.40 2.46 -14.43
CA ASN A 150 2.22 1.37 -14.85
C ASN A 150 3.63 1.89 -14.99
N VAL A 151 4.55 1.43 -14.13
CA VAL A 151 6.00 1.61 -14.36
C VAL A 151 6.35 0.96 -15.67
N THR A 152 7.29 1.58 -16.39
CA THR A 152 7.90 0.91 -17.52
C THR A 152 9.20 1.60 -17.83
N GLY A 153 10.00 1.02 -18.75
CA GLY A 153 11.11 1.73 -19.37
C GLY A 153 12.38 0.89 -19.53
N ALA A 154 12.20 -0.42 -19.53
CA ALA A 154 13.31 -1.34 -19.65
C ALA A 154 13.14 -2.24 -20.87
N VAL A 155 14.23 -2.87 -21.28
CA VAL A 155 14.23 -3.75 -22.42
C VAL A 155 15.53 -4.57 -22.42
N ASP A 156 15.38 -5.89 -22.65
CA ASP A 156 16.52 -6.79 -22.73
C ASP A 156 16.78 -6.95 -24.22
N ALA A 157 17.99 -6.60 -24.66
CA ALA A 157 18.27 -6.61 -26.09
C ALA A 157 17.91 -7.95 -26.67
N ASP A 158 18.09 -9.00 -25.85
CA ASP A 158 17.82 -10.41 -26.16
C ASP A 158 16.42 -10.54 -26.81
N GLU A 159 16.14 -11.72 -27.42
CA GLU A 159 14.82 -12.06 -27.95
C GLU A 159 14.20 -13.13 -27.09
N GLY A 160 12.86 -13.11 -27.04
CA GLY A 160 12.09 -14.21 -26.50
C GLY A 160 12.22 -14.33 -25.01
N PRO A 161 12.31 -15.58 -24.49
CA PRO A 161 12.48 -15.85 -23.06
C PRO A 161 13.71 -15.28 -22.42
N ASN A 162 14.69 -14.88 -23.25
CA ASN A 162 15.91 -14.28 -22.71
C ASN A 162 15.69 -12.79 -22.35
N ALA A 163 14.46 -12.30 -22.55
CA ALA A 163 14.13 -10.89 -22.36
C ALA A 163 12.80 -10.66 -21.62
N ILE A 164 12.30 -11.62 -20.88
CA ILE A 164 11.32 -11.32 -19.85
C ILE A 164 11.85 -10.18 -18.96
N VAL A 165 11.02 -9.15 -18.80
CA VAL A 165 11.40 -8.00 -18.01
C VAL A 165 10.41 -7.80 -16.90
N TYR A 166 10.82 -8.04 -15.64
CA TYR A 166 9.90 -7.85 -14.51
C TYR A 166 10.48 -6.71 -13.66
N TYR A 167 9.56 -5.92 -13.03
CA TYR A 167 9.97 -4.77 -12.23
C TYR A 167 9.67 -5.05 -10.73
N PHE A 168 10.56 -4.51 -9.87
CA PHE A 168 10.45 -4.64 -8.43
C PHE A 168 10.94 -3.38 -7.74
N ILE A 169 10.48 -3.15 -6.50
CA ILE A 169 10.87 -1.94 -5.79
C ILE A 169 12.12 -2.26 -5.03
N ALA A 170 13.16 -1.46 -5.27
CA ALA A 170 14.48 -1.74 -4.75
C ALA A 170 14.70 -1.14 -3.37
N ALA A 171 14.43 0.18 -3.20
CA ALA A 171 14.23 0.76 -1.87
C ALA A 171 13.45 2.05 -1.99
N GLY A 172 12.78 2.45 -0.87
CA GLY A 172 12.12 3.76 -0.84
C GLY A 172 10.60 3.73 -0.58
N ASP A 173 9.97 2.55 -0.27
CA ASP A 173 8.58 2.51 0.24
C ASP A 173 8.58 1.92 1.62
N GLU A 174 9.51 2.39 2.43
CA GLU A 174 9.81 1.72 3.67
C GLU A 174 8.52 1.61 4.48
N ASP A 175 7.64 2.61 4.31
CA ASP A 175 6.39 2.70 5.05
C ASP A 175 5.34 1.79 4.39
N LYS A 176 5.66 1.25 3.20
CA LYS A 176 4.78 0.35 2.43
C LYS A 176 3.40 0.99 2.18
N ASN A 177 3.37 2.14 1.49
CA ASN A 177 2.11 2.73 1.02
C ASN A 177 1.66 2.07 -0.29
N PHE A 178 2.55 1.48 -1.06
CA PHE A 178 2.15 0.90 -2.33
C PHE A 178 2.63 -0.53 -2.47
N HIS A 179 2.13 -1.18 -3.51
CA HIS A 179 2.69 -2.44 -3.94
C HIS A 179 2.89 -2.43 -5.44
N LEU A 180 4.06 -2.96 -5.91
CA LEU A 180 4.32 -3.02 -7.35
C LEU A 180 4.33 -4.45 -7.82
N GLN A 181 3.17 -4.89 -8.31
CA GLN A 181 3.06 -6.19 -8.92
C GLN A 181 4.10 -6.28 -10.06
N PRO A 182 4.91 -7.34 -10.13
CA PRO A 182 5.96 -7.46 -11.12
C PRO A 182 5.65 -7.01 -12.54
N ASP A 183 4.41 -7.26 -13.02
CA ASP A 183 4.01 -6.77 -14.33
C ASP A 183 4.41 -5.33 -14.52
N GLY A 184 4.32 -4.51 -13.46
CA GLY A 184 4.68 -3.09 -13.56
C GLY A 184 3.57 -2.15 -13.06
N ARG A 185 2.50 -2.76 -12.53
CA ARG A 185 1.37 -2.03 -12.01
C ARG A 185 1.70 -1.59 -10.58
N LEU A 186 1.52 -0.30 -10.31
CA LEU A 186 1.70 0.23 -8.97
C LEU A 186 0.32 0.44 -8.33
N LEU A 187 0.04 -0.25 -7.23
CA LEU A 187 -1.24 -0.11 -6.58
C LEU A 187 -1.12 0.65 -5.27
N VAL A 188 -2.13 1.46 -4.99
CA VAL A 188 -2.20 2.19 -3.76
C VAL A 188 -2.63 1.24 -2.70
N LEU A 189 -2.01 1.36 -1.53
CA LEU A 189 -2.24 0.46 -0.43
C LEU A 189 -2.79 1.19 0.77
N ARG A 190 -2.44 2.48 0.94
CA ARG A 190 -2.79 3.20 2.16
C ARG A 190 -3.53 4.55 1.84
N ASP A 191 -4.28 5.08 2.82
CA ASP A 191 -4.74 6.46 2.71
C ASP A 191 -3.55 7.35 2.45
N LEU A 192 -3.63 8.22 1.45
CA LEU A 192 -2.62 9.26 1.25
C LEU A 192 -3.26 10.66 1.23
N ASP A 193 -2.58 11.68 1.80
CA ASP A 193 -3.21 13.00 1.97
C ASP A 193 -2.22 14.05 1.49
N ARG A 194 -2.54 14.73 0.38
CA ARG A 194 -1.60 15.63 -0.26
C ARG A 194 -1.10 16.61 0.80
N GLU A 195 -2.04 17.04 1.63
CA GLU A 195 -1.75 18.08 2.58
C GLU A 195 -0.76 17.53 3.62
N THR A 196 -0.79 16.20 3.87
CA THR A 196 0.17 15.56 4.80
C THR A 196 1.48 15.18 4.08
N GLU A 197 1.46 14.30 3.06
CA GLU A 197 2.63 14.13 2.20
C GLU A 197 2.19 14.24 0.74
N ALA A 198 3.02 14.88 -0.08
CA ALA A 198 2.57 15.33 -1.38
C ALA A 198 3.20 14.50 -2.46
N THR A 199 4.52 14.41 -2.40
CA THR A 199 5.24 13.56 -3.32
C THR A 199 5.92 12.43 -2.56
N PHE A 200 5.77 11.21 -3.10
CA PHE A 200 6.61 10.10 -2.72
C PHE A 200 7.61 9.77 -3.85
N SER A 201 8.68 9.02 -3.49
CA SER A 201 9.68 8.57 -4.45
C SER A 201 10.40 7.31 -3.94
N PHE A 202 10.92 6.54 -4.92
CA PHE A 202 11.64 5.29 -4.66
C PHE A 202 12.35 4.84 -5.92
N ILE A 203 13.13 3.75 -5.77
CA ILE A 203 13.96 3.25 -6.84
C ILE A 203 13.44 1.89 -7.22
N VAL A 204 13.16 1.71 -8.50
CA VAL A 204 12.64 0.43 -8.97
C VAL A 204 13.77 -0.26 -9.69
N LYS A 205 13.82 -1.60 -9.50
CA LYS A 205 14.77 -2.48 -10.18
C LYS A 205 14.11 -3.19 -11.37
N ALA A 206 14.84 -3.33 -12.48
CA ALA A 206 14.40 -4.18 -13.59
C ALA A 206 15.26 -5.42 -13.68
N SER A 207 14.63 -6.60 -13.46
CA SER A 207 15.38 -7.83 -13.58
C SER A 207 14.53 -8.87 -14.33
N SER A 208 15.21 -9.89 -14.93
CA SER A 208 14.52 -10.99 -15.58
C SER A 208 14.23 -12.05 -14.54
N ASN A 209 14.60 -11.80 -13.26
CA ASN A 209 14.46 -12.83 -12.23
C ASN A 209 13.13 -12.71 -11.44
N ARG A 210 12.08 -13.52 -11.77
CA ARG A 210 10.76 -13.29 -11.16
C ARG A 210 10.81 -13.50 -9.65
N SER A 211 11.94 -14.01 -9.16
CA SER A 211 12.06 -14.21 -7.73
C SER A 211 13.03 -13.19 -7.10
N TRP A 212 13.44 -12.16 -7.87
CA TRP A 212 14.42 -11.18 -7.38
C TRP A 212 13.95 -10.61 -6.07
N THR A 213 14.89 -10.45 -5.12
CA THR A 213 14.59 -9.84 -3.81
C THR A 213 15.69 -8.87 -3.48
N PRO A 214 15.33 -7.70 -2.95
CA PRO A 214 16.29 -6.65 -2.67
C PRO A 214 17.51 -7.19 -1.95
N PRO A 215 18.69 -6.57 -2.05
CA PRO A 215 19.83 -7.02 -1.23
C PRO A 215 19.57 -6.83 0.28
N ARG A 216 20.23 -7.65 1.12
CA ARG A 216 20.34 -7.38 2.56
C ARG A 216 20.74 -5.89 2.73
N GLY A 217 19.90 -5.11 3.50
CA GLY A 217 19.86 -3.63 3.50
C GLY A 217 21.23 -2.91 3.61
N PRO A 218 22.13 -3.27 4.56
CA PRO A 218 23.44 -2.58 4.66
C PRO A 218 24.36 -2.68 3.42
N SER A 219 24.00 -3.50 2.40
CA SER A 219 24.85 -3.74 1.21
C SER A 219 25.15 -2.45 0.44
N PRO A 220 26.08 -2.46 -0.58
CA PRO A 220 26.33 -1.32 -1.46
C PRO A 220 25.10 -0.48 -1.80
N ALA A 221 25.09 0.78 -1.34
CA ALA A 221 24.04 1.73 -1.73
C ALA A 221 24.07 1.88 -3.25
N LEU A 222 22.95 2.26 -3.87
CA LEU A 222 22.79 2.08 -5.31
C LEU A 222 23.16 3.35 -5.99
N ASP A 223 23.47 3.31 -7.29
CA ASP A 223 23.93 4.53 -7.94
C ASP A 223 23.13 4.78 -9.21
N LEU A 224 22.04 5.53 -9.08
CA LEU A 224 21.19 5.85 -10.23
C LEU A 224 22.01 6.38 -11.46
N LEU A 225 23.25 6.79 -11.24
CA LEU A 225 24.06 7.39 -12.29
C LEU A 225 24.79 6.29 -13.08
N THR A 226 25.18 5.17 -12.43
CA THR A 226 25.88 4.05 -13.10
C THR A 226 24.91 2.89 -13.45
N ASP A 227 24.19 2.33 -12.45
CA ASP A 227 23.27 1.19 -12.63
C ASP A 227 22.05 1.61 -13.45
N LEU A 228 21.95 1.07 -14.63
CA LEU A 228 20.82 1.36 -15.48
C LEU A 228 19.73 0.29 -15.29
N THR A 229 19.93 -0.64 -14.35
CA THR A 229 18.84 -1.52 -13.99
C THR A 229 17.95 -0.82 -13.00
N LEU A 230 18.20 0.48 -12.77
CA LEU A 230 17.48 1.19 -11.75
C LEU A 230 16.85 2.43 -12.34
N GLN A 231 15.66 2.77 -11.82
CA GLN A 231 15.01 4.00 -12.20
C GLN A 231 14.30 4.59 -10.99
N GLU A 232 14.46 5.91 -10.78
CA GLU A 232 13.69 6.64 -9.79
C GLU A 232 12.28 6.84 -10.28
N VAL A 233 11.32 6.57 -9.40
CA VAL A 233 9.92 6.77 -9.72
C VAL A 233 9.29 7.64 -8.64
N ARG A 234 8.56 8.66 -9.08
CA ARG A 234 8.00 9.62 -8.15
C ARG A 234 6.50 9.65 -8.34
N VAL A 235 5.82 9.53 -7.24
CA VAL A 235 4.40 9.54 -7.26
C VAL A 235 4.00 10.85 -6.65
N VAL A 236 3.22 11.62 -7.38
CA VAL A 236 2.69 12.85 -6.83
C VAL A 236 1.16 12.74 -6.66
N LEU A 237 0.68 13.33 -5.56
CA LEU A 237 -0.71 13.20 -5.19
C LEU A 237 -1.49 14.33 -5.83
N GLU A 238 -2.61 13.98 -6.50
CA GLU A 238 -3.57 14.96 -7.02
C GLU A 238 -4.38 15.46 -5.84
N ASP A 239 -5.00 16.65 -5.97
CA ASP A 239 -5.65 17.30 -4.83
C ASP A 239 -7.17 17.07 -4.91
N ILE A 240 -7.83 17.01 -3.76
CA ILE A 240 -9.28 16.92 -3.72
C ILE A 240 -9.74 17.85 -2.63
N ASN A 241 -11.05 18.17 -2.62
CA ASN A 241 -11.57 19.07 -1.61
C ASN A 241 -11.68 18.30 -0.29
N ASP A 242 -10.58 18.21 0.47
CA ASP A 242 -10.61 17.52 1.75
C ASP A 242 -10.22 18.48 2.88
N GLN A 243 -10.05 19.77 2.57
CA GLN A 243 -9.66 20.75 3.56
C GLN A 243 -10.75 21.80 3.67
N PRO A 244 -11.05 22.23 4.92
CA PRO A 244 -12.10 23.20 5.16
C PRO A 244 -11.48 24.58 5.22
N PRO A 245 -12.29 25.61 4.99
CA PRO A 245 -11.83 26.98 5.17
C PRO A 245 -11.65 27.22 6.67
N ARG A 246 -10.59 27.96 6.99
CA ARG A 246 -10.20 28.20 8.37
C ARG A 246 -9.96 29.72 8.56
N PHE A 247 -10.81 30.37 9.39
CA PHE A 247 -10.75 31.80 9.57
C PHE A 247 -9.47 32.17 10.28
N THR A 248 -8.86 33.30 9.89
CA THR A 248 -7.68 33.86 10.57
C THR A 248 -7.86 34.04 12.10
N LYS A 249 -9.00 34.59 12.53
CA LYS A 249 -9.29 34.82 13.94
C LYS A 249 -10.69 34.27 14.19
N ALA A 250 -11.23 34.29 15.44
CA ALA A 250 -12.66 33.92 15.59
C ALA A 250 -13.47 35.02 16.24
N GLU A 251 -12.78 36.08 16.73
CA GLU A 251 -13.43 37.38 16.93
C GLU A 251 -12.63 38.44 16.14
N TYR A 252 -13.28 39.14 15.16
CA TYR A 252 -12.73 40.36 14.54
C TYR A 252 -13.41 41.60 15.13
N THR A 253 -12.63 42.67 15.44
CA THR A 253 -13.22 43.93 15.95
C THR A 253 -12.81 45.12 15.07
N ALA A 254 -13.79 45.85 14.56
CA ALA A 254 -13.49 47.15 13.99
C ALA A 254 -14.61 48.17 14.30
N GLY A 255 -14.24 49.43 14.06
CA GLY A 255 -15.05 50.53 14.51
C GLY A 255 -15.71 51.17 13.31
N VAL A 256 -16.88 51.76 13.56
CA VAL A 256 -17.58 52.53 12.56
C VAL A 256 -17.89 53.90 13.14
N ALA A 257 -17.90 54.88 12.23
CA ALA A 257 -18.14 56.27 12.57
C ALA A 257 -19.60 56.65 12.39
N THR A 258 -20.24 57.31 13.38
CA THR A 258 -21.61 57.79 13.24
C THR A 258 -21.82 58.38 11.84
N ASP A 259 -20.85 59.21 11.43
CA ASP A 259 -20.83 59.96 10.18
C ASP A 259 -20.62 59.04 8.93
N ALA A 260 -21.37 57.97 8.74
CA ALA A 260 -20.78 56.76 8.13
C ALA A 260 -21.20 56.57 6.74
N LYS A 261 -20.39 57.08 5.81
CA LYS A 261 -20.79 57.10 4.42
C LYS A 261 -21.28 55.70 4.09
N VAL A 262 -22.47 55.61 3.53
CA VAL A 262 -23.02 54.31 3.24
C VAL A 262 -22.12 53.63 2.22
N GLY A 263 -21.88 52.32 2.44
CA GLY A 263 -21.02 51.50 1.60
C GLY A 263 -19.55 51.55 2.03
N SER A 264 -19.33 51.82 3.31
CA SER A 264 -18.00 52.06 3.79
C SER A 264 -17.41 50.72 4.11
N GLU A 265 -16.14 50.53 3.74
CA GLU A 265 -15.48 49.27 3.93
C GLU A 265 -14.93 49.26 5.38
N LEU A 266 -15.50 48.46 6.29
CA LEU A 266 -15.02 48.54 7.67
C LEU A 266 -13.78 47.65 7.93
N ILE A 267 -13.86 46.31 7.69
CA ILE A 267 -12.72 45.39 7.82
C ILE A 267 -12.80 44.35 6.73
N GLN A 268 -11.66 43.72 6.50
CA GLN A 268 -11.57 42.59 5.61
C GLN A 268 -11.19 41.35 6.42
N VAL A 269 -12.10 40.38 6.50
CA VAL A 269 -11.77 39.07 7.06
C VAL A 269 -11.05 38.23 6.00
N LEU A 270 -10.72 37.00 6.40
CA LEU A 270 -10.12 36.03 5.49
C LEU A 270 -10.22 34.62 6.08
N ALA A 271 -10.34 33.65 5.20
CA ALA A 271 -10.34 32.26 5.59
C ALA A 271 -9.44 31.50 4.64
N LEU A 272 -8.86 30.41 5.13
CA LEU A 272 -7.88 29.71 4.34
C LEU A 272 -8.33 28.27 4.10
N ASP A 273 -8.20 27.82 2.85
CA ASP A 273 -8.41 26.45 2.48
C ASP A 273 -7.06 25.92 2.05
N ALA A 274 -6.58 24.90 2.79
CA ALA A 274 -5.27 24.32 2.53
C ALA A 274 -5.24 23.70 1.13
N ASP A 275 -6.45 23.27 0.68
CA ASP A 275 -6.70 22.74 -0.67
C ASP A 275 -6.14 23.70 -1.74
N ILE A 276 -5.97 23.16 -2.97
CA ILE A 276 -5.33 23.89 -4.07
C ILE A 276 -6.25 23.86 -5.26
N GLY A 277 -6.27 24.99 -6.00
CA GLY A 277 -7.19 25.18 -7.10
C GLY A 277 -8.64 25.29 -6.63
N ASN A 278 -9.57 24.97 -7.52
CA ASN A 278 -10.97 25.24 -7.28
C ASN A 278 -11.36 24.78 -5.88
N ASN A 279 -10.74 23.71 -5.41
CA ASN A 279 -11.10 23.16 -4.13
C ASN A 279 -10.78 24.15 -3.01
N SER A 280 -9.94 25.15 -3.32
CA SER A 280 -9.52 26.15 -2.35
C SER A 280 -10.38 27.41 -2.42
N LEU A 281 -11.37 27.44 -3.33
CA LEU A 281 -12.16 28.64 -3.52
C LEU A 281 -13.06 28.81 -2.34
N VAL A 282 -12.99 30.01 -1.73
CA VAL A 282 -13.70 30.29 -0.49
C VAL A 282 -14.61 31.47 -0.73
N PHE A 283 -15.86 31.28 -0.28
CA PHE A 283 -16.95 32.21 -0.44
C PHE A 283 -17.52 32.60 0.92
N TYR A 284 -17.67 33.91 1.21
CA TYR A 284 -17.93 34.41 2.56
C TYR A 284 -19.37 34.85 2.62
N GLY A 285 -19.82 35.28 3.78
CA GLY A 285 -21.19 35.81 3.91
C GLY A 285 -21.57 36.07 5.38
N ILE A 286 -22.82 36.50 5.62
CA ILE A 286 -23.25 37.00 6.94
C ILE A 286 -24.45 36.22 7.43
N LEU A 287 -24.32 35.62 8.60
CA LEU A 287 -25.33 34.69 9.10
C LEU A 287 -26.42 35.41 9.86
N ALA A 288 -26.05 36.42 10.71
CA ALA A 288 -27.03 37.39 11.28
C ALA A 288 -26.29 38.52 11.91
N ILE A 289 -27.08 39.56 12.32
CA ILE A 289 -26.53 40.79 12.86
C ILE A 289 -27.32 41.16 14.09
N HIS A 290 -26.62 41.40 15.20
CA HIS A 290 -27.25 41.77 16.45
C HIS A 290 -26.83 43.20 16.85
N TYR A 291 -27.81 44.02 17.33
CA TYR A 291 -27.52 45.41 17.71
C TYR A 291 -27.71 45.52 19.20
N PHE A 292 -26.73 46.14 19.86
CA PHE A 292 -26.74 46.22 21.30
C PHE A 292 -26.69 47.67 21.65
N ARG A 293 -27.77 48.15 22.30
CA ARG A 293 -27.88 49.57 22.54
C ARG A 293 -27.13 49.88 23.82
N ALA A 294 -25.98 50.56 23.70
CA ALA A 294 -25.26 51.04 24.87
C ALA A 294 -25.09 49.90 25.88
N LEU A 295 -25.47 50.10 27.15
CA LEU A 295 -25.54 48.97 28.06
C LEU A 295 -26.93 48.33 27.96
N ALA A 296 -27.02 47.10 27.42
CA ALA A 296 -28.27 46.32 27.41
C ALA A 296 -27.93 44.84 27.18
N ASN A 297 -28.79 43.93 27.65
CA ASN A 297 -28.56 42.50 27.39
C ASN A 297 -29.65 41.99 26.45
N ASP A 298 -30.28 42.92 25.76
CA ASP A 298 -31.14 42.56 24.65
C ASP A 298 -30.43 42.96 23.36
N SER A 299 -30.17 41.94 22.54
CA SER A 299 -29.71 42.13 21.20
C SER A 299 -30.90 42.52 20.36
N GLU A 300 -31.14 43.83 20.27
CA GLU A 300 -32.07 44.37 19.28
C GLU A 300 -31.60 43.93 17.89
N ASP A 301 -32.57 43.59 17.02
CA ASP A 301 -32.27 42.87 15.79
C ASP A 301 -32.90 43.65 14.65
N VAL A 302 -32.33 44.87 14.45
CA VAL A 302 -32.49 45.75 13.29
C VAL A 302 -32.20 45.02 11.96
N GLY A 303 -32.69 45.59 10.82
CA GLY A 303 -32.53 44.99 9.47
C GLY A 303 -31.05 44.67 9.03
N GLN A 304 -30.89 44.08 7.81
CA GLN A 304 -29.57 43.80 7.23
C GLN A 304 -28.78 45.09 7.08
N VAL A 305 -27.97 45.50 8.06
CA VAL A 305 -27.38 46.82 8.09
C VAL A 305 -25.97 46.78 7.48
N PHE A 306 -25.57 45.60 7.01
CA PHE A 306 -24.22 45.40 6.60
C PHE A 306 -24.20 44.40 5.44
N THR A 307 -23.12 44.43 4.65
CA THR A 307 -22.97 43.49 3.55
C THR A 307 -21.54 43.04 3.49
N MET A 308 -21.38 41.77 3.14
CA MET A 308 -20.09 41.20 3.02
C MET A 308 -19.94 40.66 1.62
N GLY A 309 -18.82 41.02 0.95
CA GLY A 309 -18.59 40.58 -0.43
C GLY A 309 -18.30 39.10 -0.48
N SER A 310 -18.94 38.34 -1.39
CA SER A 310 -18.89 36.88 -1.21
C SER A 310 -17.47 36.44 -1.36
N VAL A 311 -16.74 37.21 -2.19
CA VAL A 311 -15.35 36.90 -2.46
C VAL A 311 -14.41 37.92 -1.87
N ASP A 312 -14.90 39.15 -1.57
CA ASP A 312 -14.06 40.25 -1.09
C ASP A 312 -13.77 40.01 0.40
N GLY A 313 -14.73 39.48 1.13
CA GLY A 313 -14.56 39.35 2.56
C GLY A 313 -14.52 40.72 3.28
N ILE A 314 -15.09 41.76 2.64
CA ILE A 314 -15.07 43.10 3.18
C ILE A 314 -16.48 43.44 3.60
N LEU A 315 -16.71 43.46 4.91
CA LEU A 315 -17.95 43.96 5.49
C LEU A 315 -18.13 45.44 5.12
N ARG A 316 -19.35 45.80 4.69
CA ARG A 316 -19.64 47.15 4.23
C ARG A 316 -20.91 47.64 4.93
N THR A 317 -20.99 48.96 5.16
CA THR A 317 -22.16 49.57 5.76
C THR A 317 -23.34 49.39 4.80
N ALA A 318 -24.55 49.36 5.38
CA ALA A 318 -25.75 49.39 4.58
C ALA A 318 -26.77 50.44 5.04
N ASP A 319 -26.41 51.27 6.04
CA ASP A 319 -27.29 52.29 6.61
C ASP A 319 -26.41 53.38 7.26
N LEU A 320 -27.05 54.47 7.66
CA LEU A 320 -26.31 55.45 8.42
C LEU A 320 -26.59 55.18 9.87
N PHE A 321 -25.52 55.26 10.67
CA PHE A 321 -25.62 54.85 12.06
C PHE A 321 -25.77 56.06 12.98
N MET A 322 -25.99 57.23 12.35
CA MET A 322 -26.21 58.48 13.08
C MET A 322 -27.39 58.30 14.00
N ALA A 323 -28.28 57.34 13.66
CA ALA A 323 -29.48 56.99 14.43
C ALA A 323 -29.10 56.29 15.72
N TYR A 324 -28.36 55.20 15.61
CA TYR A 324 -27.98 54.40 16.76
C TYR A 324 -26.63 54.87 17.32
N SER A 325 -26.57 56.06 17.89
CA SER A 325 -25.31 56.61 18.41
C SER A 325 -24.71 55.82 19.61
N PRO A 326 -25.50 55.41 20.62
CA PRO A 326 -24.91 54.67 21.74
C PRO A 326 -24.96 53.17 21.53
N GLY A 327 -23.80 52.51 21.40
CA GLY A 327 -23.80 51.04 21.34
C GLY A 327 -22.96 50.44 20.18
N TYR A 328 -23.19 49.12 19.89
CA TYR A 328 -22.33 48.33 18.99
C TYR A 328 -23.17 47.22 18.31
N PHE A 329 -22.50 46.51 17.36
CA PHE A 329 -23.08 45.41 16.60
C PHE A 329 -22.21 44.12 16.70
N VAL A 330 -22.88 42.98 16.71
CA VAL A 330 -22.26 41.66 16.60
C VAL A 330 -22.75 40.98 15.33
N VAL A 331 -21.86 40.81 14.36
CA VAL A 331 -22.15 40.19 13.06
C VAL A 331 -21.55 38.79 13.02
N ASP A 332 -22.41 37.75 12.90
CA ASP A 332 -21.93 36.38 12.85
C ASP A 332 -21.74 36.10 11.37
N ILE A 333 -20.52 35.63 11.00
CA ILE A 333 -20.16 35.40 9.59
C ILE A 333 -19.86 33.93 9.35
N VAL A 334 -19.85 33.57 8.06
CA VAL A 334 -19.57 32.22 7.62
C VAL A 334 -18.70 32.27 6.38
N ALA A 335 -17.85 31.24 6.26
CA ALA A 335 -17.04 31.04 5.05
C ALA A 335 -17.22 29.61 4.61
N ARG A 336 -17.43 29.39 3.31
CA ARG A 336 -17.77 28.07 2.81
C ARG A 336 -16.91 27.84 1.56
N ASP A 337 -16.55 26.54 1.30
CA ASP A 337 -15.72 26.17 0.15
C ASP A 337 -16.66 25.65 -0.89
N LEU A 338 -16.13 25.31 -2.07
CA LEU A 338 -17.02 24.93 -3.16
C LEU A 338 -17.89 23.73 -2.81
N ALA A 339 -17.78 23.17 -1.57
CA ALA A 339 -18.21 21.80 -1.39
C ALA A 339 -18.51 21.43 0.06
N GLY A 340 -19.03 22.33 0.86
CA GLY A 340 -19.60 21.91 2.14
C GLY A 340 -18.78 22.36 3.35
N HIS A 341 -17.49 22.13 3.30
CA HIS A 341 -16.64 22.64 4.36
C HIS A 341 -17.05 24.10 4.67
N ASN A 342 -17.26 24.39 5.95
CA ASN A 342 -17.69 25.71 6.41
C ASN A 342 -16.97 26.08 7.72
N ASP A 343 -16.84 27.39 8.03
CA ASP A 343 -16.29 27.83 9.30
C ASP A 343 -16.96 29.16 9.68
N THR A 344 -17.05 29.43 10.99
CA THR A 344 -17.79 30.56 11.52
C THR A 344 -16.84 31.47 12.25
N ALA A 345 -17.34 32.67 12.50
CA ALA A 345 -16.66 33.67 13.27
C ALA A 345 -17.63 34.79 13.60
N ILE A 346 -17.09 35.77 14.26
CA ILE A 346 -17.88 36.85 14.80
C ILE A 346 -17.11 38.15 14.59
N ILE A 347 -17.82 39.15 14.06
CA ILE A 347 -17.30 40.50 13.91
C ILE A 347 -18.04 41.45 14.88
N GLY A 348 -17.27 42.21 15.63
CA GLY A 348 -17.84 43.27 16.43
C GLY A 348 -17.61 44.63 15.79
N ILE A 349 -18.70 45.29 15.41
CA ILE A 349 -18.67 46.65 14.94
C ILE A 349 -19.16 47.55 16.06
N TYR A 350 -18.31 48.52 16.46
CA TYR A 350 -18.63 49.38 17.59
C TYR A 350 -18.68 50.82 17.10
N ILE A 351 -19.75 51.57 17.47
CA ILE A 351 -19.87 52.93 16.96
C ILE A 351 -18.89 53.77 17.71
N LEU A 352 -17.90 54.29 17.02
CA LEU A 352 -16.79 54.84 17.78
C LEU A 352 -17.26 56.17 18.41
N ARG A 353 -16.97 56.36 19.71
CA ARG A 353 -17.09 57.67 20.40
C ARG A 353 -15.99 58.64 19.94
N ASP A 354 -16.17 59.95 20.19
CA ASP A 354 -15.17 60.89 19.74
C ASP A 354 -13.90 60.56 20.45
N ASP A 355 -14.17 60.10 21.67
CA ASP A 355 -13.16 59.72 22.61
C ASP A 355 -12.18 58.72 21.93
N GLN A 356 -12.59 58.06 20.81
CA GLN A 356 -11.85 56.92 20.21
C GLN A 356 -11.29 57.30 18.81
N ARG A 357 -11.42 58.56 18.46
CA ARG A 357 -11.19 58.89 17.09
C ARG A 357 -10.18 60.02 17.00
N VAL A 358 -9.21 59.86 16.06
CA VAL A 358 -8.03 60.71 15.94
C VAL A 358 -7.88 61.23 14.53
N LYS A 359 -7.15 62.33 14.38
CA LYS A 359 -6.97 62.97 13.07
C LYS A 359 -5.51 63.02 12.76
N ILE A 360 -5.18 63.15 11.49
CA ILE A 360 -3.79 63.20 11.08
C ILE A 360 -3.69 64.25 10.00
N VAL A 361 -3.00 65.35 10.30
CA VAL A 361 -2.97 66.47 9.38
C VAL A 361 -1.86 66.24 8.36
N ILE A 362 -2.10 66.65 7.12
CA ILE A 362 -1.17 66.38 6.03
C ILE A 362 -1.18 67.54 5.06
N ASN A 363 0.01 67.91 4.57
CA ASN A 363 0.18 69.07 3.73
C ASN A 363 0.15 68.63 2.28
N GLU A 364 -0.84 67.80 1.94
CA GLU A 364 -1.17 67.61 0.54
C GLU A 364 -2.71 67.75 0.30
N ILE A 365 -3.12 68.18 -0.93
CA ILE A 365 -4.55 68.19 -1.30
C ILE A 365 -5.18 66.85 -0.93
N PRO A 366 -6.44 66.83 -0.47
CA PRO A 366 -7.07 65.60 -0.04
C PRO A 366 -7.06 64.55 -1.16
N ASP A 367 -7.22 64.98 -2.43
CA ASP A 367 -7.20 64.03 -3.54
C ASP A 367 -5.96 63.13 -3.49
N ARG A 368 -4.78 63.75 -3.37
CA ARG A 368 -3.53 63.02 -3.37
C ARG A 368 -3.46 62.12 -2.13
N VAL A 369 -3.94 62.59 -0.95
CA VAL A 369 -3.92 61.81 0.31
C VAL A 369 -4.64 60.45 0.14
N ARG A 370 -5.80 60.44 -0.51
CA ARG A 370 -6.45 59.20 -0.92
C ARG A 370 -5.52 58.35 -1.79
N GLY A 371 -4.79 59.01 -2.75
CA GLY A 371 -3.72 58.44 -3.58
C GLY A 371 -2.81 57.42 -2.85
N PHE A 372 -2.40 57.70 -1.62
CA PHE A 372 -1.52 56.79 -0.90
C PHE A 372 -2.11 56.25 0.43
N GLU A 373 -3.39 56.54 0.75
CA GLU A 373 -3.87 56.34 2.12
C GLU A 373 -3.45 54.96 2.59
N GLU A 374 -3.71 53.95 1.73
CA GLU A 374 -3.49 52.53 2.04
C GLU A 374 -2.07 52.36 2.50
N GLU A 375 -1.14 52.83 1.65
CA GLU A 375 0.28 52.63 1.88
C GLU A 375 0.60 53.21 3.24
N PHE A 376 0.28 54.49 3.42
CA PHE A 376 0.61 55.19 4.65
C PHE A 376 0.10 54.37 5.86
N ILE A 377 -1.16 53.96 5.82
CA ILE A 377 -1.71 53.22 6.93
C ILE A 377 -0.98 51.91 7.11
N ARG A 378 -0.84 51.12 6.03
CA ARG A 378 -0.14 49.84 6.14
C ARG A 378 1.19 50.07 6.88
N LEU A 379 2.00 51.02 6.38
CA LEU A 379 3.31 51.30 6.97
C LEU A 379 3.11 51.61 8.43
N LEU A 380 2.28 52.62 8.70
CA LEU A 380 2.04 53.05 10.07
C LEU A 380 1.60 51.86 10.95
N SER A 381 0.64 51.04 10.51
CA SER A 381 0.14 49.93 11.34
C SER A 381 1.27 48.95 11.66
N ASN A 382 2.07 48.61 10.63
CA ASN A 382 3.25 47.78 10.79
C ASN A 382 4.15 48.35 11.87
N ILE A 383 4.67 49.55 11.64
CA ILE A 383 5.55 50.22 12.60
C ILE A 383 4.90 50.41 13.99
N THR A 384 3.61 50.67 14.06
CA THR A 384 2.97 50.85 15.37
C THR A 384 2.63 49.49 15.98
N GLY A 385 2.62 48.44 15.12
CA GLY A 385 2.14 47.10 15.47
C GLY A 385 0.73 47.14 16.02
N ALA A 386 -0.12 47.79 15.28
CA ALA A 386 -1.49 47.94 15.69
C ALA A 386 -2.32 48.17 14.44
N ILE A 387 -3.63 47.92 14.58
CA ILE A 387 -4.53 48.05 13.46
C ILE A 387 -4.97 49.51 13.38
N VAL A 388 -4.53 50.19 12.29
CA VAL A 388 -4.96 51.55 12.00
C VAL A 388 -5.97 51.47 10.88
N ASN A 389 -7.18 51.99 11.16
CA ASN A 389 -8.27 51.93 10.22
C ASN A 389 -8.66 53.34 9.86
N THR A 390 -8.49 53.65 8.54
CA THR A 390 -8.85 54.94 7.99
C THR A 390 -10.36 55.06 8.00
N ASP A 391 -10.88 56.20 8.49
CA ASP A 391 -12.33 56.39 8.61
C ASP A 391 -12.85 57.42 7.57
N ASP A 392 -12.01 58.45 7.22
CA ASP A 392 -12.44 59.53 6.32
C ASP A 392 -11.24 60.41 5.92
N VAL A 393 -11.39 61.11 4.77
CA VAL A 393 -10.43 62.07 4.24
C VAL A 393 -11.16 63.38 3.90
N GLN A 394 -10.85 64.43 4.63
CA GLN A 394 -11.52 65.71 4.41
C GLN A 394 -10.44 66.77 4.41
N PHE A 395 -10.85 67.95 4.08
CA PHE A 395 -10.02 69.11 4.25
C PHE A 395 -9.75 69.41 5.74
N HIS A 396 -8.57 70.01 6.06
CA HIS A 396 -8.15 70.31 7.43
C HIS A 396 -8.95 71.51 7.98
N VAL A 397 -9.30 71.45 9.28
CA VAL A 397 -9.95 72.54 9.99
C VAL A 397 -9.14 72.89 11.24
N ASP A 398 -8.57 74.09 11.28
CA ASP A 398 -7.94 74.58 12.49
C ASP A 398 -8.99 74.66 13.62
N MET A 399 -8.59 74.38 14.88
CA MET A 399 -9.53 74.45 16.00
C MET A 399 -10.30 75.76 15.93
N LYS A 400 -9.61 76.86 15.52
CA LYS A 400 -10.19 78.19 15.42
C LYS A 400 -11.31 78.24 14.38
N GLY A 401 -11.41 77.19 13.56
CA GLY A 401 -12.47 77.08 12.58
C GLY A 401 -11.98 77.46 11.16
N ARG A 402 -10.74 77.90 11.07
CA ARG A 402 -10.16 78.14 9.77
C ARG A 402 -10.16 76.81 9.02
N VAL A 403 -10.41 76.86 7.74
CA VAL A 403 -10.33 75.69 6.90
C VAL A 403 -9.28 75.86 5.78
N ASN A 404 -8.30 74.95 5.69
CA ASN A 404 -7.25 75.10 4.68
C ASN A 404 -7.53 74.13 3.54
N PHE A 405 -7.60 74.65 2.32
CA PHE A 405 -8.10 73.90 1.16
C PHE A 405 -6.94 73.23 0.42
N ALA A 406 -5.77 73.26 1.07
CA ALA A 406 -4.66 72.47 0.59
C ALA A 406 -4.18 71.49 1.66
N GLN A 407 -4.48 71.77 2.94
CA GLN A 407 -4.21 70.81 4.01
C GLN A 407 -5.36 69.80 4.19
N THR A 408 -5.01 68.52 4.38
CA THR A 408 -5.95 67.43 4.45
C THR A 408 -5.92 66.76 5.83
N GLU A 409 -7.10 66.38 6.38
CA GLU A 409 -7.23 65.59 7.60
C GLU A 409 -7.39 64.12 7.24
N LEU A 410 -7.17 63.26 8.23
CA LEU A 410 -7.27 61.82 8.00
C LEU A 410 -7.74 61.20 9.30
N LEU A 411 -9.01 61.32 9.56
CA LEU A 411 -9.63 60.67 10.70
C LEU A 411 -9.36 59.14 10.67
N ILE A 412 -8.85 58.58 11.80
CA ILE A 412 -8.50 57.16 11.90
C ILE A 412 -8.91 56.66 13.25
N HIS A 413 -8.95 55.34 13.42
CA HIS A 413 -9.24 54.79 14.74
C HIS A 413 -8.30 53.64 14.83
N VAL A 414 -7.89 53.27 16.07
CA VAL A 414 -6.87 52.21 16.18
C VAL A 414 -7.32 51.11 17.13
N VAL A 415 -6.90 49.84 16.80
CA VAL A 415 -7.21 48.66 17.61
C VAL A 415 -5.91 47.95 17.97
N ASN A 416 -5.90 47.42 19.23
CA ASN A 416 -4.78 46.67 19.77
C ASN A 416 -4.95 45.19 19.46
N ARG A 417 -4.17 44.71 18.47
CA ARG A 417 -4.30 43.36 17.95
C ARG A 417 -4.37 42.40 19.14
N ASP A 418 -3.63 42.78 20.17
CA ASP A 418 -3.48 42.00 21.37
C ASP A 418 -4.82 41.98 22.15
N THR A 419 -5.42 43.15 22.45
CA THR A 419 -6.62 43.18 23.29
C THR A 419 -7.88 43.10 22.42
N ASN A 420 -7.68 43.12 21.07
CA ASN A 420 -8.79 43.22 20.13
C ASN A 420 -9.78 44.25 20.63
N ARG A 421 -9.26 45.44 20.99
CA ARG A 421 -10.07 46.49 21.61
C ARG A 421 -9.64 47.89 21.09
N ILE A 422 -10.60 48.85 21.07
CA ILE A 422 -10.39 50.10 20.35
C ILE A 422 -9.64 51.03 21.30
N LEU A 423 -9.10 52.14 20.78
CA LEU A 423 -8.15 52.89 21.57
C LEU A 423 -8.65 54.28 21.84
N ASP A 424 -8.54 54.75 23.12
CA ASP A 424 -8.62 56.17 23.50
C ASP A 424 -7.55 56.99 22.82
N VAL A 425 -7.94 58.21 22.42
CA VAL A 425 -7.10 59.11 21.66
C VAL A 425 -5.81 59.22 22.45
N ASP A 426 -5.97 59.32 23.76
CA ASP A 426 -4.89 59.49 24.69
C ASP A 426 -3.78 58.52 24.34
N ARG A 427 -4.14 57.24 24.38
CA ARG A 427 -3.21 56.14 24.26
C ARG A 427 -2.55 56.17 22.87
N VAL A 428 -3.32 56.58 21.85
CA VAL A 428 -2.82 56.66 20.48
C VAL A 428 -1.76 57.77 20.31
N ILE A 429 -2.02 58.92 20.91
CA ILE A 429 -1.03 59.98 20.93
C ILE A 429 0.28 59.41 21.50
N GLN A 430 0.16 58.74 22.67
CA GLN A 430 1.32 58.20 23.38
C GLN A 430 2.07 57.23 22.49
N MET A 431 1.34 56.25 21.93
CA MET A 431 1.91 55.33 20.97
C MET A 431 2.73 56.12 19.88
N ILE A 432 2.14 57.15 19.25
CA ILE A 432 2.83 57.92 18.21
C ILE A 432 4.18 58.46 18.76
N ASP A 433 4.13 59.10 19.93
CA ASP A 433 5.31 59.67 20.56
C ASP A 433 6.38 58.59 20.82
N GLU A 434 5.96 57.41 21.35
CA GLU A 434 6.90 56.32 21.65
C GLU A 434 7.64 55.93 20.38
N ASN A 435 6.91 55.76 19.29
CA ASN A 435 7.52 55.31 18.06
C ASN A 435 8.07 56.50 17.30
N LYS A 436 8.07 57.68 17.93
CA LYS A 436 8.30 58.92 17.21
C LYS A 436 9.48 58.70 16.30
N GLU A 437 10.57 58.24 16.91
CA GLU A 437 11.85 58.13 16.24
C GLU A 437 11.70 57.25 14.98
N GLN A 438 11.20 56.01 15.17
CA GLN A 438 11.04 55.08 14.04
C GLN A 438 10.18 55.76 12.98
N LEU A 439 9.14 56.46 13.45
CA LEU A 439 8.08 56.96 12.58
C LEU A 439 8.50 58.27 11.97
N ARG A 440 9.41 58.96 12.66
CA ARG A 440 9.76 60.32 12.30
C ARG A 440 10.10 60.38 10.82
N ASN A 441 10.59 59.24 10.28
CA ASN A 441 10.91 59.13 8.86
C ASN A 441 9.64 59.20 8.00
N LEU A 442 8.66 58.34 8.31
CA LEU A 442 7.42 58.26 7.54
C LEU A 442 6.77 59.65 7.40
N PHE A 443 6.41 60.22 8.57
CA PHE A 443 5.70 61.48 8.69
C PHE A 443 6.22 62.50 7.66
N ARG A 444 7.52 62.81 7.72
CA ARG A 444 8.12 63.81 6.82
C ARG A 444 8.03 63.32 5.34
N ASN A 445 8.39 62.06 5.07
CA ASN A 445 8.33 61.54 3.70
C ASN A 445 6.93 61.77 3.12
N TYR A 446 5.95 61.95 4.01
CA TYR A 446 4.56 62.06 3.60
C TYR A 446 3.93 63.38 4.08
N ASN A 447 4.74 64.43 4.20
CA ASN A 447 4.29 65.79 4.48
C ASN A 447 3.31 65.87 5.68
N VAL A 448 3.46 65.03 6.69
CA VAL A 448 2.59 65.07 7.87
C VAL A 448 2.93 66.32 8.68
N LEU A 449 1.92 66.88 9.37
CA LEU A 449 2.07 68.18 10.07
C LEU A 449 1.69 68.05 11.53
N ASP A 450 0.81 67.14 11.87
CA ASP A 450 0.45 67.05 13.26
C ASP A 450 -0.52 65.87 13.47
N VAL A 451 -0.95 65.68 14.75
CA VAL A 451 -1.89 64.64 15.17
C VAL A 451 -2.68 65.12 16.41
N GLN A 452 -3.99 64.79 16.49
CA GLN A 452 -4.93 65.27 17.52
C GLN A 452 -6.32 64.64 17.25
N PRO A 453 -7.28 64.77 18.18
CA PRO A 453 -8.65 64.11 18.02
C PRO A 453 -9.72 64.80 17.11
N ALA A 454 -11.03 64.36 17.11
CA ALA A 454 -12.21 65.20 16.68
C ALA A 454 -12.41 66.47 17.54
N ILE A 455 -12.42 67.67 16.87
CA ILE A 455 -12.37 69.01 17.54
C ILE A 455 -13.41 69.06 18.64
N SER A 456 -12.98 69.30 19.89
CA SER A 456 -13.87 69.49 21.03
C SER A 456 -15.12 70.33 20.65
N SER B 3 49.13 37.09 134.55
CA SER B 3 48.08 36.07 134.21
C SER B 3 48.71 34.68 134.22
N ASP B 4 48.90 34.11 135.43
CA ASP B 4 49.23 32.69 135.54
C ASP B 4 47.93 31.91 135.81
N VAL B 5 46.82 32.28 135.14
CA VAL B 5 45.76 31.32 134.86
C VAL B 5 45.23 31.53 133.43
N ASN B 6 44.71 30.45 132.80
CA ASN B 6 44.37 30.51 131.39
C ASN B 6 43.09 31.34 131.24
N ASP B 7 43.22 32.68 131.14
CA ASP B 7 42.06 33.58 131.09
C ASP B 7 41.79 34.05 129.65
N ASN B 8 42.32 33.36 128.67
CA ASN B 8 42.19 33.79 127.30
C ASN B 8 42.09 32.57 126.40
N ARG B 9 41.21 32.68 125.42
CA ARG B 9 41.06 31.73 124.33
C ARG B 9 41.76 32.26 123.09
N PRO B 10 42.50 31.45 122.33
CA PRO B 10 43.14 31.93 121.11
C PRO B 10 42.11 32.51 120.15
N VAL B 11 42.48 33.61 119.50
CA VAL B 11 41.63 34.28 118.52
C VAL B 11 42.38 34.28 117.20
N PHE B 12 41.67 34.23 116.11
CA PHE B 12 42.34 33.95 114.86
C PHE B 12 42.54 35.23 114.12
N VAL B 13 43.75 35.51 113.66
CA VAL B 13 43.99 36.65 112.79
C VAL B 13 43.89 36.19 111.34
N ARG B 14 44.50 35.04 111.04
CA ARG B 14 44.42 34.46 109.72
C ARG B 14 44.20 32.99 109.89
N PRO B 15 43.17 32.39 109.27
CA PRO B 15 42.39 33.02 108.23
C PRO B 15 41.36 34.03 108.79
N PRO B 16 40.98 35.03 108.00
CA PRO B 16 39.83 35.87 108.32
C PRO B 16 38.51 35.08 108.45
N ASN B 17 37.62 35.59 109.30
CA ASN B 17 36.40 34.87 109.63
C ASN B 17 35.67 34.47 108.38
N GLY B 18 35.36 33.17 108.27
CA GLY B 18 34.44 32.66 107.28
C GLY B 18 34.97 32.87 105.87
N THR B 19 36.20 32.40 105.64
CA THR B 19 36.81 32.69 104.37
C THR B 19 36.84 31.45 103.51
N ILE B 20 37.28 31.61 102.24
CA ILE B 20 37.20 30.54 101.26
C ILE B 20 38.35 30.69 100.28
N LEU B 21 39.43 29.99 100.57
CA LEU B 21 40.64 30.06 99.74
C LEU B 21 40.41 29.42 98.39
N HIS B 22 41.17 29.87 97.39
CA HIS B 22 41.08 29.35 96.03
C HIS B 22 42.44 28.84 95.56
N ILE B 23 42.49 27.56 95.32
CA ILE B 23 43.70 26.88 94.92
C ILE B 23 43.49 26.38 93.48
N LYS B 24 44.55 26.41 92.69
CA LYS B 24 44.62 25.66 91.43
C LYS B 24 44.31 24.18 91.71
N GLU B 25 43.72 23.46 90.76
CA GLU B 25 43.54 22.01 90.86
C GLU B 25 44.86 21.27 90.45
N GLU B 26 44.92 19.95 90.82
CA GLU B 26 46.02 19.04 90.46
C GLU B 26 47.37 19.70 90.76
N ILE B 27 47.41 20.38 91.89
CA ILE B 27 48.64 20.97 92.37
C ILE B 27 49.49 19.83 92.92
N PRO B 28 50.82 19.98 92.90
CA PRO B 28 51.72 18.98 93.44
C PRO B 28 51.28 18.49 94.82
N LEU B 29 51.87 17.39 95.26
CA LEU B 29 51.60 16.91 96.61
C LEU B 29 52.40 17.72 97.61
N ARG B 30 51.86 17.83 98.84
CA ARG B 30 52.48 18.58 99.92
C ARG B 30 52.98 19.94 99.38
N SER B 31 52.16 20.63 98.63
CA SER B 31 52.50 22.00 98.25
C SER B 31 51.78 22.96 99.24
N ASN B 32 52.35 24.15 99.45
CA ASN B 32 51.84 25.03 100.51
C ASN B 32 50.53 25.67 100.04
N VAL B 33 49.62 25.91 100.95
CA VAL B 33 48.34 26.48 100.61
C VAL B 33 48.24 27.84 101.25
N TYR B 34 48.23 27.84 102.61
CA TYR B 34 47.99 29.02 103.43
C TYR B 34 48.62 28.83 104.80
N GLU B 35 48.96 29.92 105.48
CA GLU B 35 49.55 29.78 106.81
C GLU B 35 48.65 30.51 107.78
N VAL B 36 48.25 29.81 108.83
CA VAL B 36 47.31 30.35 109.80
C VAL B 36 48.06 31.02 110.93
N TYR B 37 47.31 31.77 111.75
CA TYR B 37 47.87 32.58 112.84
C TYR B 37 46.76 32.91 113.82
N ALA B 38 47.03 32.69 115.12
CA ALA B 38 46.10 32.99 116.21
C ALA B 38 46.83 33.60 117.40
N THR B 39 46.06 34.30 118.24
CA THR B 39 46.66 35.09 119.31
C THR B 39 45.97 34.80 120.60
N ASP B 40 46.68 34.14 121.49
CA ASP B 40 46.27 34.09 122.88
C ASP B 40 46.98 35.19 123.64
N ASN B 41 46.17 36.05 124.25
CA ASN B 41 46.71 37.17 124.95
C ASN B 41 47.48 36.68 126.17
N ASP B 42 46.91 35.68 126.88
CA ASP B 42 47.50 35.20 128.11
C ASP B 42 49.01 35.15 127.93
N GLU B 43 49.75 35.56 128.93
CA GLU B 43 51.21 35.51 128.82
C GLU B 43 51.66 34.08 129.18
N GLY B 44 52.84 33.70 128.66
CA GLY B 44 53.47 32.45 129.05
C GLY B 44 52.88 31.38 128.19
N LEU B 45 53.04 30.13 128.57
CA LEU B 45 52.51 29.07 127.71
C LEU B 45 50.98 29.08 127.76
N ASN B 46 50.41 29.75 128.77
CA ASN B 46 48.97 30.02 128.78
C ASN B 46 48.57 30.82 127.54
N GLY B 47 49.57 31.25 126.76
CA GLY B 47 49.34 31.99 125.54
C GLY B 47 50.20 31.45 124.38
N ALA B 48 50.26 30.13 124.33
CA ALA B 48 50.87 29.40 123.23
C ALA B 48 49.82 28.74 122.38
N VAL B 49 49.86 28.99 121.09
CA VAL B 49 48.84 28.44 120.21
C VAL B 49 49.40 27.27 119.39
N ARG B 50 48.58 26.23 119.26
CA ARG B 50 48.97 25.09 118.48
C ARG B 50 47.87 24.72 117.50
N TYR B 51 48.21 24.82 116.23
CA TYR B 51 47.27 24.61 115.16
C TYR B 51 47.02 23.12 114.93
N SER B 52 45.88 22.81 114.30
CA SER B 52 45.35 21.47 114.20
C SER B 52 44.02 21.48 113.46
N PHE B 53 43.80 20.48 112.62
CA PHE B 53 42.53 20.31 111.93
C PHE B 53 41.59 19.51 112.80
N LEU B 54 40.31 19.47 112.35
CA LEU B 54 39.34 18.67 113.06
C LEU B 54 38.89 17.56 112.15
N LYS B 55 38.96 16.34 112.75
CA LYS B 55 38.34 15.10 112.32
C LYS B 55 36.85 15.25 112.48
N THR B 56 36.26 15.94 111.51
CA THR B 56 34.85 16.18 111.55
C THR B 56 34.22 14.81 111.51
N THR B 57 33.15 14.65 112.29
CA THR B 57 32.47 13.37 112.42
C THR B 57 32.24 12.72 111.00
N GLY B 58 31.60 13.46 110.04
CA GLY B 58 31.29 12.96 108.68
C GLY B 58 32.25 13.46 107.55
N ASN B 59 32.70 14.72 107.60
CA ASN B 59 33.59 15.26 106.56
C ASN B 59 34.98 14.66 106.69
N ARG B 60 35.48 14.00 105.60
CA ARG B 60 36.81 13.36 105.58
C ARG B 60 37.76 14.22 104.75
N ASP B 61 37.31 15.41 104.36
CA ASP B 61 38.14 16.32 103.55
C ASP B 61 39.47 16.61 104.27
N TRP B 62 39.45 16.59 105.61
CA TRP B 62 40.63 16.90 106.38
C TRP B 62 41.80 15.97 106.02
N GLU B 63 41.46 14.82 105.45
CA GLU B 63 42.47 13.89 105.00
C GLU B 63 43.26 14.51 103.82
N TYR B 64 42.79 15.64 103.25
CA TYR B 64 43.42 16.16 102.04
C TYR B 64 44.53 17.20 102.35
N PHE B 65 44.72 17.55 103.62
CA PHE B 65 45.68 18.60 103.92
C PHE B 65 46.42 18.33 105.25
N THR B 66 47.55 18.99 105.42
CA THR B 66 48.33 18.93 106.64
C THR B 66 48.44 20.32 107.25
N ILE B 67 48.27 20.43 108.56
CA ILE B 67 48.70 21.64 109.30
C ILE B 67 49.89 21.31 110.20
N ASP B 68 51.05 21.95 109.95
CA ASP B 68 52.11 21.91 110.94
C ASP B 68 51.60 22.53 112.25
N PRO B 69 51.70 21.84 113.40
CA PRO B 69 51.06 22.29 114.65
C PRO B 69 51.57 23.59 115.23
N ILE B 70 52.73 24.04 114.75
CA ILE B 70 53.39 25.24 115.26
C ILE B 70 53.18 26.39 114.29
N SER B 71 53.57 26.22 113.02
CA SER B 71 53.63 27.29 112.02
C SER B 71 52.24 27.49 111.46
N GLY B 72 51.55 26.38 111.26
CA GLY B 72 50.21 26.40 110.74
C GLY B 72 50.19 26.40 109.23
N LEU B 73 51.30 26.10 108.61
CA LEU B 73 51.29 25.93 107.19
C LEU B 73 50.38 24.75 106.84
N ILE B 74 49.33 25.07 106.06
CA ILE B 74 48.44 24.09 105.47
C ILE B 74 49.04 23.63 104.15
N GLN B 75 49.58 22.43 104.13
CA GLN B 75 50.08 21.87 102.90
C GLN B 75 49.13 20.80 102.35
N THR B 76 49.15 20.59 101.03
CA THR B 76 48.32 19.55 100.44
C THR B 76 48.72 18.21 101.03
N ALA B 77 47.80 17.26 101.05
CA ALA B 77 48.15 15.84 101.23
C ALA B 77 48.00 15.04 99.91
N GLN B 78 46.77 14.54 99.67
CA GLN B 78 46.43 13.81 98.45
C GLN B 78 46.46 14.76 97.24
N ARG B 79 46.34 14.22 96.02
CA ARG B 79 46.21 15.09 94.86
C ARG B 79 44.80 15.64 94.88
N LEU B 80 44.58 16.79 94.23
CA LEU B 80 43.28 17.48 94.30
C LEU B 80 42.78 17.74 92.90
N ASP B 81 41.88 16.87 92.42
CA ASP B 81 41.36 16.94 91.06
C ASP B 81 39.97 17.54 91.16
N ARG B 82 39.79 18.73 90.57
CA ARG B 82 38.52 19.44 90.70
C ARG B 82 37.42 18.45 90.45
N GLU B 83 37.60 17.66 89.37
CA GLU B 83 36.53 16.83 88.88
C GLU B 83 36.03 15.99 90.05
N LYS B 84 36.96 15.39 90.82
CA LYS B 84 36.59 14.43 91.86
C LYS B 84 35.92 15.15 93.05
N GLN B 85 36.24 16.45 93.26
CA GLN B 85 35.57 17.35 94.22
C GLN B 85 36.16 18.72 94.00
N ALA B 86 35.41 19.84 94.25
CA ALA B 86 36.06 21.19 94.19
C ALA B 86 36.03 21.89 95.53
N VAL B 87 34.89 21.88 96.23
CA VAL B 87 34.83 22.52 97.55
C VAL B 87 35.25 21.52 98.63
N TYR B 88 36.29 21.89 99.39
CA TYR B 88 36.69 21.11 100.54
C TYR B 88 36.45 21.96 101.77
N SER B 89 35.82 21.37 102.76
CA SER B 89 35.38 22.05 103.96
C SER B 89 36.10 21.54 105.23
N LEU B 90 36.76 22.42 106.00
CA LEU B 90 37.58 21.99 107.14
C LEU B 90 37.30 22.87 108.34
N ILE B 91 37.67 22.36 109.52
CA ILE B 91 37.49 23.14 110.74
C ILE B 91 38.80 23.23 111.46
N LEU B 92 39.53 24.33 111.27
CA LEU B 92 40.80 24.55 111.95
C LEU B 92 40.50 24.69 113.41
N VAL B 93 41.45 24.30 114.22
CA VAL B 93 41.33 24.44 115.65
C VAL B 93 42.64 24.97 116.19
N ALA B 94 42.58 26.11 116.84
CA ALA B 94 43.66 26.62 117.64
C ALA B 94 43.53 26.16 119.09
N SER B 95 44.63 25.72 119.70
CA SER B 95 44.60 25.20 121.04
C SER B 95 45.63 25.93 121.90
N ASP B 96 45.22 26.21 123.11
CA ASP B 96 46.04 26.87 124.09
C ASP B 96 46.86 25.80 124.76
N LEU B 97 48.17 26.05 124.92
CA LEU B 97 49.04 25.16 125.70
C LEU B 97 48.91 25.44 127.19
N GLY B 98 48.08 26.40 127.55
CA GLY B 98 47.96 26.75 128.94
C GLY B 98 47.45 25.57 129.76
N GLN B 99 47.69 25.71 131.07
CA GLN B 99 47.14 24.87 132.12
C GLN B 99 46.50 25.78 133.18
N PRO B 100 45.45 25.35 133.89
CA PRO B 100 45.27 23.95 134.30
C PRO B 100 44.54 23.10 133.27
N VAL B 101 43.96 23.76 132.27
CA VAL B 101 43.38 23.05 131.16
C VAL B 101 43.51 23.89 129.89
N PRO B 102 43.56 23.25 128.69
CA PRO B 102 43.74 23.98 127.46
C PRO B 102 42.45 24.65 127.05
N TYR B 103 42.56 25.80 126.39
CA TYR B 103 41.39 26.42 125.77
C TYR B 103 41.49 26.25 124.25
N GLU B 104 40.45 25.69 123.62
CA GLU B 104 40.44 25.51 122.17
C GLU B 104 39.40 26.41 121.46
N THR B 105 39.79 26.94 120.30
CA THR B 105 38.94 27.78 119.49
C THR B 105 38.92 27.26 118.05
N MET B 106 37.74 27.15 117.45
CA MET B 106 37.62 26.49 116.16
C MET B 106 37.10 27.50 115.15
N GLN B 107 37.67 27.50 113.97
CA GLN B 107 37.23 28.41 112.94
C GLN B 107 37.13 27.67 111.62
N PRO B 108 35.93 27.70 110.99
CA PRO B 108 35.73 27.09 109.70
C PRO B 108 36.40 27.78 108.52
N LEU B 109 36.51 27.02 107.45
CA LEU B 109 37.23 27.47 106.28
C LEU B 109 37.00 26.45 105.19
N GLN B 110 37.25 26.85 103.97
CA GLN B 110 36.88 26.08 102.81
C GLN B 110 37.80 26.41 101.69
N VAL B 111 38.27 25.40 101.03
CA VAL B 111 39.14 25.58 99.92
C VAL B 111 38.39 25.26 98.68
N ALA B 112 38.58 26.05 97.64
CA ALA B 112 37.94 25.82 96.37
C ALA B 112 38.97 25.63 95.29
N LEU B 113 38.77 24.65 94.41
CA LEU B 113 39.71 24.47 93.31
C LEU B 113 39.22 25.21 92.07
N GLU B 114 40.16 25.52 91.16
CA GLU B 114 39.83 26.16 89.87
C GLU B 114 40.13 25.21 88.72
N ASP B 115 39.18 25.05 87.81
CA ASP B 115 39.31 23.97 86.85
C ASP B 115 40.59 24.22 86.02
N ILE B 116 41.33 23.15 85.71
CA ILE B 116 42.33 23.18 84.64
C ILE B 116 41.74 22.44 83.42
N ASP B 117 42.20 22.81 82.19
CA ASP B 117 41.92 22.01 81.01
C ASP B 117 42.64 20.67 81.15
N ASP B 118 42.21 19.84 82.13
CA ASP B 118 42.83 18.53 82.35
C ASP B 118 41.95 17.51 81.68
N ASN B 119 40.66 17.83 81.59
CA ASN B 119 39.69 17.02 80.89
C ASN B 119 39.68 17.43 79.41
N GLU B 120 38.71 16.85 78.68
CA GLU B 120 38.64 16.95 77.23
C GLU B 120 37.24 16.55 76.75
N PRO B 121 36.71 17.12 75.62
CA PRO B 121 35.46 16.64 75.04
C PRO B 121 35.51 15.13 74.74
N LEU B 122 34.58 14.37 75.34
CA LEU B 122 34.57 12.91 75.30
C LEU B 122 33.14 12.45 75.04
N PHE B 123 33.03 11.31 74.34
CA PHE B 123 31.73 10.76 73.98
C PHE B 123 31.42 9.59 74.90
N VAL B 124 30.15 9.25 75.00
CA VAL B 124 29.67 8.25 75.94
C VAL B 124 28.98 7.13 75.17
N ARG B 125 29.70 6.05 74.81
CA ARG B 125 29.16 5.03 73.89
C ARG B 125 28.08 4.19 74.59
N PRO B 126 27.05 3.68 73.86
CA PRO B 126 25.97 2.88 74.50
C PRO B 126 26.40 1.40 74.69
N PRO B 127 25.56 0.51 75.35
CA PRO B 127 25.92 -0.93 75.59
C PRO B 127 26.39 -1.69 74.34
N LYS B 128 27.31 -2.68 74.50
CA LYS B 128 28.03 -3.15 73.30
C LYS B 128 27.05 -3.84 72.36
N GLY B 129 26.09 -4.57 72.95
CA GLY B 129 24.91 -5.06 72.22
C GLY B 129 24.23 -3.95 71.41
N SER B 130 23.83 -2.88 72.09
CA SER B 130 23.05 -1.76 71.52
C SER B 130 23.83 -1.05 70.36
N PRO B 131 23.13 -0.27 69.48
CA PRO B 131 23.80 0.42 68.36
C PRO B 131 24.88 1.40 68.85
N GLN B 132 26.06 1.44 68.19
CA GLN B 132 27.15 2.34 68.60
C GLN B 132 27.20 3.57 67.68
N TYR B 133 26.03 4.02 67.22
CA TYR B 133 25.94 5.15 66.30
C TYR B 133 24.74 6.01 66.71
N GLN B 134 24.67 7.20 66.15
CA GLN B 134 23.54 8.06 66.40
C GLN B 134 22.69 8.13 65.13
N LEU B 135 21.37 8.13 65.32
CA LEU B 135 20.47 7.95 64.20
C LEU B 135 19.72 9.24 63.95
N LEU B 136 19.69 9.67 62.69
CA LEU B 136 18.91 10.82 62.32
C LEU B 136 18.07 10.50 61.08
N THR B 137 16.86 11.04 61.07
CA THR B 137 15.91 10.82 60.01
C THR B 137 15.61 12.16 59.33
N VAL B 138 15.58 12.11 57.98
CA VAL B 138 15.14 13.24 57.18
C VAL B 138 14.20 12.74 56.06
N PRO B 139 13.24 13.57 55.56
CA PRO B 139 12.49 13.19 54.38
C PRO B 139 13.44 13.17 53.17
N GLU B 140 13.38 12.12 52.34
CA GLU B 140 14.01 12.09 51.02
C GLU B 140 13.60 13.34 50.21
N HIS B 141 14.47 13.74 49.28
CA HIS B 141 14.20 14.91 48.46
C HIS B 141 13.72 16.06 49.36
N SER B 142 14.35 16.24 50.52
CA SER B 142 14.00 17.36 51.36
C SER B 142 14.71 18.59 50.81
N PRO B 143 14.05 19.79 50.89
CA PRO B 143 14.60 21.03 50.33
C PRO B 143 15.91 21.39 51.04
N ARG B 144 16.93 21.79 50.27
CA ARG B 144 18.22 22.16 50.85
C ARG B 144 18.06 23.07 52.08
N GLY B 145 18.74 22.71 53.15
CA GLY B 145 18.66 23.51 54.37
C GLY B 145 17.71 22.91 55.39
N THR B 146 16.92 21.90 54.95
CA THR B 146 16.02 21.21 55.86
C THR B 146 16.86 20.69 56.99
N LEU B 147 16.37 20.85 58.22
CA LEU B 147 17.08 20.35 59.39
C LEU B 147 17.00 18.83 59.44
N VAL B 148 18.13 18.15 59.36
CA VAL B 148 18.15 16.71 59.62
C VAL B 148 17.84 16.48 61.10
N GLY B 149 18.61 17.18 61.92
CA GLY B 149 18.56 17.02 63.36
C GLY B 149 19.83 17.56 64.03
N ASN B 150 19.94 17.30 65.35
CA ASN B 150 20.96 17.91 66.19
C ASN B 150 21.91 16.83 66.70
N VAL B 151 23.19 16.85 66.24
CA VAL B 151 24.17 15.91 66.77
C VAL B 151 24.40 16.23 68.25
N THR B 152 24.76 15.18 69.03
CA THR B 152 25.04 15.34 70.45
C THR B 152 25.73 14.08 71.02
N GLY B 153 26.02 14.12 72.34
CA GLY B 153 26.57 12.99 73.10
C GLY B 153 27.96 13.26 73.71
N ALA B 154 28.42 14.51 73.57
CA ALA B 154 29.78 14.84 73.94
C ALA B 154 29.76 15.70 75.17
N VAL B 155 30.83 15.57 75.97
CA VAL B 155 30.86 16.16 77.30
C VAL B 155 32.31 16.33 77.69
N ASP B 156 32.56 17.32 78.55
CA ASP B 156 33.90 17.67 79.02
C ASP B 156 33.75 18.28 80.41
N ALA B 157 34.14 17.53 81.47
CA ALA B 157 33.97 18.05 82.82
C ALA B 157 34.65 19.40 82.93
N ASP B 158 35.73 19.65 82.09
CA ASP B 158 36.43 20.94 82.11
C ASP B 158 35.34 22.03 82.22
N GLU B 159 35.35 22.84 83.31
CA GLU B 159 34.20 23.72 83.63
C GLU B 159 34.23 24.96 82.76
N GLY B 160 33.09 25.71 82.77
CA GLY B 160 32.95 26.97 82.05
C GLY B 160 33.71 26.95 80.71
N PRO B 161 34.53 27.98 80.39
CA PRO B 161 35.20 28.09 79.07
C PRO B 161 36.07 26.93 78.62
N ASN B 162 36.42 26.04 79.54
CA ASN B 162 37.13 24.84 79.14
C ASN B 162 36.17 23.74 78.66
N ALA B 163 34.84 23.98 78.78
CA ALA B 163 33.79 23.00 78.46
C ALA B 163 33.29 23.19 77.03
N ILE B 164 33.77 24.22 76.34
CA ILE B 164 33.42 24.41 74.94
C ILE B 164 33.48 23.06 74.25
N VAL B 165 32.31 22.62 73.74
CA VAL B 165 32.16 21.36 72.99
C VAL B 165 31.80 21.71 71.54
N TYR B 166 32.64 21.32 70.56
CA TYR B 166 32.41 21.76 69.17
C TYR B 166 32.42 20.53 68.26
N TYR B 167 31.41 20.43 67.37
CA TYR B 167 31.21 19.22 66.60
C TYR B 167 31.59 19.48 65.15
N PHE B 168 32.21 18.47 64.54
CA PHE B 168 32.66 18.58 63.17
C PHE B 168 32.66 17.22 62.49
N ILE B 169 32.69 17.28 61.14
CA ILE B 169 32.54 16.09 60.32
C ILE B 169 33.90 15.44 60.11
N ALA B 170 34.27 14.50 60.97
CA ALA B 170 35.53 13.79 60.83
C ALA B 170 35.71 13.26 59.40
N ALA B 171 34.78 12.39 58.94
CA ALA B 171 35.00 11.50 57.81
C ALA B 171 33.67 10.93 57.34
N GLY B 172 33.39 10.97 56.04
CA GLY B 172 32.19 10.28 55.54
C GLY B 172 31.37 11.09 54.53
N ASP B 173 31.13 12.41 54.76
CA ASP B 173 30.31 13.22 53.82
C ASP B 173 31.19 13.72 52.66
N GLU B 174 31.92 12.79 51.99
CA GLU B 174 32.81 13.16 50.90
C GLU B 174 32.03 13.94 49.85
N ASP B 175 30.78 13.50 49.59
CA ASP B 175 29.96 14.02 48.49
C ASP B 175 29.25 15.34 48.92
N LYS B 176 29.48 15.81 50.15
CA LYS B 176 29.15 17.19 50.56
C LYS B 176 27.63 17.42 50.56
N ASN B 177 26.91 16.49 51.24
CA ASN B 177 25.46 16.39 51.19
C ASN B 177 24.83 17.12 52.39
N PHE B 178 25.56 17.17 53.49
CA PHE B 178 25.02 17.80 54.68
C PHE B 178 25.98 18.87 55.16
N HIS B 179 25.44 19.77 55.96
CA HIS B 179 26.25 20.79 56.59
C HIS B 179 26.08 20.67 58.08
N LEU B 180 27.21 20.43 58.81
CA LEU B 180 27.16 20.31 60.25
C LEU B 180 27.65 21.61 60.91
N GLN B 181 26.69 22.49 61.29
CA GLN B 181 27.01 23.70 62.06
C GLN B 181 27.65 23.22 63.34
N PRO B 182 28.91 23.62 63.64
CA PRO B 182 29.55 23.19 64.84
C PRO B 182 28.64 23.13 66.07
N ASP B 183 27.60 24.04 66.18
CA ASP B 183 26.64 23.98 67.30
C ASP B 183 26.15 22.53 67.47
N GLY B 184 26.04 21.80 66.35
CA GLY B 184 25.55 20.43 66.38
C GLY B 184 24.34 20.20 65.43
N ARG B 185 23.74 21.29 64.91
CA ARG B 185 22.65 21.17 63.93
C ARG B 185 23.23 20.60 62.66
N LEU B 186 22.46 19.66 62.07
CA LEU B 186 22.74 19.10 60.77
C LEU B 186 21.68 19.57 59.79
N LEU B 187 22.12 20.20 58.70
CA LEU B 187 21.18 20.62 57.68
C LEU B 187 21.44 19.79 56.41
N VAL B 188 20.36 19.35 55.75
CA VAL B 188 20.45 18.71 54.46
C VAL B 188 20.93 19.73 53.47
N LEU B 189 21.79 19.32 52.55
CA LEU B 189 22.39 20.26 51.62
C LEU B 189 21.97 19.94 50.19
N ARG B 190 21.91 18.62 49.88
CA ARG B 190 21.58 18.14 48.55
C ARG B 190 20.22 17.40 48.58
N ASP B 191 19.68 17.21 47.39
CA ASP B 191 18.49 16.40 47.21
C ASP B 191 18.92 14.94 47.27
N LEU B 192 18.29 14.14 48.14
CA LEU B 192 18.60 12.71 48.19
C LEU B 192 17.33 11.85 47.95
N ASP B 193 17.50 10.64 47.38
CA ASP B 193 16.37 9.81 47.01
C ASP B 193 16.51 8.49 47.76
N ARG B 194 15.50 8.18 48.61
CA ARG B 194 15.50 6.95 49.41
C ARG B 194 15.87 5.77 48.51
N GLU B 195 15.32 5.76 47.32
CA GLU B 195 15.40 4.60 46.47
C GLU B 195 16.83 4.42 45.97
N THR B 196 17.53 5.56 45.65
CA THR B 196 18.89 5.52 45.13
C THR B 196 19.88 5.11 46.24
N GLU B 197 19.77 5.73 47.43
CA GLU B 197 20.53 5.33 48.63
C GLU B 197 19.79 5.86 49.86
N ALA B 198 19.62 5.02 50.94
CA ALA B 198 18.74 5.43 52.04
C ALA B 198 19.45 5.56 53.37
N THR B 199 20.60 4.87 53.54
CA THR B 199 21.45 5.07 54.71
C THR B 199 22.74 5.83 54.33
N PHE B 200 22.95 6.99 54.96
CA PHE B 200 24.23 7.64 54.97
C PHE B 200 24.85 7.52 56.37
N SER B 201 26.17 7.23 56.45
CA SER B 201 26.88 7.27 57.73
C SER B 201 28.26 7.96 57.60
N PHE B 202 28.59 8.76 58.62
CA PHE B 202 29.91 9.36 58.72
C PHE B 202 30.35 9.38 60.19
N ILE B 203 31.60 9.87 60.43
CA ILE B 203 32.16 10.01 61.77
C ILE B 203 32.24 11.50 62.15
N VAL B 204 32.04 11.81 63.44
CA VAL B 204 32.00 13.18 63.91
C VAL B 204 33.07 13.34 64.99
N LYS B 205 33.78 14.49 64.91
CA LYS B 205 34.79 14.88 65.89
C LYS B 205 34.20 15.94 66.82
N ALA B 206 34.39 15.74 68.13
CA ALA B 206 34.08 16.78 69.11
C ALA B 206 35.39 17.29 69.70
N SER B 207 35.64 18.61 69.56
CA SER B 207 36.83 19.25 70.16
C SER B 207 36.36 20.58 70.71
N SER B 208 37.29 21.34 71.29
CA SER B 208 36.98 22.71 71.68
C SER B 208 37.53 23.72 70.65
N ASN B 209 38.42 23.24 69.75
CA ASN B 209 39.04 24.13 68.76
C ASN B 209 38.06 24.39 67.62
N ARG B 210 37.39 25.58 67.61
CA ARG B 210 36.44 25.91 66.55
C ARG B 210 37.11 25.84 65.18
N SER B 211 38.45 25.93 65.16
CA SER B 211 39.14 25.92 63.86
C SER B 211 39.55 24.49 63.48
N TRP B 212 39.10 23.47 64.29
CA TRP B 212 39.49 22.05 64.10
C TRP B 212 39.37 21.66 62.63
N THR B 213 40.41 21.04 62.07
CA THR B 213 40.37 20.56 60.69
C THR B 213 40.94 19.14 60.68
N PRO B 214 40.49 18.29 59.73
CA PRO B 214 40.86 16.87 59.72
C PRO B 214 42.29 16.63 59.23
N PRO B 215 43.07 15.69 59.83
CA PRO B 215 44.42 15.38 59.35
C PRO B 215 44.47 15.20 57.81
N ARG B 216 45.44 15.84 57.12
CA ARG B 216 45.55 15.72 55.65
C ARG B 216 46.83 14.95 55.23
N GLY B 217 47.23 13.92 55.99
CA GLY B 217 48.40 13.09 55.68
C GLY B 217 48.16 11.60 55.99
N PRO B 218 48.95 10.95 56.90
CA PRO B 218 48.69 9.55 57.32
C PRO B 218 47.26 9.30 57.82
N SER B 219 46.73 10.22 58.64
CA SER B 219 45.36 10.15 59.16
C SER B 219 45.13 8.83 59.84
N PRO B 220 45.78 8.54 61.00
CA PRO B 220 45.78 7.19 61.56
C PRO B 220 44.35 6.65 61.60
N ALA B 221 44.16 5.39 61.15
CA ALA B 221 42.86 4.72 61.11
C ALA B 221 42.06 5.01 62.40
N LEU B 222 40.91 5.69 62.28
CA LEU B 222 40.26 6.35 63.43
C LEU B 222 39.42 5.36 64.22
N ASP B 223 40.03 4.46 64.99
CA ASP B 223 39.30 3.40 65.67
C ASP B 223 38.28 3.96 66.67
N LEU B 224 37.00 3.60 66.44
CA LEU B 224 35.86 4.03 67.27
C LEU B 224 35.75 3.18 68.55
N LEU B 225 36.73 2.30 68.76
CA LEU B 225 36.88 1.65 70.04
C LEU B 225 37.96 2.34 70.88
N THR B 226 38.67 3.34 70.33
CA THR B 226 39.79 3.98 71.03
C THR B 226 39.49 5.46 71.22
N ASP B 227 39.38 6.14 70.06
CA ASP B 227 39.24 7.57 69.97
C ASP B 227 37.80 7.97 70.34
N LEU B 228 37.48 8.08 71.65
CA LEU B 228 36.15 8.52 72.11
C LEU B 228 35.95 10.03 71.92
N THR B 229 36.89 10.66 71.23
CA THR B 229 36.65 11.96 70.62
C THR B 229 35.76 11.83 69.37
N LEU B 230 35.28 10.60 69.06
CA LEU B 230 34.61 10.31 67.79
C LEU B 230 33.28 9.61 68.04
N GLN B 231 32.35 9.72 67.06
CA GLN B 231 31.06 9.05 67.13
C GLN B 231 30.56 8.81 65.70
N GLU B 232 29.92 7.64 65.45
CA GLU B 232 29.30 7.36 64.15
C GLU B 232 27.88 7.93 64.09
N VAL B 233 27.62 8.72 63.03
CA VAL B 233 26.31 9.30 62.81
C VAL B 233 25.73 8.70 61.54
N ARG B 234 24.50 8.15 61.62
CA ARG B 234 23.80 7.55 60.49
C ARG B 234 22.52 8.31 60.20
N VAL B 235 22.32 8.57 58.89
CA VAL B 235 21.12 9.23 58.43
C VAL B 235 20.32 8.22 57.63
N VAL B 236 19.03 8.07 57.99
CA VAL B 236 18.10 7.30 57.19
C VAL B 236 17.01 8.20 56.64
N LEU B 237 16.72 8.08 55.31
CA LEU B 237 15.77 8.94 54.64
C LEU B 237 14.39 8.32 54.75
N GLU B 238 13.38 9.14 55.08
CA GLU B 238 12.00 8.67 55.16
C GLU B 238 11.45 8.70 53.74
N ASP B 239 10.44 7.88 53.44
CA ASP B 239 9.96 7.75 52.05
C ASP B 239 8.97 8.87 51.73
N ILE B 240 8.96 9.35 50.50
CA ILE B 240 7.88 10.19 50.03
C ILE B 240 7.35 9.52 48.78
N ASN B 241 6.07 9.75 48.48
CA ASN B 241 5.58 9.28 47.19
C ASN B 241 6.37 10.00 46.08
N ASP B 242 7.40 9.33 45.53
CA ASP B 242 8.18 9.86 44.41
C ASP B 242 8.35 8.81 43.29
N GLN B 243 7.78 7.61 43.49
CA GLN B 243 7.92 6.50 42.57
C GLN B 243 6.53 6.15 41.99
N PRO B 244 6.43 5.89 40.67
CA PRO B 244 5.19 5.46 40.05
C PRO B 244 5.02 3.96 40.02
N PRO B 245 3.79 3.41 39.98
CA PRO B 245 3.62 1.98 39.79
C PRO B 245 4.04 1.59 38.37
N ARG B 246 4.53 0.37 38.28
CA ARG B 246 5.06 -0.14 37.04
C ARG B 246 4.54 -1.58 36.90
N PHE B 247 3.81 -1.82 35.81
CA PHE B 247 3.14 -3.09 35.62
C PHE B 247 4.17 -4.16 35.36
N THR B 248 3.90 -5.40 35.77
CA THR B 248 4.78 -6.52 35.45
C THR B 248 5.02 -6.57 33.95
N LYS B 249 3.92 -6.60 33.14
CA LYS B 249 3.97 -6.83 31.70
C LYS B 249 3.29 -5.63 31.01
N ALA B 250 3.41 -5.49 29.68
CA ALA B 250 2.72 -4.36 29.03
C ALA B 250 1.58 -4.86 28.21
N GLU B 251 1.57 -6.18 27.93
CA GLU B 251 0.55 -6.78 27.13
C GLU B 251 0.18 -8.09 27.73
N TYR B 252 -0.65 -8.06 28.77
CA TYR B 252 -1.19 -9.31 29.34
C TYR B 252 -2.13 -9.99 28.32
N THR B 253 -1.89 -11.27 27.92
CA THR B 253 -2.88 -11.93 27.03
C THR B 253 -3.56 -13.09 27.76
N ALA B 254 -4.89 -13.17 27.67
CA ALA B 254 -5.57 -14.38 28.08
C ALA B 254 -6.73 -14.73 27.15
N GLY B 255 -7.38 -15.85 27.47
CA GLY B 255 -8.52 -16.28 26.69
C GLY B 255 -9.82 -16.34 27.53
N VAL B 256 -10.96 -16.22 26.82
CA VAL B 256 -12.26 -16.48 27.39
C VAL B 256 -13.06 -17.44 26.50
N ALA B 257 -13.90 -18.24 27.14
CA ALA B 257 -14.64 -19.27 26.45
C ALA B 257 -16.05 -18.77 26.21
N THR B 258 -16.55 -18.96 24.98
CA THR B 258 -17.96 -18.74 24.64
C THR B 258 -18.90 -18.95 25.83
N ASP B 259 -18.73 -20.12 26.44
CA ASP B 259 -19.42 -20.72 27.57
C ASP B 259 -19.32 -19.86 28.87
N ALA B 260 -19.10 -18.56 28.80
CA ALA B 260 -18.38 -17.82 29.85
C ALA B 260 -19.25 -17.52 31.00
N LYS B 261 -18.96 -18.10 32.16
CA LYS B 261 -19.75 -17.82 33.34
C LYS B 261 -19.56 -16.35 33.65
N VAL B 262 -20.63 -15.64 33.73
CA VAL B 262 -20.51 -14.28 34.16
C VAL B 262 -19.84 -14.26 35.50
N GLY B 263 -18.87 -13.33 35.57
CA GLY B 263 -18.04 -13.16 36.74
C GLY B 263 -16.75 -13.94 36.66
N SER B 264 -16.38 -14.44 35.47
CA SER B 264 -15.23 -15.35 35.36
C SER B 264 -13.93 -14.58 35.44
N GLU B 265 -12.98 -15.08 36.21
CA GLU B 265 -11.71 -14.41 36.35
C GLU B 265 -10.79 -14.83 35.19
N LEU B 266 -10.74 -14.02 34.12
CA LEU B 266 -9.86 -14.29 32.97
C LEU B 266 -8.34 -14.20 33.30
N ILE B 267 -7.78 -13.02 33.75
CA ILE B 267 -6.40 -13.02 34.27
C ILE B 267 -6.27 -11.97 35.30
N GLN B 268 -5.07 -11.97 35.98
CA GLN B 268 -4.77 -11.02 37.01
C GLN B 268 -3.49 -10.25 36.68
N VAL B 269 -3.55 -8.90 36.75
CA VAL B 269 -2.41 -8.03 36.47
C VAL B 269 -1.82 -7.56 37.80
N LEU B 270 -0.63 -6.92 37.73
CA LEU B 270 0.11 -6.49 38.91
C LEU B 270 1.12 -5.42 38.59
N ALA B 271 1.16 -4.42 39.43
CA ALA B 271 2.03 -3.31 39.24
C ALA B 271 2.63 -2.96 40.59
N LEU B 272 3.89 -2.50 40.57
CA LEU B 272 4.66 -2.38 41.79
C LEU B 272 5.10 -0.95 42.00
N ASP B 273 4.84 -0.42 43.21
CA ASP B 273 5.33 0.88 43.62
C ASP B 273 6.54 0.63 44.48
N ALA B 274 7.69 1.10 43.97
CA ALA B 274 8.98 1.02 44.61
C ALA B 274 8.98 1.77 45.93
N ASP B 275 8.09 2.76 46.06
CA ASP B 275 7.82 3.39 47.33
C ASP B 275 7.39 2.37 48.44
N ILE B 276 7.31 2.83 49.72
CA ILE B 276 6.94 2.00 50.87
C ILE B 276 5.70 2.60 51.51
N GLY B 277 5.07 1.84 52.39
CA GLY B 277 3.92 2.34 53.12
C GLY B 277 2.83 2.70 52.14
N ASN B 278 1.96 3.59 52.58
CA ASN B 278 0.85 4.07 51.77
C ASN B 278 1.33 4.56 50.40
N ASN B 279 2.53 5.12 50.33
CA ASN B 279 3.04 5.59 49.06
C ASN B 279 3.33 4.44 48.06
N SER B 280 3.16 3.16 48.48
CA SER B 280 3.29 2.04 47.55
C SER B 280 1.93 1.43 47.14
N LEU B 281 0.78 1.97 47.62
CA LEU B 281 -0.52 1.35 47.34
C LEU B 281 -0.94 1.65 45.94
N VAL B 282 -1.32 0.60 45.24
CA VAL B 282 -1.69 0.69 43.85
C VAL B 282 -3.11 0.21 43.70
N PHE B 283 -3.90 1.04 42.99
CA PHE B 283 -5.29 0.73 42.69
C PHE B 283 -5.51 0.69 41.17
N TYR B 284 -6.11 -0.42 40.67
CA TYR B 284 -6.16 -0.72 39.24
C TYR B 284 -7.54 -0.37 38.69
N GLY B 285 -7.66 -0.35 37.35
CA GLY B 285 -8.86 0.11 36.67
C GLY B 285 -8.76 0.07 35.11
N ILE B 286 -9.91 0.18 34.47
CA ILE B 286 -10.00 0.00 33.02
C ILE B 286 -10.30 1.35 32.38
N LEU B 287 -9.60 1.71 31.32
CA LEU B 287 -9.87 2.98 30.62
C LEU B 287 -10.75 2.70 29.40
N ALA B 288 -10.56 1.55 28.75
CA ALA B 288 -11.26 1.27 27.51
C ALA B 288 -11.47 -0.22 27.30
N ILE B 289 -12.53 -0.57 26.58
CA ILE B 289 -12.74 -1.92 26.12
C ILE B 289 -13.06 -1.85 24.66
N HIS B 290 -12.09 -2.17 23.80
CA HIS B 290 -12.40 -2.28 22.38
C HIS B 290 -12.62 -3.74 21.94
N TYR B 291 -13.64 -3.97 21.07
CA TYR B 291 -14.00 -5.31 20.56
C TYR B 291 -13.72 -5.44 19.06
N PHE B 292 -12.64 -6.11 18.75
CA PHE B 292 -12.24 -6.28 17.37
C PHE B 292 -12.90 -7.54 16.89
N ARG B 293 -14.03 -7.35 16.17
CA ARG B 293 -14.82 -8.41 15.61
C ARG B 293 -14.10 -9.09 14.45
N ALA B 294 -14.64 -10.23 13.96
CA ALA B 294 -14.06 -10.97 12.85
C ALA B 294 -13.70 -9.99 11.73
N LEU B 295 -12.44 -10.03 11.24
CA LEU B 295 -12.05 -9.27 10.08
C LEU B 295 -12.51 -7.82 10.22
N ALA B 296 -12.14 -7.14 11.33
CA ALA B 296 -12.72 -5.84 11.66
C ALA B 296 -11.75 -4.71 11.29
N ASN B 297 -10.58 -4.63 11.97
CA ASN B 297 -9.67 -3.50 11.86
C ASN B 297 -10.35 -2.25 12.44
N ASP B 298 -11.61 -2.39 12.93
CA ASP B 298 -12.39 -1.28 13.46
C ASP B 298 -12.88 -1.62 14.87
N SER B 299 -12.57 -0.73 15.82
CA SER B 299 -12.70 -1.00 17.24
C SER B 299 -14.14 -0.80 17.71
N GLU B 300 -15.08 -1.58 17.18
CA GLU B 300 -16.43 -1.62 17.73
C GLU B 300 -16.42 -1.60 19.28
N ASP B 301 -17.32 -0.83 19.90
CA ASP B 301 -17.33 -0.72 21.35
C ASP B 301 -18.63 -1.25 21.84
N VAL B 302 -18.63 -2.45 22.42
CA VAL B 302 -19.76 -2.93 23.24
C VAL B 302 -19.69 -2.33 24.61
N GLY B 303 -20.61 -2.74 25.45
CA GLY B 303 -20.61 -2.21 26.84
C GLY B 303 -19.31 -2.45 27.67
N GLN B 304 -19.30 -1.99 28.95
CA GLN B 304 -18.27 -2.43 29.89
C GLN B 304 -18.58 -3.87 30.20
N VAL B 305 -17.96 -4.80 29.45
CA VAL B 305 -18.25 -6.23 29.54
C VAL B 305 -17.25 -6.89 30.46
N PHE B 306 -16.32 -6.11 30.99
CA PHE B 306 -15.29 -6.61 31.85
C PHE B 306 -15.19 -5.72 33.09
N THR B 307 -14.62 -6.28 34.11
CA THR B 307 -14.60 -5.69 35.43
C THR B 307 -13.21 -5.83 35.94
N MET B 308 -12.62 -4.74 36.42
CA MET B 308 -11.37 -4.84 37.11
C MET B 308 -11.56 -4.42 38.52
N GLY B 309 -11.22 -5.27 39.47
CA GLY B 309 -11.33 -4.86 40.85
C GLY B 309 -10.20 -3.91 41.22
N SER B 310 -10.49 -2.92 42.11
CA SER B 310 -9.54 -1.85 42.40
C SER B 310 -8.28 -2.45 42.89
N VAL B 311 -8.43 -3.40 43.81
CA VAL B 311 -7.29 -3.95 44.47
C VAL B 311 -6.84 -5.26 43.83
N ASP B 312 -7.78 -6.18 43.53
CA ASP B 312 -7.46 -7.56 43.05
C ASP B 312 -6.80 -7.50 41.68
N GLY B 313 -7.23 -6.55 40.87
CA GLY B 313 -6.68 -6.41 39.54
C GLY B 313 -6.96 -7.64 38.70
N ILE B 314 -8.13 -8.22 38.94
CA ILE B 314 -8.55 -9.40 38.24
C ILE B 314 -9.63 -8.94 37.28
N LEU B 315 -9.38 -9.12 35.97
CA LEU B 315 -10.39 -8.91 34.96
C LEU B 315 -11.49 -9.97 35.12
N ARG B 316 -12.78 -9.53 35.19
CA ARG B 316 -13.92 -10.46 35.27
C ARG B 316 -14.94 -10.19 34.14
N THR B 317 -15.61 -11.23 33.66
CA THR B 317 -16.59 -11.09 32.62
C THR B 317 -17.77 -10.36 33.23
N ALA B 318 -18.49 -9.65 32.38
CA ALA B 318 -19.75 -9.05 32.74
C ALA B 318 -20.85 -9.40 31.75
N ASP B 319 -20.52 -10.19 30.70
CA ASP B 319 -21.47 -10.63 29.67
C ASP B 319 -21.06 -12.03 29.17
N LEU B 320 -22.06 -12.84 28.88
CA LEU B 320 -21.84 -14.06 28.14
C LEU B 320 -21.46 -13.71 26.69
N PHE B 321 -20.37 -14.33 26.16
CA PHE B 321 -19.87 -13.90 24.86
C PHE B 321 -20.35 -14.83 23.76
N MET B 322 -21.37 -15.64 24.04
CA MET B 322 -21.87 -16.57 23.04
C MET B 322 -22.11 -15.86 21.73
N ALA B 323 -22.90 -14.78 21.71
CA ALA B 323 -23.29 -14.21 20.40
C ALA B 323 -22.15 -13.40 19.81
N TYR B 324 -21.27 -12.85 20.66
CA TYR B 324 -20.08 -12.19 20.16
C TYR B 324 -19.44 -13.08 19.07
N SER B 325 -19.44 -12.54 17.82
CA SER B 325 -18.80 -13.24 16.71
C SER B 325 -17.37 -13.55 17.10
N PRO B 326 -16.79 -14.61 16.57
CA PRO B 326 -15.42 -14.91 16.85
C PRO B 326 -14.63 -13.65 16.52
N GLY B 327 -13.68 -13.36 17.44
CA GLY B 327 -12.86 -12.16 17.45
C GLY B 327 -12.22 -11.96 18.83
N TYR B 328 -11.66 -10.74 19.12
CA TYR B 328 -10.87 -10.52 20.32
C TYR B 328 -11.21 -9.17 20.92
N PHE B 329 -10.77 -8.94 22.16
CA PHE B 329 -10.94 -7.66 22.81
C PHE B 329 -9.59 -7.09 23.20
N VAL B 330 -9.48 -5.77 23.16
CA VAL B 330 -8.33 -5.11 23.78
C VAL B 330 -8.78 -4.15 24.87
N VAL B 331 -8.23 -4.38 26.06
CA VAL B 331 -8.59 -3.66 27.25
C VAL B 331 -7.38 -2.87 27.70
N ASP B 332 -7.54 -1.54 27.76
CA ASP B 332 -6.51 -0.64 28.24
C ASP B 332 -6.76 -0.45 29.74
N ILE B 333 -5.77 -0.80 30.57
CA ILE B 333 -5.92 -0.75 32.01
C ILE B 333 -4.97 0.28 32.58
N VAL B 334 -5.29 0.77 33.77
CA VAL B 334 -4.45 1.76 34.42
C VAL B 334 -4.21 1.38 35.88
N ALA B 335 -3.02 1.75 36.36
CA ALA B 335 -2.69 1.52 37.74
C ALA B 335 -2.28 2.84 38.35
N ARG B 336 -2.86 3.18 39.50
CA ARG B 336 -2.80 4.53 40.01
C ARG B 336 -2.27 4.47 41.45
N ASP B 337 -1.27 5.35 41.74
CA ASP B 337 -0.77 5.57 43.10
C ASP B 337 -1.75 6.48 43.76
N LEU B 338 -1.73 6.50 45.09
CA LEU B 338 -2.50 7.49 45.82
C LEU B 338 -2.12 8.92 45.43
N ALA B 339 -0.92 9.06 44.88
CA ALA B 339 -0.37 10.34 44.51
C ALA B 339 -0.84 10.70 43.14
N GLY B 340 -1.37 9.73 42.42
CA GLY B 340 -1.82 9.97 41.07
C GLY B 340 -0.85 9.41 40.05
N HIS B 341 0.40 9.19 40.48
CA HIS B 341 1.35 8.44 39.68
C HIS B 341 0.63 7.23 39.05
N ASN B 342 0.81 7.02 37.75
CA ASN B 342 0.08 5.97 37.07
C ASN B 342 0.93 5.28 36.01
N ASP B 343 0.52 4.04 35.67
CA ASP B 343 1.05 3.35 34.51
C ASP B 343 -0.13 2.74 33.76
N THR B 344 0.02 2.51 32.42
CA THR B 344 -1.02 1.88 31.62
C THR B 344 -0.48 0.68 30.89
N ALA B 345 -1.42 -0.18 30.48
CA ALA B 345 -1.08 -1.40 29.81
C ALA B 345 -2.30 -1.95 29.10
N ILE B 346 -2.06 -3.01 28.31
CA ILE B 346 -3.03 -3.58 27.39
C ILE B 346 -3.25 -5.05 27.83
N ILE B 347 -4.51 -5.45 27.99
CA ILE B 347 -4.85 -6.86 28.11
C ILE B 347 -5.53 -7.35 26.78
N GLY B 348 -5.04 -8.46 26.20
CA GLY B 348 -5.62 -8.97 24.99
C GLY B 348 -6.44 -10.21 25.31
N ILE B 349 -7.73 -10.02 25.56
CA ILE B 349 -8.65 -11.14 25.72
C ILE B 349 -9.07 -11.62 24.33
N TYR B 350 -8.84 -12.93 24.03
CA TYR B 350 -9.28 -13.54 22.79
C TYR B 350 -10.46 -14.48 23.10
N ILE B 351 -11.44 -14.55 22.21
CA ILE B 351 -12.49 -15.54 22.40
C ILE B 351 -11.99 -16.92 21.98
N LEU B 352 -11.93 -17.82 22.91
CA LEU B 352 -11.19 -19.02 22.65
C LEU B 352 -11.87 -19.75 21.52
N ARG B 353 -11.13 -20.11 20.46
CA ARG B 353 -11.63 -21.03 19.43
C ARG B 353 -11.61 -22.48 19.96
N ASP B 354 -12.49 -23.37 19.44
CA ASP B 354 -12.60 -24.72 20.02
C ASP B 354 -11.26 -25.44 19.78
N ASP B 355 -10.57 -25.03 18.70
CA ASP B 355 -9.26 -25.57 18.36
C ASP B 355 -8.13 -24.97 19.26
N GLN B 356 -8.46 -24.38 20.41
CA GLN B 356 -7.46 -23.88 21.36
C GLN B 356 -7.78 -24.41 22.79
N ARG B 357 -8.92 -25.08 22.91
CA ARG B 357 -9.38 -25.50 24.20
C ARG B 357 -9.22 -26.99 24.32
N VAL B 358 -8.66 -27.32 25.46
CA VAL B 358 -8.23 -28.62 25.79
C VAL B 358 -8.85 -28.98 27.09
N LYS B 359 -9.01 -30.29 27.32
CA LYS B 359 -9.61 -30.79 28.55
C LYS B 359 -8.71 -31.87 29.16
N ILE B 360 -8.68 -31.99 30.49
CA ILE B 360 -7.88 -33.02 31.18
C ILE B 360 -8.77 -33.82 32.08
N VAL B 361 -8.76 -35.17 31.95
CA VAL B 361 -9.72 -36.00 32.65
C VAL B 361 -9.11 -36.44 33.96
N ILE B 362 -9.84 -36.27 35.07
CA ILE B 362 -9.32 -36.58 36.38
C ILE B 362 -10.32 -37.46 37.11
N ASN B 363 -9.82 -38.55 37.66
CA ASN B 363 -10.62 -39.53 38.34
C ASN B 363 -10.87 -39.03 39.76
N GLU B 364 -11.63 -37.96 39.86
CA GLU B 364 -12.05 -37.44 41.16
C GLU B 364 -13.35 -36.64 40.97
N ILE B 365 -14.18 -36.61 42.00
CA ILE B 365 -15.34 -35.73 42.01
C ILE B 365 -14.96 -34.29 41.62
N PRO B 366 -15.78 -33.58 40.80
CA PRO B 366 -15.58 -32.18 40.54
C PRO B 366 -15.10 -31.42 41.73
N ASP B 367 -15.84 -31.51 42.85
CA ASP B 367 -15.49 -30.68 44.00
C ASP B 367 -14.00 -30.82 44.35
N ARG B 368 -13.51 -32.07 44.46
CA ARG B 368 -12.14 -32.30 44.87
C ARG B 368 -11.21 -31.57 43.91
N VAL B 369 -11.47 -31.69 42.58
CA VAL B 369 -10.60 -31.08 41.57
C VAL B 369 -10.50 -29.56 41.81
N ARG B 370 -11.64 -28.91 42.07
CA ARG B 370 -11.64 -27.47 42.29
C ARG B 370 -10.69 -27.17 43.45
N GLY B 371 -10.65 -28.12 44.42
CA GLY B 371 -9.79 -28.04 45.59
C GLY B 371 -8.33 -27.87 45.21
N PHE B 372 -7.85 -28.67 44.27
CA PHE B 372 -6.46 -28.59 43.93
C PHE B 372 -6.15 -27.99 42.54
N GLU B 373 -7.12 -27.36 41.84
CA GLU B 373 -6.81 -26.83 40.51
C GLU B 373 -5.58 -25.98 40.64
N GLU B 374 -5.55 -25.14 41.68
CA GLU B 374 -4.59 -24.09 41.77
C GLU B 374 -3.25 -24.69 41.55
N GLU B 375 -2.93 -25.62 42.45
CA GLU B 375 -1.64 -26.24 42.43
C GLU B 375 -1.47 -26.95 41.09
N PHE B 376 -2.33 -27.92 40.82
CA PHE B 376 -2.15 -28.80 39.66
C PHE B 376 -1.75 -27.97 38.43
N ILE B 377 -2.48 -26.89 38.20
CA ILE B 377 -2.21 -26.05 37.05
C ILE B 377 -0.79 -25.52 37.22
N ARG B 378 -0.50 -24.90 38.37
CA ARG B 378 0.80 -24.26 38.58
C ARG B 378 1.89 -25.28 38.28
N LEU B 379 1.78 -26.43 38.92
CA LEU B 379 2.82 -27.42 38.79
C LEU B 379 3.02 -27.79 37.32
N LEU B 380 1.93 -28.11 36.65
CA LEU B 380 1.96 -28.39 35.23
C LEU B 380 2.60 -27.22 34.45
N SER B 381 2.23 -25.97 34.78
CA SER B 381 2.77 -24.79 34.08
C SER B 381 4.30 -24.79 34.16
N ASN B 382 4.79 -25.00 35.38
CA ASN B 382 6.21 -25.04 35.64
C ASN B 382 6.82 -26.08 34.73
N ILE B 383 6.47 -27.32 34.98
CA ILE B 383 7.03 -28.43 34.25
C ILE B 383 6.99 -28.19 32.72
N THR B 384 5.83 -27.87 32.18
CA THR B 384 5.72 -27.66 30.76
C THR B 384 6.44 -26.36 30.35
N GLY B 385 6.51 -25.37 31.27
CA GLY B 385 7.11 -24.05 30.98
C GLY B 385 6.22 -23.16 30.09
N ALA B 386 4.93 -23.23 30.36
CA ALA B 386 3.93 -22.54 29.58
C ALA B 386 2.82 -22.18 30.53
N ILE B 387 1.84 -21.43 30.03
CA ILE B 387 0.90 -20.82 30.95
C ILE B 387 -0.41 -21.49 30.73
N VAL B 388 -0.87 -22.12 31.82
CA VAL B 388 -2.13 -22.80 31.80
C VAL B 388 -3.17 -21.93 32.50
N ASN B 389 -4.28 -21.69 31.80
CA ASN B 389 -5.37 -20.97 32.40
C ASN B 389 -6.54 -21.92 32.43
N THR B 390 -7.16 -22.04 33.62
CA THR B 390 -8.20 -23.03 33.85
C THR B 390 -9.54 -22.34 33.57
N ASP B 391 -10.41 -22.97 32.75
CA ASP B 391 -11.59 -22.29 32.18
C ASP B 391 -12.90 -22.81 32.76
N ASP B 392 -12.95 -24.13 33.06
CA ASP B 392 -14.12 -24.75 33.67
C ASP B 392 -13.76 -26.11 34.28
N VAL B 393 -14.44 -26.44 35.40
CA VAL B 393 -14.34 -27.71 36.08
C VAL B 393 -15.71 -28.33 36.08
N GLN B 394 -15.85 -29.49 35.46
CA GLN B 394 -17.18 -30.04 35.29
C GLN B 394 -17.13 -31.57 35.25
N PHE B 395 -18.30 -32.16 35.22
CA PHE B 395 -18.41 -33.58 35.19
C PHE B 395 -17.98 -34.12 33.81
N HIS B 396 -17.40 -35.35 33.78
CA HIS B 396 -16.75 -35.94 32.61
C HIS B 396 -17.80 -36.48 31.64
N VAL B 397 -17.59 -36.27 30.33
CA VAL B 397 -18.45 -36.82 29.31
C VAL B 397 -17.59 -37.63 28.30
N ASP B 398 -17.71 -38.97 28.34
CA ASP B 398 -17.01 -39.82 27.38
C ASP B 398 -17.16 -39.24 25.98
N MET B 399 -16.13 -39.36 25.14
CA MET B 399 -16.27 -39.10 23.71
C MET B 399 -17.57 -39.70 23.19
N LYS B 400 -17.92 -40.94 23.62
CA LYS B 400 -19.14 -41.64 23.16
C LYS B 400 -20.42 -40.92 23.60
N GLY B 401 -20.42 -40.34 24.79
CA GLY B 401 -21.58 -39.62 25.30
C GLY B 401 -21.85 -39.98 26.76
N ARG B 402 -21.35 -41.15 27.15
CA ARG B 402 -21.60 -41.67 28.47
C ARG B 402 -21.06 -40.64 29.51
N VAL B 403 -21.84 -40.31 30.53
CA VAL B 403 -21.49 -39.22 31.43
C VAL B 403 -21.16 -39.75 32.84
N ASN B 404 -19.95 -39.51 33.35
CA ASN B 404 -19.48 -40.18 34.57
C ASN B 404 -19.47 -39.22 35.76
N PHE B 405 -20.38 -39.38 36.72
CA PHE B 405 -20.51 -38.33 37.75
C PHE B 405 -19.49 -38.55 38.90
N ALA B 406 -18.41 -39.31 38.62
CA ALA B 406 -17.32 -39.50 39.58
C ALA B 406 -16.02 -38.96 39.03
N GLN B 407 -16.02 -38.68 37.72
CA GLN B 407 -14.86 -38.16 37.00
C GLN B 407 -15.09 -36.70 36.61
N THR B 408 -14.00 -35.98 36.37
CA THR B 408 -14.04 -34.56 36.17
C THR B 408 -13.27 -34.26 34.90
N GLU B 409 -13.74 -33.27 34.14
CA GLU B 409 -12.99 -32.68 33.04
C GLU B 409 -12.40 -31.34 33.53
N LEU B 410 -11.15 -31.09 33.20
CA LEU B 410 -10.59 -29.80 33.52
C LEU B 410 -10.26 -29.08 32.23
N LEU B 411 -11.14 -28.19 31.77
CA LEU B 411 -10.98 -27.52 30.48
C LEU B 411 -10.02 -26.36 30.62
N ILE B 412 -9.03 -26.27 29.71
CA ILE B 412 -7.93 -25.32 29.90
C ILE B 412 -7.60 -24.71 28.58
N HIS B 413 -6.67 -23.75 28.65
CA HIS B 413 -6.06 -23.19 27.46
C HIS B 413 -4.63 -22.89 27.82
N VAL B 414 -3.70 -22.89 26.81
CA VAL B 414 -2.31 -22.62 27.16
C VAL B 414 -1.69 -21.46 26.38
N VAL B 415 -0.80 -20.65 27.03
CA VAL B 415 -0.24 -19.47 26.37
C VAL B 415 1.24 -19.58 26.32
N ASN B 416 1.82 -19.48 25.11
CA ASN B 416 3.25 -19.69 24.94
C ASN B 416 3.96 -18.56 25.60
N ARG B 417 4.86 -18.87 26.56
CA ARG B 417 5.47 -17.84 27.41
C ARG B 417 6.26 -16.86 26.53
N ASP B 418 6.66 -17.40 25.40
CA ASP B 418 7.59 -16.75 24.51
C ASP B 418 6.88 -15.85 23.44
N THR B 419 5.67 -16.18 22.96
CA THR B 419 4.96 -15.35 21.99
C THR B 419 3.80 -14.57 22.61
N ASN B 420 3.48 -14.85 23.87
CA ASN B 420 2.30 -14.26 24.51
C ASN B 420 1.09 -14.42 23.60
N ARG B 421 0.93 -15.62 23.01
CA ARG B 421 -0.30 -15.95 22.30
C ARG B 421 -0.77 -17.37 22.67
N ILE B 422 -2.08 -17.58 22.64
CA ILE B 422 -2.62 -18.84 23.12
C ILE B 422 -2.32 -19.94 22.09
N LEU B 423 -2.19 -21.15 22.55
CA LEU B 423 -1.65 -22.19 21.70
C LEU B 423 -2.76 -23.09 21.16
N ASP B 424 -2.65 -23.41 19.85
CA ASP B 424 -3.52 -24.38 19.18
C ASP B 424 -3.42 -25.71 19.91
N VAL B 425 -4.56 -26.40 20.01
CA VAL B 425 -4.69 -27.67 20.73
C VAL B 425 -3.56 -28.63 20.36
N ASP B 426 -3.42 -28.91 19.05
CA ASP B 426 -2.49 -29.92 18.53
C ASP B 426 -1.12 -29.78 19.18
N ARG B 427 -0.68 -28.51 19.38
CA ARG B 427 0.61 -28.16 19.96
C ARG B 427 0.67 -28.41 21.47
N VAL B 428 -0.42 -28.09 22.20
CA VAL B 428 -0.50 -28.32 23.67
C VAL B 428 -0.38 -29.84 23.94
N ILE B 429 -1.08 -30.62 23.15
CA ILE B 429 -0.94 -32.05 23.21
C ILE B 429 0.55 -32.40 23.09
N GLN B 430 1.19 -31.97 21.96
CA GLN B 430 2.55 -32.38 21.66
C GLN B 430 3.40 -32.10 22.88
N MET B 431 3.25 -30.90 23.42
CA MET B 431 4.04 -30.49 24.56
C MET B 431 3.91 -31.56 25.66
N ILE B 432 2.70 -32.01 25.98
CA ILE B 432 2.56 -32.89 27.11
C ILE B 432 3.27 -34.22 26.79
N ASP B 433 3.08 -34.74 25.54
CA ASP B 433 3.66 -36.03 25.13
C ASP B 433 5.16 -35.96 25.33
N GLU B 434 5.76 -34.88 24.87
CA GLU B 434 7.19 -34.73 24.99
C GLU B 434 7.60 -34.79 26.46
N ASN B 435 6.79 -34.17 27.34
CA ASN B 435 7.13 -34.04 28.74
C ASN B 435 6.56 -35.22 29.54
N LYS B 436 6.19 -36.31 28.84
CA LYS B 436 5.42 -37.39 29.44
C LYS B 436 6.03 -37.78 30.79
N GLU B 437 7.33 -38.15 30.73
CA GLU B 437 8.00 -38.68 31.91
C GLU B 437 8.26 -37.56 32.89
N GLN B 438 8.47 -36.34 32.35
CA GLN B 438 8.86 -35.20 33.16
C GLN B 438 7.76 -34.97 34.22
N LEU B 439 6.54 -35.30 33.86
CA LEU B 439 5.43 -34.98 34.73
C LEU B 439 4.71 -36.25 35.12
N ARG B 440 5.03 -37.38 34.50
CA ARG B 440 4.31 -38.61 34.75
C ARG B 440 3.91 -38.63 36.23
N ASN B 441 4.85 -38.25 37.12
CA ASN B 441 4.65 -38.33 38.56
C ASN B 441 3.40 -37.59 38.94
N LEU B 442 3.47 -36.29 38.71
CA LEU B 442 2.38 -35.39 39.06
C LEU B 442 1.03 -35.93 38.57
N PHE B 443 0.96 -36.36 37.29
CA PHE B 443 -0.25 -36.94 36.70
C PHE B 443 -0.83 -38.13 37.52
N ARG B 444 -0.02 -39.16 37.83
CA ARG B 444 -0.44 -40.21 38.76
C ARG B 444 -0.95 -39.63 40.09
N ASN B 445 -0.13 -38.80 40.79
CA ASN B 445 -0.48 -38.31 42.14
C ASN B 445 -1.82 -37.57 42.16
N TYR B 446 -2.15 -36.93 41.03
CA TYR B 446 -3.42 -36.24 40.89
C TYR B 446 -4.45 -37.02 40.04
N ASN B 447 -4.22 -38.34 39.83
CA ASN B 447 -5.15 -39.26 39.12
C ASN B 447 -5.63 -38.68 37.77
N VAL B 448 -4.71 -38.17 36.95
CA VAL B 448 -5.03 -37.75 35.60
C VAL B 448 -5.19 -38.97 34.71
N LEU B 449 -6.18 -38.95 33.80
CA LEU B 449 -6.51 -40.15 33.02
C LEU B 449 -6.44 -39.86 31.54
N ASP B 450 -6.29 -38.61 31.16
CA ASP B 450 -6.16 -38.35 29.74
C ASP B 450 -6.14 -36.84 29.51
N VAL B 451 -5.54 -36.46 28.37
CA VAL B 451 -5.55 -35.10 27.93
C VAL B 451 -5.95 -35.05 26.46
N GLN B 452 -7.19 -34.57 26.23
CA GLN B 452 -7.80 -34.52 24.93
C GLN B 452 -8.35 -33.12 24.73
N PRO B 453 -8.71 -32.79 23.50
CA PRO B 453 -9.54 -31.61 23.21
C PRO B 453 -10.94 -31.55 23.83
N ALA B 454 -11.68 -30.47 23.61
CA ALA B 454 -13.12 -30.54 23.66
C ALA B 454 -13.75 -30.04 22.31
N ILE B 455 -13.06 -30.31 21.19
CA ILE B 455 -13.68 -30.16 19.87
C ILE B 455 -14.27 -31.54 19.44
N SER B 456 -15.11 -32.14 20.34
CA SER B 456 -16.04 -33.24 20.00
C SER B 456 -16.66 -33.06 18.58
N SER C 3 4.96 0.20 27.09
CA SER C 3 4.13 -0.41 26.04
C SER C 3 5.00 -0.76 24.79
N ASP C 4 5.06 -2.08 24.42
CA ASP C 4 5.82 -2.58 23.26
C ASP C 4 5.17 -2.08 21.98
N VAL C 5 6.02 -1.79 20.95
CA VAL C 5 5.52 -1.18 19.73
C VAL C 5 5.90 -2.03 18.56
N ASN C 6 5.05 -1.93 17.49
CA ASN C 6 5.16 -2.76 16.32
C ASN C 6 6.51 -2.55 15.73
N ASP C 7 7.32 -3.61 15.75
CA ASP C 7 8.73 -3.54 15.46
C ASP C 7 8.97 -4.32 14.16
N ASN C 8 8.65 -5.63 14.15
CA ASN C 8 8.92 -6.47 12.99
C ASN C 8 7.65 -6.59 12.11
N ARG C 9 7.89 -6.68 10.80
CA ARG C 9 6.87 -6.86 9.78
C ARG C 9 6.68 -8.32 9.58
N PRO C 10 5.43 -8.80 9.29
CA PRO C 10 5.19 -10.19 8.90
C PRO C 10 6.02 -10.54 7.69
N VAL C 11 6.64 -11.74 7.73
CA VAL C 11 7.51 -12.23 6.66
C VAL C 11 6.98 -13.51 6.07
N PHE C 12 7.06 -13.62 4.74
CA PHE C 12 6.32 -14.66 4.08
C PHE C 12 7.20 -15.87 3.98
N VAL C 13 6.82 -16.95 4.63
CA VAL C 13 7.59 -18.18 4.56
C VAL C 13 7.18 -18.95 3.31
N ARG C 14 5.91 -19.28 3.21
CA ARG C 14 5.41 -19.95 2.02
C ARG C 14 4.07 -19.36 1.68
N PRO C 15 3.81 -19.02 0.41
CA PRO C 15 4.54 -19.55 -0.73
C PRO C 15 5.87 -18.84 -0.99
N PRO C 16 6.81 -19.51 -1.62
CA PRO C 16 8.01 -18.84 -2.07
C PRO C 16 7.68 -17.77 -3.12
N ASN C 17 8.69 -16.98 -3.45
CA ASN C 17 8.52 -15.80 -4.31
C ASN C 17 8.12 -16.20 -5.70
N GLY C 18 6.96 -15.68 -6.15
CA GLY C 18 6.58 -15.70 -7.55
C GLY C 18 6.31 -17.14 -8.01
N THR C 19 5.47 -17.83 -7.26
CA THR C 19 5.21 -19.22 -7.52
C THR C 19 4.01 -19.33 -8.44
N ILE C 20 3.97 -20.39 -9.26
CA ILE C 20 2.86 -20.61 -10.18
C ILE C 20 2.25 -21.99 -9.93
N LEU C 21 1.43 -22.05 -8.89
CA LEU C 21 0.69 -23.26 -8.55
C LEU C 21 -0.07 -23.77 -9.75
N HIS C 22 0.03 -25.08 -10.06
CA HIS C 22 -0.76 -25.70 -11.12
C HIS C 22 -1.78 -26.65 -10.49
N ILE C 23 -3.08 -26.51 -10.89
CA ILE C 23 -4.17 -27.43 -10.50
C ILE C 23 -5.07 -27.79 -11.70
N LYS C 24 -5.88 -28.85 -11.53
CA LYS C 24 -6.70 -29.40 -12.61
C LYS C 24 -7.99 -28.63 -12.65
N GLU C 25 -8.54 -28.44 -13.85
CA GLU C 25 -9.73 -27.60 -14.02
C GLU C 25 -10.97 -28.32 -13.42
N GLU C 26 -12.06 -27.56 -13.41
CA GLU C 26 -13.40 -28.02 -13.03
C GLU C 26 -13.38 -28.80 -11.73
N ILE C 27 -12.60 -28.39 -10.74
CA ILE C 27 -12.44 -29.18 -9.53
C ILE C 27 -13.57 -28.79 -8.63
N PRO C 28 -13.79 -29.60 -7.56
CA PRO C 28 -14.91 -29.39 -6.65
C PRO C 28 -14.79 -28.02 -6.01
N LEU C 29 -15.89 -27.52 -5.47
CA LEU C 29 -15.83 -26.33 -4.66
C LEU C 29 -15.19 -26.68 -3.32
N ARG C 30 -14.65 -25.65 -2.64
CA ARG C 30 -14.07 -25.79 -1.31
C ARG C 30 -12.94 -26.82 -1.33
N SER C 31 -12.19 -26.87 -2.44
CA SER C 31 -11.14 -27.87 -2.55
C SER C 31 -9.80 -27.20 -2.26
N ASN C 32 -8.96 -27.87 -1.43
CA ASN C 32 -7.71 -27.34 -0.89
C ASN C 32 -6.73 -27.04 -2.01
N VAL C 33 -6.14 -25.81 -2.06
CA VAL C 33 -5.21 -25.41 -3.10
C VAL C 33 -3.80 -25.22 -2.55
N TYR C 34 -3.62 -24.36 -1.57
CA TYR C 34 -2.30 -24.23 -0.92
C TYR C 34 -2.44 -23.60 0.47
N GLU C 35 -1.43 -23.82 1.32
CA GLU C 35 -1.46 -23.28 2.67
C GLU C 35 -0.25 -22.37 2.79
N VAL C 36 -0.57 -21.09 3.04
CA VAL C 36 0.44 -20.06 3.22
C VAL C 36 0.84 -20.00 4.70
N TYR C 37 1.99 -19.36 4.95
CA TYR C 37 2.49 -19.17 6.29
C TYR C 37 3.35 -17.94 6.32
N ALA C 38 3.14 -17.12 7.36
CA ALA C 38 3.97 -15.95 7.58
C ALA C 38 4.39 -15.84 9.06
N THR C 39 5.51 -15.11 9.28
CA THR C 39 6.15 -15.04 10.59
C THR C 39 6.45 -13.58 10.99
N ASP C 40 5.64 -13.06 11.90
CA ASP C 40 5.95 -11.81 12.54
C ASP C 40 6.62 -12.11 13.84
N ASN C 41 7.91 -11.81 13.94
CA ASN C 41 8.71 -12.16 15.11
C ASN C 41 8.24 -11.39 16.36
N ASP C 42 7.56 -10.25 16.19
CA ASP C 42 7.00 -9.47 17.31
C ASP C 42 6.17 -10.37 18.24
N GLU C 43 6.06 -9.98 19.49
CA GLU C 43 5.42 -10.79 20.51
C GLU C 43 4.07 -10.17 20.76
N GLY C 44 3.08 -11.01 21.08
CA GLY C 44 1.73 -10.53 21.35
C GLY C 44 1.01 -10.12 20.07
N LEU C 45 0.06 -9.21 20.21
CA LEU C 45 -0.79 -8.89 19.09
C LEU C 45 0.07 -8.26 18.03
N ASN C 46 1.12 -7.58 18.45
CA ASN C 46 2.01 -6.98 17.49
C ASN C 46 2.59 -8.06 16.55
N GLY C 47 2.40 -9.33 16.88
CA GLY C 47 3.00 -10.41 16.11
C GLY C 47 2.03 -11.53 15.73
N ALA C 48 0.75 -11.26 15.74
CA ALA C 48 -0.21 -12.24 15.28
C ALA C 48 -0.56 -12.00 13.84
N VAL C 49 -0.33 -12.97 12.99
CA VAL C 49 -0.49 -12.74 11.56
C VAL C 49 -1.84 -13.30 11.06
N ARG C 50 -2.52 -12.52 10.21
CA ARG C 50 -3.80 -12.94 9.63
C ARG C 50 -3.79 -12.69 8.09
N TYR C 51 -4.38 -13.64 7.36
CA TYR C 51 -4.15 -13.78 5.94
C TYR C 51 -5.33 -13.15 5.19
N SER C 52 -5.09 -12.63 3.98
CA SER C 52 -6.09 -11.93 3.21
C SER C 52 -5.67 -11.91 1.77
N PHE C 53 -6.59 -11.59 0.88
CA PHE C 53 -6.16 -11.17 -0.47
C PHE C 53 -6.27 -9.65 -0.60
N LEU C 54 -5.94 -9.16 -1.79
CA LEU C 54 -6.09 -7.77 -2.07
C LEU C 54 -6.98 -7.59 -3.25
N LYS C 55 -8.03 -6.78 -3.02
CA LYS C 55 -9.02 -6.44 -4.01
C LYS C 55 -8.49 -5.30 -4.94
N THR C 56 -7.83 -5.72 -6.03
CA THR C 56 -7.27 -4.80 -7.00
C THR C 56 -8.36 -4.31 -7.91
N THR C 57 -8.14 -3.13 -8.55
CA THR C 57 -9.09 -2.56 -9.51
C THR C 57 -9.64 -3.64 -10.46
N GLY C 58 -8.83 -4.14 -11.44
CA GLY C 58 -9.37 -5.07 -12.46
C GLY C 58 -8.94 -6.57 -12.33
N ASN C 59 -9.18 -7.21 -11.18
CA ASN C 59 -8.73 -8.59 -10.93
C ASN C 59 -9.70 -9.17 -9.96
N ARG C 60 -10.87 -9.61 -10.45
CA ARG C 60 -11.81 -10.26 -9.56
C ARG C 60 -11.50 -11.77 -9.53
N ASP C 61 -10.32 -12.14 -10.04
CA ASP C 61 -9.71 -13.45 -9.79
C ASP C 61 -9.92 -13.98 -8.35
N TRP C 62 -9.79 -13.17 -7.31
CA TRP C 62 -10.00 -13.68 -5.94
C TRP C 62 -11.41 -14.23 -5.70
N GLU C 63 -12.37 -13.80 -6.49
CA GLU C 63 -13.73 -14.28 -6.31
C GLU C 63 -13.74 -15.81 -6.38
N TYR C 64 -12.73 -16.39 -7.00
CA TYR C 64 -12.73 -17.82 -7.30
C TYR C 64 -12.03 -18.60 -6.16
N PHE C 65 -11.56 -17.92 -5.10
CA PHE C 65 -10.89 -18.63 -4.02
C PHE C 65 -11.09 -17.95 -2.65
N THR C 66 -10.70 -18.67 -1.60
CA THR C 66 -10.93 -18.25 -0.24
C THR C 66 -9.79 -18.70 0.64
N ILE C 67 -9.30 -17.79 1.47
CA ILE C 67 -8.13 -18.06 2.26
C ILE C 67 -8.48 -17.94 3.73
N ASP C 68 -8.32 -19.01 4.50
CA ASP C 68 -8.77 -18.97 5.89
C ASP C 68 -7.91 -17.98 6.65
N PRO C 69 -8.46 -16.90 7.22
CA PRO C 69 -7.67 -15.81 7.74
C PRO C 69 -6.71 -16.17 8.84
N ILE C 70 -7.08 -17.17 9.58
CA ILE C 70 -6.16 -17.68 10.58
C ILE C 70 -5.34 -18.96 10.09
N SER C 71 -5.64 -19.61 8.90
CA SER C 71 -5.06 -20.93 8.54
C SER C 71 -4.01 -20.78 7.46
N GLY C 72 -4.44 -20.07 6.41
CA GLY C 72 -3.65 -19.83 5.23
C GLY C 72 -4.10 -20.72 4.08
N LEU C 73 -5.16 -21.51 4.29
CA LEU C 73 -5.58 -22.51 3.30
C LEU C 73 -6.37 -21.82 2.24
N ILE C 74 -5.85 -21.86 1.03
CA ILE C 74 -6.55 -21.30 -0.10
C ILE C 74 -7.43 -22.40 -0.63
N GLN C 75 -8.72 -22.10 -0.93
CA GLN C 75 -9.64 -23.11 -1.46
C GLN C 75 -10.48 -22.54 -2.56
N THR C 76 -10.93 -23.40 -3.49
CA THR C 76 -11.82 -22.98 -4.58
C THR C 76 -13.13 -22.48 -3.99
N ALA C 77 -13.75 -21.52 -4.68
CA ALA C 77 -15.06 -21.01 -4.33
C ALA C 77 -15.96 -20.85 -5.56
N GLN C 78 -15.41 -21.07 -6.76
CA GLN C 78 -16.23 -21.27 -7.95
C GLN C 78 -15.63 -22.38 -8.84
N ARG C 79 -16.42 -22.79 -9.83
CA ARG C 79 -15.95 -23.87 -10.67
C ARG C 79 -14.96 -23.22 -11.64
N LEU C 80 -13.81 -23.87 -11.78
CA LEU C 80 -12.72 -23.28 -12.50
C LEU C 80 -12.57 -23.95 -13.86
N ASP C 81 -13.13 -23.31 -14.94
CA ASP C 81 -13.05 -23.87 -16.30
C ASP C 81 -11.93 -23.22 -17.08
N ARG C 82 -10.84 -23.96 -17.29
CA ARG C 82 -9.70 -23.48 -18.08
C ARG C 82 -10.23 -22.77 -19.33
N GLU C 83 -11.20 -23.42 -20.00
CA GLU C 83 -11.77 -22.89 -21.22
C GLU C 83 -12.30 -21.48 -20.96
N LYS C 84 -12.97 -21.29 -19.80
CA LYS C 84 -13.53 -19.99 -19.42
C LYS C 84 -12.42 -18.99 -19.06
N GLN C 85 -11.56 -19.31 -18.11
CA GLN C 85 -10.42 -18.45 -17.78
C GLN C 85 -9.20 -19.30 -17.54
N ALA C 86 -8.11 -18.83 -18.11
CA ALA C 86 -6.85 -19.53 -18.16
C ALA C 86 -6.14 -19.62 -16.77
N VAL C 87 -5.54 -18.47 -16.38
CA VAL C 87 -4.68 -18.38 -15.22
C VAL C 87 -5.24 -17.25 -14.34
N TYR C 88 -5.12 -17.39 -13.01
CA TYR C 88 -5.67 -16.43 -12.07
C TYR C 88 -4.53 -15.79 -11.24
N SER C 89 -4.61 -14.44 -11.02
CA SER C 89 -3.64 -13.70 -10.20
C SER C 89 -4.19 -13.31 -8.83
N LEU C 90 -3.47 -13.72 -7.77
CA LEU C 90 -3.85 -13.32 -6.43
C LEU C 90 -2.68 -12.66 -5.74
N ILE C 91 -3.03 -11.62 -4.94
CA ILE C 91 -2.02 -10.87 -4.21
C ILE C 91 -2.25 -11.12 -2.70
N LEU C 92 -1.48 -12.02 -2.10
CA LEU C 92 -1.80 -12.51 -0.77
C LEU C 92 -1.45 -11.40 0.17
N VAL C 93 -2.01 -11.41 1.37
CA VAL C 93 -1.71 -10.37 2.33
C VAL C 93 -1.55 -10.98 3.69
N ALA C 94 -0.42 -10.72 4.31
CA ALA C 94 -0.24 -11.09 5.70
C ALA C 94 -0.04 -9.84 6.59
N SER C 95 -0.92 -9.65 7.57
CA SER C 95 -0.90 -8.44 8.37
C SER C 95 -0.89 -8.80 9.85
N ASP C 96 -0.03 -8.16 10.65
CA ASP C 96 -0.09 -8.34 12.09
C ASP C 96 -1.28 -7.60 12.66
N LEU C 97 -1.57 -7.92 13.92
CA LEU C 97 -2.52 -7.15 14.68
C LEU C 97 -1.81 -6.02 15.39
N GLY C 98 -1.44 -4.98 14.64
CA GLY C 98 -0.61 -3.90 15.17
C GLY C 98 -1.31 -3.15 16.30
N GLN C 99 -0.56 -2.94 17.41
CA GLN C 99 -1.07 -2.27 18.61
C GLN C 99 -1.10 -0.77 18.34
N PRO C 100 0.00 -0.11 17.83
CA PRO C 100 -0.13 1.24 17.23
C PRO C 100 -0.88 1.18 15.88
N VAL C 101 -0.28 0.42 14.97
CA VAL C 101 -0.84 0.27 13.64
C VAL C 101 -0.36 -1.03 13.02
N PRO C 102 -1.26 -1.76 12.33
CA PRO C 102 -0.92 -2.99 11.61
C PRO C 102 0.10 -2.77 10.53
N TYR C 103 1.03 -3.75 10.42
CA TYR C 103 2.00 -3.83 9.34
C TYR C 103 1.58 -4.94 8.33
N GLU C 104 1.83 -4.74 7.03
CA GLU C 104 1.25 -5.56 6.00
C GLU C 104 2.29 -5.96 4.98
N THR C 105 2.37 -7.26 4.67
CA THR C 105 3.31 -7.76 3.70
C THR C 105 2.53 -8.48 2.60
N MET C 106 2.80 -8.14 1.33
CA MET C 106 2.07 -8.69 0.19
C MET C 106 2.94 -9.68 -0.52
N GLN C 107 2.37 -10.82 -0.88
CA GLN C 107 3.10 -11.73 -1.74
C GLN C 107 2.24 -12.10 -2.90
N PRO C 108 2.69 -11.87 -4.14
CA PRO C 108 1.91 -12.24 -5.28
C PRO C 108 2.17 -13.70 -5.63
N LEU C 109 1.11 -14.25 -6.24
CA LEU C 109 0.99 -15.65 -6.50
C LEU C 109 -0.01 -15.87 -7.60
N GLN C 110 0.25 -16.89 -8.41
CA GLN C 110 -0.49 -17.14 -9.63
C GLN C 110 -0.91 -18.58 -9.66
N VAL C 111 -2.16 -18.81 -10.05
CA VAL C 111 -2.72 -20.16 -10.09
C VAL C 111 -3.01 -20.48 -11.55
N ALA C 112 -2.51 -21.65 -12.01
CA ALA C 112 -2.61 -22.10 -13.40
C ALA C 112 -3.46 -23.37 -13.50
N LEU C 113 -4.47 -23.33 -14.33
CA LEU C 113 -5.34 -24.47 -14.48
C LEU C 113 -4.79 -25.42 -15.56
N GLU C 114 -4.69 -26.71 -15.23
CA GLU C 114 -4.29 -27.71 -16.20
C GLU C 114 -5.54 -28.19 -16.91
N ASP C 115 -5.35 -28.68 -18.17
CA ASP C 115 -6.46 -28.98 -19.07
C ASP C 115 -6.96 -30.41 -18.83
N ILE C 116 -8.24 -30.61 -18.98
CA ILE C 116 -8.78 -31.94 -19.04
C ILE C 116 -9.72 -32.02 -20.24
N ASP C 117 -9.92 -33.24 -20.76
CA ASP C 117 -10.76 -33.44 -21.92
C ASP C 117 -12.23 -33.35 -21.49
N ASP C 118 -12.67 -32.13 -21.12
CA ASP C 118 -14.06 -31.89 -20.73
C ASP C 118 -14.87 -31.34 -21.92
N ASN C 119 -14.23 -31.22 -23.10
CA ASN C 119 -14.90 -30.73 -24.29
C ASN C 119 -14.60 -31.64 -25.48
N GLU C 120 -15.49 -31.60 -26.47
CA GLU C 120 -15.39 -32.46 -27.65
C GLU C 120 -15.43 -31.60 -28.90
N PRO C 121 -14.87 -32.07 -30.03
CA PRO C 121 -15.06 -31.42 -31.32
C PRO C 121 -16.48 -30.97 -31.60
N LEU C 122 -16.60 -29.72 -32.06
CA LEU C 122 -17.89 -29.11 -32.41
C LEU C 122 -17.67 -28.19 -33.61
N PHE C 123 -18.76 -27.95 -34.38
CA PHE C 123 -18.69 -27.19 -35.63
C PHE C 123 -19.17 -25.73 -35.41
N VAL C 124 -19.01 -24.87 -36.44
CA VAL C 124 -19.33 -23.45 -36.39
C VAL C 124 -20.36 -23.10 -37.45
N ARG C 125 -21.68 -23.15 -37.13
CA ARG C 125 -22.68 -23.09 -38.20
C ARG C 125 -22.63 -21.74 -38.89
N PRO C 126 -22.47 -21.65 -40.23
CA PRO C 126 -22.32 -20.36 -40.88
C PRO C 126 -23.57 -19.52 -40.59
N PRO C 127 -23.50 -18.17 -40.70
CA PRO C 127 -24.62 -17.29 -40.38
C PRO C 127 -25.96 -17.78 -40.96
N LYS C 128 -27.08 -17.68 -40.20
CA LYS C 128 -28.38 -18.27 -40.64
C LYS C 128 -28.74 -17.78 -42.04
N GLY C 129 -29.48 -18.61 -42.79
CA GLY C 129 -29.92 -18.25 -44.13
C GLY C 129 -28.79 -18.26 -45.16
N SER C 130 -27.62 -17.68 -44.83
CA SER C 130 -26.44 -17.88 -45.67
C SER C 130 -26.17 -19.40 -45.73
N PRO C 131 -25.77 -19.98 -46.90
CA PRO C 131 -25.69 -21.44 -47.04
C PRO C 131 -25.11 -22.12 -45.78
N GLN C 132 -25.78 -23.17 -45.25
CA GLN C 132 -25.36 -23.82 -44.00
C GLN C 132 -24.61 -25.20 -44.18
N TYR C 133 -23.67 -25.31 -45.16
CA TYR C 133 -23.11 -26.62 -45.56
C TYR C 133 -21.77 -26.45 -46.24
N GLN C 134 -20.79 -27.30 -45.91
CA GLN C 134 -19.46 -27.13 -46.49
C GLN C 134 -19.51 -27.53 -47.94
N LEU C 135 -18.82 -26.81 -48.85
CA LEU C 135 -18.92 -27.16 -50.26
C LEU C 135 -17.57 -27.45 -50.84
N LEU C 136 -17.48 -28.51 -51.65
CA LEU C 136 -16.25 -28.81 -52.37
C LEU C 136 -16.56 -29.13 -53.80
N THR C 137 -15.53 -29.06 -54.64
CA THR C 137 -15.67 -29.23 -56.08
C THR C 137 -14.57 -30.18 -56.58
N VAL C 138 -14.93 -30.99 -57.58
CA VAL C 138 -14.04 -31.95 -58.23
C VAL C 138 -14.44 -32.09 -59.69
N PRO C 139 -13.46 -32.13 -60.63
CA PRO C 139 -13.79 -32.40 -62.02
C PRO C 139 -14.67 -33.64 -62.08
N GLU C 140 -15.78 -33.59 -62.83
CA GLU C 140 -16.53 -34.78 -63.13
C GLU C 140 -15.63 -35.86 -63.79
N HIS C 141 -16.14 -37.11 -63.82
CA HIS C 141 -15.44 -38.22 -64.45
C HIS C 141 -13.95 -38.16 -64.04
N SER C 142 -13.70 -37.96 -62.76
CA SER C 142 -12.33 -37.86 -62.27
C SER C 142 -11.80 -39.25 -61.88
N PRO C 143 -10.46 -39.47 -61.92
CA PRO C 143 -9.89 -40.80 -61.66
C PRO C 143 -10.11 -41.20 -60.23
N ARG C 144 -10.22 -42.50 -59.99
CA ARG C 144 -10.29 -43.05 -58.66
C ARG C 144 -9.16 -42.47 -57.83
N GLY C 145 -9.50 -41.96 -56.67
CA GLY C 145 -8.51 -41.36 -55.79
C GLY C 145 -8.55 -39.82 -55.73
N THR C 146 -8.95 -39.13 -56.82
CA THR C 146 -8.72 -37.69 -56.89
C THR C 146 -9.16 -37.05 -55.57
N LEU C 147 -8.44 -35.99 -55.16
CA LEU C 147 -8.80 -35.28 -53.95
C LEU C 147 -9.94 -34.37 -54.28
N VAL C 148 -11.07 -34.59 -53.62
CA VAL C 148 -12.17 -33.69 -53.83
C VAL C 148 -11.76 -32.36 -53.27
N GLY C 149 -11.36 -32.48 -51.99
CA GLY C 149 -11.04 -31.35 -51.14
C GLY C 149 -10.80 -31.80 -49.70
N ASN C 150 -10.78 -30.84 -48.77
CA ASN C 150 -10.49 -31.10 -47.37
C ASN C 150 -11.65 -30.65 -46.48
N VAL C 151 -12.31 -31.62 -45.83
CA VAL C 151 -13.38 -31.33 -44.88
C VAL C 151 -12.81 -30.72 -43.62
N THR C 152 -13.46 -29.68 -43.07
CA THR C 152 -12.94 -29.06 -41.88
C THR C 152 -13.93 -28.11 -41.22
N GLY C 153 -13.45 -27.52 -40.09
CA GLY C 153 -14.20 -26.53 -39.32
C GLY C 153 -14.72 -27.10 -37.99
N ALA C 154 -13.93 -27.92 -37.35
CA ALA C 154 -14.34 -28.39 -36.06
C ALA C 154 -13.22 -28.14 -35.10
N VAL C 155 -13.55 -28.07 -33.80
CA VAL C 155 -12.61 -27.59 -32.82
C VAL C 155 -12.94 -28.11 -31.43
N ASP C 156 -11.92 -28.77 -30.83
CA ASP C 156 -11.99 -29.13 -29.43
C ASP C 156 -11.50 -27.94 -28.60
N ALA C 157 -12.42 -27.49 -27.75
CA ALA C 157 -12.19 -26.42 -26.79
C ALA C 157 -10.89 -26.62 -25.98
N ASP C 158 -10.59 -27.89 -25.60
CA ASP C 158 -9.44 -28.25 -24.77
C ASP C 158 -8.15 -28.09 -25.59
N GLU C 159 -6.96 -28.55 -25.05
CA GLU C 159 -5.65 -28.22 -25.64
C GLU C 159 -4.79 -29.47 -25.87
N GLY C 160 -3.96 -29.44 -26.97
CA GLY C 160 -2.99 -30.47 -27.31
C GLY C 160 -3.68 -31.81 -27.50
N PRO C 161 -3.15 -32.93 -26.95
CA PRO C 161 -3.84 -34.21 -26.95
C PRO C 161 -5.34 -34.20 -26.69
N ASN C 162 -5.81 -33.43 -25.73
CA ASN C 162 -7.21 -33.54 -25.34
C ASN C 162 -8.10 -32.92 -26.43
N ALA C 163 -7.48 -32.50 -27.56
CA ALA C 163 -8.19 -31.74 -28.59
C ALA C 163 -7.81 -32.16 -30.01
N ILE C 164 -7.94 -33.44 -30.33
CA ILE C 164 -7.67 -33.89 -31.68
C ILE C 164 -8.99 -34.11 -32.38
N VAL C 165 -9.01 -33.74 -33.65
CA VAL C 165 -10.22 -33.81 -34.39
C VAL C 165 -9.94 -34.60 -35.64
N TYR C 166 -10.78 -35.63 -35.82
CA TYR C 166 -10.81 -36.51 -36.99
C TYR C 166 -12.25 -36.52 -37.54
N TYR C 167 -12.39 -36.68 -38.87
CA TYR C 167 -13.69 -36.54 -39.54
C TYR C 167 -14.08 -37.90 -40.18
N PHE C 168 -15.38 -38.24 -40.10
CA PHE C 168 -15.90 -39.47 -40.68
C PHE C 168 -17.30 -39.24 -41.24
N ILE C 169 -17.68 -40.01 -42.28
CA ILE C 169 -19.01 -39.90 -42.88
C ILE C 169 -20.01 -40.73 -42.10
N ALA C 170 -21.19 -40.16 -41.79
CA ALA C 170 -22.17 -40.84 -40.93
C ALA C 170 -23.33 -41.37 -41.76
N ALA C 171 -23.83 -40.54 -42.73
CA ALA C 171 -24.69 -41.07 -43.80
C ALA C 171 -24.64 -40.22 -45.06
N GLY C 172 -24.97 -40.82 -46.22
CA GLY C 172 -25.18 -40.08 -47.46
C GLY C 172 -24.53 -40.75 -48.67
N ASP C 173 -23.35 -41.38 -48.45
CA ASP C 173 -22.59 -42.06 -49.50
C ASP C 173 -22.84 -43.54 -49.43
N GLU C 174 -24.10 -43.90 -49.22
CA GLU C 174 -24.46 -45.31 -49.22
C GLU C 174 -24.16 -45.92 -50.59
N ASP C 175 -23.99 -45.08 -51.63
CA ASP C 175 -23.54 -45.52 -52.95
C ASP C 175 -22.00 -45.72 -53.00
N LYS C 176 -21.30 -45.50 -51.88
CA LYS C 176 -19.86 -45.69 -51.78
C LYS C 176 -19.12 -45.04 -52.97
N ASN C 177 -19.35 -43.71 -53.19
CA ASN C 177 -18.65 -42.94 -54.23
C ASN C 177 -17.42 -42.26 -53.64
N PHE C 178 -17.40 -42.04 -52.33
CA PHE C 178 -16.37 -41.23 -51.74
C PHE C 178 -15.74 -41.92 -50.55
N HIS C 179 -14.48 -41.51 -50.30
CA HIS C 179 -13.69 -41.97 -49.17
C HIS C 179 -13.11 -40.79 -48.38
N LEU C 180 -13.54 -40.65 -47.09
CA LEU C 180 -13.12 -39.56 -46.21
C LEU C 180 -12.13 -40.08 -45.16
N GLN C 181 -10.86 -39.87 -45.47
CA GLN C 181 -9.79 -40.19 -44.56
C GLN C 181 -10.08 -39.47 -43.24
N PRO C 182 -9.77 -40.06 -42.09
CA PRO C 182 -9.80 -39.33 -40.83
C PRO C 182 -9.17 -37.95 -40.95
N ASP C 183 -8.26 -37.86 -41.94
CA ASP C 183 -7.38 -36.74 -42.13
C ASP C 183 -8.18 -35.49 -42.53
N GLY C 184 -9.52 -35.46 -42.30
CA GLY C 184 -10.43 -34.57 -43.07
C GLY C 184 -10.07 -34.42 -44.56
N ARG C 185 -9.89 -35.53 -45.27
CA ARG C 185 -9.44 -35.53 -46.65
C ARG C 185 -10.40 -36.42 -47.42
N LEU C 186 -10.96 -35.87 -48.48
CA LEU C 186 -11.96 -36.56 -49.26
C LEU C 186 -11.35 -37.01 -50.58
N LEU C 187 -11.66 -38.26 -50.91
CA LEU C 187 -11.23 -38.85 -52.14
C LEU C 187 -12.44 -39.39 -52.91
N VAL C 188 -12.46 -39.13 -54.24
CA VAL C 188 -13.35 -39.82 -55.18
C VAL C 188 -13.00 -41.33 -55.35
N LEU C 189 -14.03 -42.18 -55.43
CA LEU C 189 -13.83 -43.63 -55.55
C LEU C 189 -14.40 -44.22 -56.85
N ARG C 190 -15.36 -43.50 -57.46
CA ARG C 190 -16.25 -44.05 -58.47
C ARG C 190 -16.45 -43.04 -59.58
N ASP C 191 -16.59 -43.52 -60.82
CA ASP C 191 -16.83 -42.64 -61.96
C ASP C 191 -18.02 -41.76 -61.63
N LEU C 192 -17.96 -40.44 -61.91
CA LEU C 192 -19.13 -39.58 -61.69
C LEU C 192 -19.32 -38.67 -62.89
N ASP C 193 -20.60 -38.35 -63.22
CA ASP C 193 -20.93 -37.57 -64.41
C ASP C 193 -21.92 -36.50 -64.03
N ARG C 194 -21.51 -35.22 -64.19
CA ARG C 194 -22.38 -34.09 -63.88
C ARG C 194 -23.68 -34.30 -64.60
N GLU C 195 -23.57 -34.71 -65.87
CA GLU C 195 -24.73 -34.83 -66.73
C GLU C 195 -25.73 -35.83 -66.13
N THR C 196 -25.23 -36.80 -65.33
CA THR C 196 -26.12 -37.77 -64.69
C THR C 196 -26.56 -37.26 -63.31
N GLU C 197 -25.61 -37.18 -62.33
CA GLU C 197 -25.81 -36.56 -61.01
C GLU C 197 -24.78 -35.43 -60.83
N ALA C 198 -25.23 -34.23 -60.36
CA ALA C 198 -24.35 -33.06 -60.36
C ALA C 198 -24.09 -32.53 -58.95
N THR C 199 -24.71 -33.19 -57.95
CA THR C 199 -24.66 -32.71 -56.57
C THR C 199 -24.85 -33.89 -55.62
N PHE C 200 -23.88 -34.08 -54.72
CA PHE C 200 -24.01 -35.12 -53.70
C PHE C 200 -24.03 -34.45 -52.33
N SER C 201 -24.80 -35.03 -51.39
CA SER C 201 -24.82 -34.57 -50.00
C SER C 201 -24.67 -35.76 -49.06
N PHE C 202 -23.81 -35.55 -48.04
CA PHE C 202 -23.64 -36.45 -46.94
C PHE C 202 -23.36 -35.69 -45.64
N ILE C 203 -23.50 -36.42 -44.53
CA ILE C 203 -23.37 -35.86 -43.22
C ILE C 203 -22.07 -36.38 -42.62
N VAL C 204 -21.24 -35.46 -42.11
CA VAL C 204 -19.92 -35.77 -41.58
C VAL C 204 -19.91 -35.55 -40.06
N LYS C 205 -19.42 -36.57 -39.33
CA LYS C 205 -19.19 -36.49 -37.88
C LYS C 205 -17.76 -36.04 -37.64
N ALA C 206 -17.52 -35.46 -36.46
CA ALA C 206 -16.17 -35.21 -35.99
C ALA C 206 -16.03 -35.73 -34.53
N SER C 207 -14.95 -36.51 -34.26
CA SER C 207 -14.65 -37.07 -32.93
C SER C 207 -13.17 -37.28 -32.80
N SER C 208 -12.74 -37.51 -31.56
CA SER C 208 -11.33 -37.75 -31.32
C SER C 208 -11.07 -39.24 -31.41
N ASN C 209 -12.18 -40.01 -31.53
CA ASN C 209 -12.19 -41.45 -31.60
C ASN C 209 -11.90 -41.92 -33.03
N ARG C 210 -10.60 -42.19 -33.34
CA ARG C 210 -10.16 -42.57 -34.69
C ARG C 210 -11.00 -43.75 -35.19
N SER C 211 -11.43 -44.59 -34.25
CA SER C 211 -12.22 -45.75 -34.56
C SER C 211 -13.73 -45.44 -34.37
N TRP C 212 -14.25 -44.40 -35.02
CA TRP C 212 -15.64 -44.03 -34.77
C TRP C 212 -16.62 -45.00 -35.47
N THR C 213 -17.73 -45.34 -34.79
CA THR C 213 -18.71 -46.31 -35.27
C THR C 213 -19.97 -45.63 -35.81
N PRO C 214 -20.16 -45.47 -37.15
CA PRO C 214 -21.38 -44.85 -37.69
C PRO C 214 -22.58 -45.65 -37.20
N PRO C 215 -23.82 -45.13 -37.29
CA PRO C 215 -25.02 -45.86 -36.81
C PRO C 215 -25.43 -47.17 -37.54
N ALA C 221 -30.61 -42.07 -37.58
CA ALA C 221 -31.24 -40.74 -37.75
C ALA C 221 -30.77 -39.79 -36.62
N LEU C 222 -30.06 -38.71 -37.02
CA LEU C 222 -29.80 -37.58 -36.13
C LEU C 222 -30.06 -36.29 -36.87
N ASP C 223 -29.89 -35.13 -36.15
CA ASP C 223 -30.33 -33.82 -36.65
C ASP C 223 -29.14 -32.87 -36.72
N LEU C 224 -28.95 -32.27 -37.93
CA LEU C 224 -27.94 -31.23 -38.20
C LEU C 224 -28.20 -29.94 -37.39
N LEU C 225 -29.48 -29.63 -37.19
CA LEU C 225 -29.89 -28.38 -36.58
C LEU C 225 -29.54 -28.35 -35.09
N THR C 226 -29.71 -29.48 -34.37
CA THR C 226 -29.41 -29.52 -32.93
C THR C 226 -27.98 -30.01 -32.67
N ASP C 227 -27.71 -31.27 -33.03
CA ASP C 227 -26.37 -31.86 -32.88
C ASP C 227 -25.38 -31.02 -33.70
N LEU C 228 -24.30 -30.61 -33.04
CA LEU C 228 -23.34 -29.72 -33.66
C LEU C 228 -22.02 -30.47 -33.88
N THR C 229 -21.99 -31.78 -33.54
CA THR C 229 -20.85 -32.61 -33.88
C THR C 229 -20.99 -33.12 -35.32
N LEU C 230 -22.08 -32.71 -35.99
CA LEU C 230 -22.42 -33.13 -37.35
C LEU C 230 -22.41 -31.90 -38.26
N GLN C 231 -22.06 -32.08 -39.53
CA GLN C 231 -22.05 -31.00 -40.50
C GLN C 231 -22.35 -31.60 -41.87
N GLU C 232 -23.26 -30.95 -42.63
CA GLU C 232 -23.55 -31.37 -44.00
C GLU C 232 -22.40 -30.99 -44.94
N VAL C 233 -22.14 -31.82 -45.95
CA VAL C 233 -21.13 -31.53 -46.97
C VAL C 233 -21.81 -31.75 -48.31
N ARG C 234 -21.48 -30.88 -49.27
CA ARG C 234 -21.94 -31.06 -50.63
C ARG C 234 -20.77 -31.02 -51.59
N VAL C 235 -20.81 -31.97 -52.54
CA VAL C 235 -19.83 -32.01 -53.59
C VAL C 235 -20.50 -31.74 -54.91
N VAL C 236 -19.97 -30.77 -55.67
CA VAL C 236 -20.44 -30.45 -57.00
C VAL C 236 -19.33 -30.82 -58.00
N LEU C 237 -19.69 -31.02 -59.28
CA LEU C 237 -18.72 -31.57 -60.24
C LEU C 237 -18.48 -30.61 -61.40
N GLU C 238 -17.22 -30.17 -61.63
CA GLU C 238 -16.90 -29.24 -62.73
C GLU C 238 -17.08 -30.01 -64.03
N ASP C 239 -17.40 -29.30 -65.10
CA ASP C 239 -17.87 -29.96 -66.33
C ASP C 239 -16.67 -30.17 -67.26
N ILE C 240 -16.35 -31.45 -67.57
CA ILE C 240 -15.41 -31.71 -68.68
C ILE C 240 -16.11 -31.54 -70.02
N ASN C 241 -15.31 -31.28 -71.07
CA ASN C 241 -15.77 -31.48 -72.44
C ASN C 241 -15.86 -32.98 -72.71
N ASP C 242 -17.03 -33.57 -72.34
CA ASP C 242 -17.30 -34.99 -72.50
C ASP C 242 -18.58 -35.25 -73.32
N GLN C 243 -19.24 -34.19 -73.83
CA GLN C 243 -20.48 -34.34 -74.61
C GLN C 243 -20.30 -33.84 -76.05
N PRO C 244 -21.04 -34.42 -77.05
CA PRO C 244 -20.96 -33.97 -78.43
C PRO C 244 -22.10 -32.98 -78.70
N PRO C 245 -22.13 -32.29 -79.86
CA PRO C 245 -23.20 -31.32 -80.16
C PRO C 245 -24.29 -31.95 -81.05
N ARG C 246 -25.45 -32.27 -80.42
CA ARG C 246 -26.53 -32.98 -81.11
C ARG C 246 -27.30 -31.97 -82.00
N PHE C 247 -27.35 -32.20 -83.34
CA PHE C 247 -27.97 -31.29 -84.32
C PHE C 247 -29.51 -31.28 -84.20
N THR C 248 -30.16 -30.11 -84.48
CA THR C 248 -31.62 -29.98 -84.34
C THR C 248 -32.32 -31.10 -85.10
N LYS C 249 -31.94 -31.25 -86.40
CA LYS C 249 -32.37 -32.35 -87.29
C LYS C 249 -31.15 -32.89 -88.06
N ALA C 250 -31.36 -33.96 -88.85
CA ALA C 250 -30.32 -34.45 -89.75
C ALA C 250 -30.59 -33.97 -91.18
N GLU C 251 -31.81 -33.42 -91.43
CA GLU C 251 -32.22 -32.92 -92.74
C GLU C 251 -32.90 -31.54 -92.60
N TYR C 252 -32.33 -30.50 -93.29
CA TYR C 252 -32.89 -29.14 -93.30
C TYR C 252 -33.14 -28.69 -94.75
N THR C 253 -34.38 -28.19 -95.03
CA THR C 253 -34.80 -27.80 -96.39
C THR C 253 -35.26 -26.31 -96.42
N ALA C 254 -34.46 -25.48 -97.12
CA ALA C 254 -34.95 -24.22 -97.64
C ALA C 254 -34.17 -23.86 -98.92
N GLY C 255 -34.58 -22.75 -99.54
CA GLY C 255 -34.36 -22.54 -100.96
C GLY C 255 -33.97 -21.11 -101.24
N VAL C 256 -33.58 -20.85 -102.50
CA VAL C 256 -33.16 -19.53 -103.00
C VAL C 256 -33.82 -19.34 -104.37
N ALA C 257 -34.40 -18.15 -104.66
CA ALA C 257 -34.85 -17.85 -106.05
C ALA C 257 -33.68 -17.42 -106.88
N THR C 258 -33.79 -17.61 -108.20
CA THR C 258 -32.63 -17.51 -109.05
C THR C 258 -32.32 -16.01 -109.11
N ASP C 259 -33.31 -15.28 -108.63
CA ASP C 259 -33.27 -13.84 -108.42
C ASP C 259 -32.76 -13.50 -107.00
N ALA C 260 -31.46 -13.73 -106.68
CA ALA C 260 -31.00 -13.70 -105.26
C ALA C 260 -30.13 -12.49 -104.98
N LYS C 261 -30.17 -12.02 -103.75
CA LYS C 261 -29.23 -10.99 -103.33
C LYS C 261 -27.93 -11.68 -102.92
N VAL C 262 -26.92 -11.65 -103.79
CA VAL C 262 -25.65 -12.31 -103.49
C VAL C 262 -25.19 -11.84 -102.10
N GLY C 263 -24.87 -12.80 -101.20
CA GLY C 263 -24.59 -12.49 -99.80
C GLY C 263 -25.81 -12.67 -98.88
N SER C 264 -26.82 -13.44 -99.36
CA SER C 264 -28.09 -13.56 -98.65
C SER C 264 -28.13 -14.78 -97.71
N GLU C 265 -29.02 -14.71 -96.67
CA GLU C 265 -29.16 -15.70 -95.57
C GLU C 265 -30.35 -16.65 -95.84
N LEU C 266 -30.08 -17.97 -96.07
CA LEU C 266 -31.03 -18.93 -96.66
C LEU C 266 -31.77 -19.76 -95.60
N ILE C 267 -31.00 -20.24 -94.58
CA ILE C 267 -31.49 -21.16 -93.54
C ILE C 267 -30.52 -21.13 -92.33
N GLN C 268 -31.12 -21.24 -91.09
CA GLN C 268 -30.44 -21.07 -89.78
C GLN C 268 -30.26 -22.44 -89.02
N VAL C 269 -29.01 -23.03 -89.02
CA VAL C 269 -28.74 -24.35 -88.40
C VAL C 269 -28.49 -24.18 -86.91
N LEU C 270 -28.46 -25.30 -86.18
CA LEU C 270 -28.20 -25.30 -84.73
C LEU C 270 -27.66 -26.69 -84.34
N ALA C 271 -26.58 -26.68 -83.51
CA ALA C 271 -26.13 -27.88 -82.78
C ALA C 271 -25.92 -27.56 -81.29
N LEU C 272 -26.40 -28.48 -80.42
CA LEU C 272 -26.51 -28.26 -78.98
C LEU C 272 -25.63 -29.24 -78.22
N ASP C 273 -24.82 -28.71 -77.31
CA ASP C 273 -24.00 -29.52 -76.41
C ASP C 273 -24.66 -29.42 -75.01
N ALA C 274 -24.62 -30.56 -74.28
CA ALA C 274 -25.14 -30.64 -72.92
C ALA C 274 -24.12 -30.06 -71.97
N ASP C 275 -22.84 -30.03 -72.44
CA ASP C 275 -21.70 -29.40 -71.75
C ASP C 275 -22.00 -27.91 -71.52
N ILE C 276 -21.19 -27.23 -70.67
CA ILE C 276 -21.49 -25.86 -70.23
C ILE C 276 -20.25 -24.97 -70.50
N GLY C 277 -20.45 -23.63 -70.47
CA GLY C 277 -19.46 -22.65 -70.91
C GLY C 277 -18.79 -23.07 -72.22
N ASN C 278 -17.44 -23.03 -72.23
CA ASN C 278 -16.63 -23.34 -73.43
C ASN C 278 -16.81 -24.80 -73.84
N ASN C 279 -16.96 -25.71 -72.85
CA ASN C 279 -17.13 -27.12 -73.17
C ASN C 279 -18.31 -27.27 -74.13
N SER C 280 -19.29 -26.34 -74.05
CA SER C 280 -20.50 -26.35 -74.90
C SER C 280 -20.36 -25.49 -76.17
N LEU C 281 -19.29 -24.72 -76.32
CA LEU C 281 -19.18 -23.82 -77.47
C LEU C 281 -19.11 -24.66 -78.76
N VAL C 282 -19.91 -24.23 -79.77
CA VAL C 282 -20.06 -24.92 -81.04
C VAL C 282 -19.59 -24.02 -82.16
N PHE C 283 -18.73 -24.60 -83.04
CA PHE C 283 -18.28 -23.94 -84.26
C PHE C 283 -18.80 -24.71 -85.48
N TYR C 284 -19.36 -23.97 -86.46
CA TYR C 284 -19.99 -24.55 -87.64
C TYR C 284 -19.06 -24.34 -88.85
N GLY C 285 -19.21 -25.22 -89.88
CA GLY C 285 -18.33 -25.26 -91.05
C GLY C 285 -18.92 -26.05 -92.24
N ILE C 286 -18.64 -25.57 -93.46
CA ILE C 286 -19.27 -26.10 -94.68
C ILE C 286 -18.34 -27.13 -95.33
N LEU C 287 -18.91 -28.19 -95.94
CA LEU C 287 -18.10 -29.30 -96.43
C LEU C 287 -18.81 -30.06 -97.57
N VAL C 305 -19.33 -21.71 -103.62
CA VAL C 305 -20.51 -20.81 -103.89
C VAL C 305 -21.42 -20.68 -102.66
N PHE C 306 -21.01 -21.12 -101.46
CA PHE C 306 -21.87 -21.03 -100.27
C PHE C 306 -21.05 -20.80 -98.98
N THR C 307 -21.63 -20.15 -97.97
CA THR C 307 -20.90 -19.84 -96.73
C THR C 307 -21.74 -20.24 -95.53
N MET C 308 -21.14 -21.01 -94.63
CA MET C 308 -21.79 -21.35 -93.37
C MET C 308 -21.28 -20.41 -92.26
N GLY C 309 -22.20 -19.80 -91.51
CA GLY C 309 -21.80 -18.99 -90.36
C GLY C 309 -20.96 -19.82 -89.39
N SER C 310 -19.74 -19.33 -89.03
CA SER C 310 -18.83 -20.13 -88.17
C SER C 310 -19.48 -20.37 -86.83
N VAL C 311 -20.24 -19.35 -86.33
CA VAL C 311 -20.96 -19.51 -85.08
C VAL C 311 -22.46 -19.24 -85.24
N ASP C 312 -22.85 -18.21 -86.04
CA ASP C 312 -24.26 -17.82 -86.20
C ASP C 312 -25.05 -18.97 -86.85
N GLY C 313 -24.32 -19.81 -87.62
CA GLY C 313 -24.87 -20.98 -88.29
C GLY C 313 -25.86 -20.64 -89.42
N ILE C 314 -25.55 -19.61 -90.22
CA ILE C 314 -26.46 -19.11 -91.25
C ILE C 314 -25.84 -19.38 -92.64
N LEU C 315 -26.60 -20.08 -93.55
CA LEU C 315 -26.07 -20.46 -94.87
C LEU C 315 -26.18 -19.24 -95.81
N ARG C 316 -25.07 -18.93 -96.53
CA ARG C 316 -24.94 -17.68 -97.29
C ARG C 316 -24.65 -17.97 -98.77
N THR C 317 -25.26 -17.16 -99.67
CA THR C 317 -25.11 -17.29 -101.13
C THR C 317 -23.76 -16.67 -101.63
N ALA C 318 -23.19 -17.27 -102.73
CA ALA C 318 -21.99 -16.84 -103.50
C ALA C 318 -22.12 -17.28 -104.99
N VAL C 331 -25.60 -29.84 -99.31
CA VAL C 331 -24.53 -29.34 -98.36
C VAL C 331 -24.35 -30.33 -97.14
N ASP C 332 -23.07 -30.63 -96.82
CA ASP C 332 -22.73 -31.34 -95.58
C ASP C 332 -22.17 -30.36 -94.54
N ILE C 333 -22.89 -30.28 -93.40
CA ILE C 333 -22.67 -29.25 -92.39
C ILE C 333 -22.03 -29.93 -91.20
N VAL C 334 -20.93 -29.34 -90.70
CA VAL C 334 -20.15 -29.91 -89.61
C VAL C 334 -20.29 -28.98 -88.41
N ALA C 335 -20.70 -29.54 -87.25
CA ALA C 335 -20.66 -28.82 -85.98
C ALA C 335 -19.68 -29.51 -85.03
N ARG C 336 -18.64 -28.78 -84.65
CA ARG C 336 -17.51 -29.36 -83.96
C ARG C 336 -17.40 -28.67 -82.59
N ASP C 337 -17.44 -29.46 -81.50
CA ASP C 337 -17.10 -28.98 -80.17
C ASP C 337 -15.64 -28.62 -80.12
N LEU C 338 -15.25 -27.89 -79.08
CA LEU C 338 -13.85 -27.55 -78.86
C LEU C 338 -13.01 -28.82 -78.66
N ALA C 339 -13.65 -29.95 -78.34
CA ALA C 339 -12.93 -31.18 -78.01
C ALA C 339 -13.16 -32.26 -79.07
N GLY C 340 -13.64 -31.87 -80.25
CA GLY C 340 -13.65 -32.77 -81.41
C GLY C 340 -14.90 -33.65 -81.47
N HIS C 341 -15.71 -33.64 -80.41
CA HIS C 341 -17.05 -34.21 -80.47
C HIS C 341 -17.78 -33.62 -81.68
N ASN C 342 -18.25 -34.50 -82.58
CA ASN C 342 -18.81 -34.06 -83.85
C ASN C 342 -20.18 -34.72 -84.05
N ASP C 343 -21.08 -33.98 -84.72
CA ASP C 343 -22.32 -34.50 -85.32
C ASP C 343 -22.60 -33.71 -86.61
N THR C 344 -23.23 -34.35 -87.62
CA THR C 344 -23.43 -33.74 -88.92
C THR C 344 -24.88 -33.93 -89.41
N ALA C 345 -25.21 -33.20 -90.49
CA ALA C 345 -26.50 -33.28 -91.14
C ALA C 345 -26.39 -32.70 -92.57
N ILE C 346 -27.51 -32.73 -93.30
CA ILE C 346 -27.52 -32.30 -94.70
C ILE C 346 -28.48 -31.11 -94.87
N ILE C 347 -28.01 -30.07 -95.61
CA ILE C 347 -28.83 -28.93 -96.02
C ILE C 347 -29.09 -28.98 -97.55
N GLY C 348 -30.38 -29.13 -97.93
CA GLY C 348 -30.81 -29.23 -99.33
C GLY C 348 -31.38 -27.91 -99.84
N ILE C 349 -30.65 -27.33 -100.82
CA ILE C 349 -31.00 -26.03 -101.39
C ILE C 349 -31.61 -26.27 -102.75
N TYR C 350 -32.83 -25.68 -102.88
CA TYR C 350 -33.71 -25.83 -104.02
C TYR C 350 -34.03 -24.45 -104.62
N ILE C 351 -33.57 -24.19 -105.87
CA ILE C 351 -33.92 -22.97 -106.62
C ILE C 351 -35.43 -22.92 -106.70
N LEU C 352 -36.04 -21.93 -106.03
CA LEU C 352 -37.49 -21.91 -105.91
C LEU C 352 -38.05 -21.81 -107.35
N ARG C 353 -38.84 -22.80 -107.74
CA ARG C 353 -39.58 -22.71 -108.98
C ARG C 353 -40.57 -21.53 -108.84
N ASP C 354 -40.78 -20.78 -109.93
CA ASP C 354 -41.61 -19.57 -109.91
C ASP C 354 -43.00 -19.89 -109.34
N ASP C 355 -43.44 -21.15 -109.49
CA ASP C 355 -44.74 -21.60 -108.98
C ASP C 355 -44.73 -21.84 -107.45
N GLN C 356 -43.55 -21.70 -106.78
CA GLN C 356 -43.42 -22.00 -105.34
C GLN C 356 -43.31 -20.70 -104.52
N ARG C 357 -43.29 -19.53 -105.22
CA ARG C 357 -43.09 -18.21 -104.59
C ARG C 357 -44.44 -17.52 -104.37
N VAL C 358 -44.59 -16.86 -103.22
CA VAL C 358 -45.79 -16.10 -102.89
C VAL C 358 -45.38 -14.70 -102.40
N LYS C 359 -46.27 -13.70 -102.59
CA LYS C 359 -46.03 -12.32 -102.18
C LYS C 359 -47.10 -11.88 -101.18
N ILE C 360 -46.68 -11.26 -100.05
CA ILE C 360 -47.61 -10.69 -99.07
C ILE C 360 -47.64 -9.18 -99.26
N VAL C 361 -48.84 -8.64 -99.55
CA VAL C 361 -49.01 -7.21 -99.83
C VAL C 361 -49.33 -6.50 -98.50
N ILE C 362 -48.46 -5.56 -98.10
CA ILE C 362 -48.60 -4.86 -96.84
C ILE C 362 -48.66 -3.37 -97.14
N ASN C 363 -49.62 -2.68 -96.51
CA ASN C 363 -49.77 -1.26 -96.71
C ASN C 363 -48.77 -0.48 -95.86
N GLU C 364 -47.46 -0.70 -96.12
CA GLU C 364 -46.37 0.06 -95.48
C GLU C 364 -45.25 0.28 -96.52
N ILE C 365 -44.34 1.22 -96.22
CA ILE C 365 -43.16 1.45 -97.05
C ILE C 365 -42.19 0.25 -96.94
N PRO C 366 -41.20 0.04 -97.88
CA PRO C 366 -40.35 -1.16 -97.87
C PRO C 366 -39.52 -1.29 -96.60
N ASP C 367 -39.07 -0.12 -96.14
CA ASP C 367 -38.17 0.05 -95.01
C ASP C 367 -38.83 -0.46 -93.71
N ARG C 368 -40.06 -0.01 -93.44
CA ARG C 368 -40.76 -0.34 -92.20
C ARG C 368 -41.14 -1.83 -92.17
N VAL C 369 -41.44 -2.43 -93.34
CA VAL C 369 -41.68 -3.87 -93.42
C VAL C 369 -40.38 -4.62 -93.15
N ARG C 370 -39.24 -4.19 -93.76
CA ARG C 370 -37.91 -4.76 -93.47
C ARG C 370 -37.66 -4.77 -91.96
N GLY C 371 -38.24 -3.80 -91.24
CA GLY C 371 -38.01 -3.60 -89.82
C GLY C 371 -38.83 -4.55 -88.93
N PHE C 372 -39.93 -5.17 -89.46
CA PHE C 372 -40.65 -6.21 -88.72
C PHE C 372 -40.65 -7.59 -89.46
N GLU C 373 -39.82 -7.77 -90.56
CA GLU C 373 -39.98 -8.92 -91.49
C GLU C 373 -39.85 -10.23 -90.74
N GLU C 374 -38.80 -10.32 -89.92
CA GLU C 374 -38.55 -11.50 -89.11
C GLU C 374 -39.76 -11.77 -88.18
N GLU C 375 -40.24 -10.71 -87.50
CA GLU C 375 -41.29 -10.86 -86.48
C GLU C 375 -42.59 -11.39 -87.10
N PHE C 376 -43.03 -10.76 -88.18
CA PHE C 376 -44.20 -11.20 -88.92
C PHE C 376 -44.12 -12.70 -89.21
N ILE C 377 -43.01 -13.15 -89.85
CA ILE C 377 -42.88 -14.55 -90.28
C ILE C 377 -42.79 -15.48 -89.06
N ARG C 378 -42.19 -15.02 -87.95
CA ARG C 378 -42.20 -15.81 -86.70
C ARG C 378 -43.64 -16.01 -86.21
N LEU C 379 -44.36 -14.91 -85.90
CA LEU C 379 -45.74 -15.00 -85.41
C LEU C 379 -46.55 -15.90 -86.34
N LEU C 380 -46.44 -15.62 -87.65
CA LEU C 380 -47.06 -16.44 -88.68
C LEU C 380 -46.64 -17.90 -88.54
N SER C 381 -45.33 -18.18 -88.54
CA SER C 381 -44.82 -19.55 -88.48
C SER C 381 -45.40 -20.32 -87.28
N ASN C 382 -45.55 -19.62 -86.11
CA ASN C 382 -46.11 -20.23 -84.88
C ASN C 382 -47.58 -20.59 -85.11
N ILE C 383 -48.36 -19.57 -85.54
CA ILE C 383 -49.78 -19.71 -85.83
C ILE C 383 -49.96 -20.75 -86.96
N THR C 384 -49.13 -20.70 -88.02
CA THR C 384 -49.30 -21.56 -89.19
C THR C 384 -48.57 -22.89 -89.07
N GLY C 385 -47.76 -23.05 -88.00
CA GLY C 385 -46.92 -24.24 -87.85
C GLY C 385 -46.24 -24.65 -89.17
N ALA C 386 -45.75 -23.66 -89.92
CA ALA C 386 -44.98 -23.91 -91.13
C ALA C 386 -43.80 -22.90 -91.18
N ILE C 387 -42.84 -23.19 -92.08
CA ILE C 387 -41.58 -22.47 -92.12
C ILE C 387 -41.69 -21.45 -93.23
N VAL C 388 -41.78 -20.19 -92.85
CA VAL C 388 -41.76 -19.10 -93.82
C VAL C 388 -40.38 -18.44 -93.78
N ASN C 389 -39.80 -18.20 -94.98
CA ASN C 389 -38.46 -17.63 -95.10
C ASN C 389 -38.55 -16.41 -96.01
N THR C 390 -38.19 -15.22 -95.51
CA THR C 390 -38.23 -13.98 -96.29
C THR C 390 -37.19 -14.04 -97.45
N ASP C 391 -37.67 -13.88 -98.70
CA ASP C 391 -36.82 -13.96 -99.91
C ASP C 391 -36.32 -12.59 -100.35
N ASP C 392 -37.20 -11.53 -100.29
CA ASP C 392 -36.80 -10.12 -100.47
C ASP C 392 -37.98 -9.22 -100.06
N VAL C 393 -37.69 -7.90 -99.82
CA VAL C 393 -38.71 -6.87 -99.54
C VAL C 393 -38.52 -5.65 -100.46
N GLN C 394 -39.42 -5.49 -101.47
CA GLN C 394 -39.29 -4.49 -102.53
C GLN C 394 -40.62 -3.75 -102.57
N PHE C 395 -40.66 -2.68 -103.34
CA PHE C 395 -41.91 -1.95 -103.54
C PHE C 395 -42.91 -2.88 -104.23
N HIS C 396 -44.20 -2.77 -103.83
CA HIS C 396 -45.27 -3.64 -104.35
C HIS C 396 -45.44 -3.43 -105.86
N VAL C 397 -45.49 -4.52 -106.64
CA VAL C 397 -45.74 -4.49 -108.10
C VAL C 397 -47.07 -5.24 -108.38
N ASP C 398 -47.95 -4.64 -109.24
CA ASP C 398 -49.21 -5.28 -109.67
C ASP C 398 -49.53 -4.84 -111.11
N MET C 399 -50.64 -5.37 -111.66
CA MET C 399 -51.08 -5.00 -113.00
C MET C 399 -49.87 -4.97 -113.95
N LYS C 400 -48.97 -5.94 -113.78
CA LYS C 400 -47.80 -6.08 -114.64
C LYS C 400 -47.14 -4.71 -114.89
N GLY C 401 -46.75 -4.00 -113.81
CA GLY C 401 -46.06 -2.71 -113.96
C GLY C 401 -46.40 -1.74 -112.82
N ARG C 402 -47.69 -1.70 -112.43
CA ARG C 402 -48.20 -0.73 -111.43
C ARG C 402 -47.46 -0.94 -110.09
N VAL C 403 -46.77 0.14 -109.62
CA VAL C 403 -45.93 0.12 -108.41
C VAL C 403 -46.45 1.14 -107.37
N ASN C 404 -47.22 0.66 -106.36
CA ASN C 404 -47.74 1.50 -105.26
C ASN C 404 -46.67 1.64 -104.17
N PHE C 405 -45.94 2.78 -104.16
CA PHE C 405 -44.83 2.97 -103.22
C PHE C 405 -45.33 3.09 -101.74
N ALA C 406 -46.64 3.39 -101.51
CA ALA C 406 -47.25 3.33 -100.16
C ALA C 406 -47.40 1.88 -99.69
N GLN C 407 -47.37 0.92 -100.63
CA GLN C 407 -47.48 -0.51 -100.29
C GLN C 407 -46.13 -1.20 -100.54
N THR C 408 -45.94 -2.40 -99.96
CA THR C 408 -44.71 -3.15 -100.12
C THR C 408 -45.04 -4.63 -100.26
N GLU C 409 -44.29 -5.31 -101.14
CA GLU C 409 -44.47 -6.73 -101.40
C GLU C 409 -43.46 -7.50 -100.59
N LEU C 410 -43.94 -8.43 -99.74
CA LEU C 410 -43.04 -9.33 -99.02
C LEU C 410 -42.99 -10.70 -99.73
N LEU C 411 -41.84 -10.98 -100.38
CA LEU C 411 -41.62 -12.24 -101.10
C LEU C 411 -41.12 -13.30 -100.12
N ILE C 412 -41.76 -14.49 -100.11
CA ILE C 412 -41.47 -15.54 -99.13
C ILE C 412 -41.65 -16.90 -99.79
N HIS C 413 -40.97 -17.94 -99.25
CA HIS C 413 -41.21 -19.33 -99.64
C HIS C 413 -41.47 -20.12 -98.36
N VAL C 414 -42.46 -21.03 -98.38
CA VAL C 414 -42.85 -21.77 -97.18
C VAL C 414 -42.42 -23.25 -97.28
N VAL C 415 -42.09 -23.88 -96.12
CA VAL C 415 -41.69 -25.29 -96.04
C VAL C 415 -42.46 -25.95 -94.89
N ASN C 416 -43.20 -27.02 -95.17
CA ASN C 416 -43.83 -27.77 -94.09
C ASN C 416 -42.74 -28.52 -93.32
N ARG C 417 -42.71 -28.35 -91.99
CA ARG C 417 -41.65 -28.94 -91.15
C ARG C 417 -41.63 -30.44 -91.40
N ASP C 418 -42.83 -31.05 -91.39
CA ASP C 418 -43.00 -32.49 -91.54
C ASP C 418 -42.47 -32.95 -92.89
N THR C 419 -42.98 -32.36 -93.97
CA THR C 419 -42.62 -32.77 -95.32
C THR C 419 -41.13 -32.46 -95.55
N ASN C 420 -40.61 -31.45 -94.85
CA ASN C 420 -39.30 -30.88 -95.13
C ASN C 420 -39.14 -30.78 -96.65
N ARG C 421 -40.14 -30.17 -97.29
CA ARG C 421 -40.14 -29.93 -98.74
C ARG C 421 -40.80 -28.56 -99.02
N ILE C 422 -40.26 -27.82 -100.03
CA ILE C 422 -40.77 -26.48 -100.39
C ILE C 422 -42.24 -26.64 -100.78
N LEU C 423 -43.08 -25.62 -100.47
CA LEU C 423 -44.53 -25.66 -100.72
C LEU C 423 -44.89 -25.07 -102.09
N ASP C 424 -46.18 -25.21 -102.42
CA ASP C 424 -46.74 -24.71 -103.64
C ASP C 424 -47.93 -23.83 -103.26
N VAL C 425 -48.11 -22.79 -104.06
CA VAL C 425 -49.00 -21.67 -103.79
C VAL C 425 -50.42 -22.17 -103.51
N ASP C 426 -50.88 -23.11 -104.32
CA ASP C 426 -52.18 -23.72 -104.14
C ASP C 426 -52.45 -23.97 -102.64
N ARG C 427 -51.52 -24.68 -101.96
CA ARG C 427 -51.75 -25.13 -100.59
C ARG C 427 -51.43 -23.96 -99.65
N VAL C 428 -50.45 -23.12 -100.05
CA VAL C 428 -50.07 -21.91 -99.31
C VAL C 428 -51.31 -21.00 -99.09
N ILE C 429 -52.06 -20.70 -100.16
CA ILE C 429 -53.14 -19.74 -100.02
C ILE C 429 -54.27 -20.38 -99.22
N GLN C 430 -54.57 -21.63 -99.56
CA GLN C 430 -55.54 -22.41 -98.81
C GLN C 430 -55.24 -22.27 -97.32
N MET C 431 -53.98 -22.54 -96.95
CA MET C 431 -53.54 -22.45 -95.57
C MET C 431 -53.91 -21.07 -94.98
N ILE C 432 -53.45 -20.00 -95.64
CA ILE C 432 -53.63 -18.64 -95.12
C ILE C 432 -55.07 -18.48 -94.71
N ASP C 433 -55.92 -18.79 -95.66
CA ASP C 433 -57.34 -18.60 -95.55
C ASP C 433 -57.90 -19.59 -94.51
N GLU C 434 -57.34 -20.83 -94.48
CA GLU C 434 -57.72 -21.86 -93.49
C GLU C 434 -57.45 -21.36 -92.07
N ASN C 435 -56.34 -20.64 -91.88
CA ASN C 435 -55.97 -20.22 -90.54
C ASN C 435 -56.49 -18.83 -90.27
N LYS C 436 -57.32 -18.30 -91.20
CA LYS C 436 -57.93 -17.00 -91.03
C LYS C 436 -58.85 -17.14 -89.86
N GLU C 437 -58.25 -17.39 -88.69
CA GLU C 437 -58.93 -17.27 -87.43
C GLU C 437 -58.29 -16.12 -86.67
N GLN C 438 -57.35 -16.47 -85.80
CA GLN C 438 -56.48 -15.51 -85.15
C GLN C 438 -55.77 -14.64 -86.19
N LEU C 439 -55.35 -15.24 -87.31
CA LEU C 439 -54.68 -14.50 -88.37
C LEU C 439 -55.32 -13.12 -88.57
N ARG C 440 -56.65 -13.03 -88.49
CA ARG C 440 -57.36 -11.77 -88.70
C ARG C 440 -56.69 -10.64 -87.88
N ASN C 441 -56.57 -10.80 -86.53
CA ASN C 441 -56.02 -9.74 -85.68
C ASN C 441 -54.60 -9.37 -86.15
N LEU C 442 -53.71 -10.37 -86.31
CA LEU C 442 -52.32 -10.12 -86.71
C LEU C 442 -52.28 -9.36 -88.04
N PHE C 443 -53.02 -9.88 -89.04
CA PHE C 443 -53.01 -9.31 -90.39
C PHE C 443 -53.36 -7.81 -90.32
N ARG C 444 -54.41 -7.47 -89.57
CA ARG C 444 -54.83 -6.07 -89.42
C ARG C 444 -53.77 -5.26 -88.63
N ASN C 445 -53.20 -5.84 -87.56
CA ASN C 445 -52.19 -5.15 -86.75
C ASN C 445 -50.96 -4.78 -87.59
N TYR C 446 -50.66 -5.61 -88.60
CA TYR C 446 -49.51 -5.37 -89.49
C TYR C 446 -49.99 -4.88 -90.86
N ASN C 447 -51.23 -4.34 -90.90
CA ASN C 447 -51.87 -3.82 -92.11
C ASN C 447 -51.58 -4.68 -93.32
N VAL C 448 -51.85 -5.99 -93.21
CA VAL C 448 -51.66 -6.91 -94.33
C VAL C 448 -52.81 -6.70 -95.32
N LEU C 449 -52.50 -6.04 -96.45
CA LEU C 449 -53.50 -5.74 -97.45
C LEU C 449 -54.00 -7.03 -98.09
N ASP C 450 -53.09 -7.90 -98.57
CA ASP C 450 -53.49 -9.10 -99.30
C ASP C 450 -52.34 -10.10 -99.44
N VAL C 451 -52.66 -11.41 -99.40
CA VAL C 451 -51.68 -12.46 -99.68
C VAL C 451 -52.04 -13.12 -101.00
N GLN C 452 -51.10 -13.14 -101.95
CA GLN C 452 -51.38 -13.54 -103.32
C GLN C 452 -50.13 -14.14 -103.97
N PRO C 453 -50.24 -14.80 -105.15
CA PRO C 453 -49.07 -15.37 -105.84
C PRO C 453 -48.06 -14.34 -106.39
N ALA C 454 -46.84 -14.80 -106.69
CA ALA C 454 -45.89 -14.04 -107.49
C ALA C 454 -46.13 -14.34 -108.97
N ILE C 455 -45.13 -14.03 -109.83
CA ILE C 455 -45.21 -14.27 -111.27
C ILE C 455 -46.67 -14.56 -111.68
CA CA D . 21.46 -12.44 -26.81
CA CA E . 24.82 -11.26 -27.69
CA CA F . 35.76 -30.07 -64.13
CA CA G . 18.43 -11.35 -20.98
CA CA H . -6.86 18.26 -0.74
CA CA I . -11.77 23.13 0.49
CA CA J . 38.50 20.92 77.71
CA CA K . 41.85 17.15 86.88
CA CA L . 39.34 19.97 85.12
CA CA M . 9.92 7.53 47.76
CA CA N . 4.55 5.55 44.67
CA CA O . 44.87 30.98 127.20
CA CA P . 4.58 -7.11 13.74
CA CA Q . -11.70 -33.09 -26.24
CA CA R . -10.58 -28.45 -21.02
CA CA S . -13.39 -27.23 -18.61
CA CA T . -19.63 -32.36 -69.45
CA CA U . -18.00 -30.07 -76.31
#